data_9D1K
#
_entry.id   9D1K
#
_cell.length_a   87.517
_cell.length_b   108.119
_cell.length_c   115.623
_cell.angle_alpha   90.00
_cell.angle_beta   101.38
_cell.angle_gamma   90.00
#
_symmetry.space_group_name_H-M   'P 1 21 1'
#
loop_
_entity.id
_entity.type
_entity.pdbx_description
1 polymer 'Carboxylic ester hydrolase'
2 polymer 'Carboxylic ester hydrolase'
3 polymer 'Carboxylic ester hydrolase'
4 polymer 'Carboxylic ester hydrolase'
5 non-polymer GLYCEROL
6 non-polymer DI(HYDROXYETHYL)ETHER
7 non-polymer 1,2-ETHANEDIOL
8 non-polymer 3,6,9,12,15,18-HEXAOXAICOSANE-1,20-DIOL
9 non-polymer 'PHOSPHATE ION'
10 non-polymer 3,6,9,12,15,18,21,24,27-NONAOXANONACOSANE-1,29-DIOL
11 non-polymer 'HEXAETHYLENE GLYCOL'
12 non-polymer 'TRIETHYLENE GLYCOL'
13 non-polymer 'TETRAETHYLENE GLYCOL'
14 water water
#
loop_
_entity_poly.entity_id
_entity_poly.type
_entity_poly.pdbx_seq_one_letter_code
_entity_poly.pdbx_strand_id
1 'polypeptide(L)'
;MANSELIVSTGYGPVQGTARTSLYGTGYVSFQGIPYAKPPVGELRFKDPTPPENWTQVLDCTEQCDPCFHFDRRVNKIVG
SEDSLRLNIFSKTIKPTKPLPVMVYIYGGGFVEGTSGTELYGPDYLIEKDIVLVTLNYRVGALGFLCCQSPTAGVPGNAG
LKDQRLALRWVRDNIASFGGDPSAITLFGHSAGGASVQYHTIADAS(MLY)NLFQRAIIMSGSTMCSWALTPQRNWPEKL
AKAIGWQGEGDEEAALQYLRQASPESIVDHQEKLFGPQEIQEGLLSPFAPTIEPYESEVCFIPRSPFEMSRTAWGNSIDI
MIGGTSEEGLILLPKVKPQLPSMLQDPRLFVGNVPFHLKLSLEQRMAFGEQLKQLYYPDSNPSIDNLDGFVNMASDRIFW
HDLHRTILARANYACTAKTFVYRFCVDSPFFNHYRIHMVDPNARGTSHADEISYLFSNIFAKPLDKSTLEYRAIQHLVDI
FTSFATNSDPNCDSTASLSWTAVPKTAPPYNCLNISNDGVEVVELPESRRLQLWDSFYVNDALF
;
A
2 'polypeptide(L)'
;MANSELIVSTGYGPVQGTARTSLYGTGYVSFQGIPYAKPPVGELRFKDPTPPENWTQVLDCTEQCDPCFHFDRRVN
(MLZ)IVGSEDSLRLNIFSKTIKPTKPLPVMVYIYGGGFVEGTSGTELYGPDYLIEKDIVLVTLNYRVGALGFLCCQSPT
AGVPGNAGLKDQRLALRWVRDNIASFGGDPSAITLFGHSAGGASVQYHTIADAS(MLY)NLFQRAIIMSGSTMCSWALTP
QRNWPEKLAKAIGWQGEGDEEAALQYLRQASPESIVDHQE(MLZ)LFGPQEIQEGLLSPFAPTIEPYESEVCFIPRSPFE
MSRTAWGNSIDIMIGGTSEEGLILLPKVKPQLPSMLQDPRLFVGNVPFHLKLSLEQRMAFGEQLKQLYYPDSNPSIDNLD
GFVNMASDRIFWHDLHRTILARANYACTAKTFVYRFCVDSPFFNHYRIHMVDPNARGTSHADEISYLFSNIFAKPLDKST
LEYRAIQHLVDIFTSFATNSDPNCDSTASLSWTAVPKTAPPYNCLNISNDGVEVVELPESRRLQLWDSFYVNDALF
;
B
3 'polypeptide(L)'
;MANSELIVSTGYGPVQGTARTSLYGTGYVSFQGIPYAKPPVGELRFKDPTPPENWTQVLDCTEQCDPCFHFDRRVNKIVG
SEDSLRLNIFSKTIKPTKPLPVMVYIYGGGFVEGTSGTELYGPDYLIEKDIVLVTLNYRVGALGFLCCQSPTAGVPGNAG
LKDQRLALRWVRDNIASFGGDPSAITLFGHSAGGASVQYHTIADAS(MLZ)NLFQRAIIMSGSTMCSWALTPQRNWPEKL
AKAIGWQGEGDEEAALQYLRQASPESIVDHQE(MLY)LFGPQEIQEGLLSPFAPTIEPYESEVCFIPRSPFEMSRTAWGN
SIDIMIGGTSEEGLILLPKVKPQLPSMLQDPRLFVGNVPFHLKLSLEQRMAFGEQLKQLYYPDSNPSIDNLDGFVNMASD
RIFWHDLHRTILARANYACTAKTFVYRFCVDSPFFNHYRIHMVDPNARGTSHADEISYLFSNIFAKPLDKSTLEYRAIQH
LVDIFTSFATNSDPNCDSTASLSWTAVPKTAPPYNCLNISNDGVEVVELPESRRLQLWDSFYVNDALF
;
C
4 'polypeptide(L)'
;MANSELIVSTGYGPVQGTARTSLYGTGYVSFQGIPYAKPPVGELRF(MLZ)DPTPPENWTQVLDCTEQCDPCFHFDRRVN
KIVGSEDSLRLNIFSKTIKPTKPLPVMVYIYGGGFVEGTSGTELYGPDYLIEKDIVLVTLNYRVGALGFLCCQSPTAGVP
GNAGLKDQRLALRWVRDNIASFGGDPSAITLFGHSAGGASVQYHTIADAS(MLY)NLFQRAIIMSGSTMCSWALTPQRNW
PEKLAKAIGWQGEGDEEAALQYLRQASPESIVDHQEKLFGPQEIQEGLLSPFAPTIEPYESEVCFIPRSPFEMSRTAWGN
SIDIMIGGTSEEGLILLPKVKPQLPSMLQDPRLFVGNVPFHLKLSLEQRMAFGEQLKQLYYPDSNPSIDNLDGFVNMASD
RIFWHDLHRTILARANYACTAKTFVYRFCVDSPFFNHYRIHMVDPNARGTSHADEISYLFSNIFAKPLDKSTLEYRAIQH
LVDIFTSFATNSDPNCDSTASLSWTAVP(MLZ)TAPPYNCLNISNDGVEVVELPESRRLQLWDSFYVNDALF
;
D
#
# COMPACT_ATOMS: atom_id res chain seq x y z
N ASN A 3 49.17 -24.34 -34.17
CA ASN A 3 48.19 -24.08 -35.21
C ASN A 3 46.97 -24.98 -35.07
N SER A 4 47.20 -26.30 -35.11
CA SER A 4 46.10 -27.25 -34.97
C SER A 4 45.30 -27.01 -33.69
N GLU A 5 45.97 -26.56 -32.61
CA GLU A 5 45.24 -26.14 -31.42
C GLU A 5 44.30 -24.98 -31.69
N LEU A 6 44.56 -24.22 -32.76
CA LEU A 6 43.79 -23.03 -33.10
C LEU A 6 42.83 -23.26 -34.27
N ILE A 7 42.51 -24.52 -34.57
CA ILE A 7 41.40 -24.83 -35.47
C ILE A 7 40.18 -25.05 -34.61
N VAL A 8 39.10 -24.34 -34.89
CA VAL A 8 37.87 -24.42 -34.11
C VAL A 8 36.77 -24.89 -35.04
N SER A 9 36.04 -25.92 -34.62
CA SER A 9 34.91 -26.41 -35.38
C SER A 9 33.68 -25.59 -35.00
N THR A 10 33.04 -24.99 -36.01
CA THR A 10 31.79 -24.26 -35.86
C THR A 10 30.66 -24.95 -36.59
N GLY A 11 29.44 -24.46 -36.38
CA GLY A 11 28.29 -25.03 -37.09
C GLY A 11 28.35 -24.85 -38.59
N TYR A 12 29.15 -23.90 -39.08
CA TYR A 12 29.36 -23.67 -40.50
C TYR A 12 30.58 -24.39 -41.06
N GLY A 13 31.44 -24.94 -40.19
CA GLY A 13 32.67 -25.56 -40.62
C GLY A 13 33.84 -25.13 -39.75
N PRO A 14 35.02 -25.67 -40.02
CA PRO A 14 36.20 -25.29 -39.24
C PRO A 14 36.85 -24.00 -39.74
N VAL A 15 37.47 -23.30 -38.79
CA VAL A 15 38.21 -22.07 -39.08
C VAL A 15 39.54 -22.13 -38.34
N GLN A 16 40.55 -21.50 -38.94
CA GLN A 16 41.91 -21.55 -38.43
C GLN A 16 42.33 -20.15 -37.97
N GLY A 17 42.73 -20.04 -36.71
CA GLY A 17 43.19 -18.78 -36.14
C GLY A 17 44.72 -18.70 -36.05
N THR A 18 45.19 -17.58 -35.48
CA THR A 18 46.62 -17.32 -35.29
C THR A 18 46.91 -16.98 -33.83
N ALA A 19 48.12 -17.30 -33.40
CA ALA A 19 48.62 -16.79 -32.13
C ALA A 19 49.23 -15.41 -32.36
N ARG A 20 49.00 -14.49 -31.42
CA ARG A 20 49.46 -13.12 -31.54
C ARG A 20 50.10 -12.69 -30.23
N THR A 21 50.87 -11.60 -30.30
CA THR A 21 51.46 -10.96 -29.13
C THR A 21 51.01 -9.50 -29.09
N SER A 22 50.50 -9.08 -27.94
CA SER A 22 50.03 -7.71 -27.77
C SER A 22 51.21 -6.74 -27.70
N LEU A 23 50.89 -5.43 -27.69
CA LEU A 23 51.92 -4.40 -27.51
C LEU A 23 52.64 -4.55 -26.19
N TYR A 24 51.98 -5.08 -25.17
CA TYR A 24 52.57 -5.25 -23.84
C TYR A 24 53.14 -6.64 -23.64
N GLY A 25 53.31 -7.43 -24.71
CA GLY A 25 53.90 -8.75 -24.62
C GLY A 25 52.97 -9.86 -24.19
N THR A 26 51.65 -9.66 -24.25
CA THR A 26 50.69 -10.64 -23.78
C THR A 26 50.22 -11.49 -24.95
N GLY A 27 50.25 -12.82 -24.77
CA GLY A 27 49.83 -13.71 -25.83
C GLY A 27 48.31 -13.78 -25.89
N TYR A 28 47.78 -13.80 -27.10
CA TYR A 28 46.35 -14.00 -27.31
C TYR A 28 46.16 -14.67 -28.66
N VAL A 29 44.91 -15.04 -28.95
CA VAL A 29 44.56 -15.72 -30.19
C VAL A 29 43.61 -14.85 -30.98
N SER A 30 43.68 -14.94 -32.31
CA SER A 30 42.83 -14.15 -33.18
C SER A 30 42.24 -15.02 -34.30
N PHE A 31 40.97 -14.76 -34.60
CA PHE A 31 40.34 -15.26 -35.81
C PHE A 31 39.80 -14.05 -36.56
N GLN A 32 40.16 -13.91 -37.84
CA GLN A 32 39.75 -12.74 -38.60
C GLN A 32 39.16 -13.13 -39.94
N GLY A 33 38.11 -12.41 -40.34
CA GLY A 33 37.49 -12.63 -41.63
C GLY A 33 36.52 -13.80 -41.67
N ILE A 34 35.92 -14.16 -40.54
CA ILE A 34 34.90 -15.20 -40.53
C ILE A 34 33.65 -14.66 -41.20
N PRO A 35 33.17 -15.26 -42.28
CA PRO A 35 31.97 -14.75 -42.94
C PRO A 35 30.74 -15.08 -42.12
N TYR A 36 29.87 -14.08 -41.91
CA TYR A 36 28.59 -14.30 -41.27
C TYR A 36 27.43 -14.12 -42.23
N ALA A 37 27.70 -13.83 -43.49
CA ALA A 37 26.66 -13.60 -44.49
C ALA A 37 27.13 -14.08 -45.86
N LYS A 38 26.16 -14.34 -46.73
CA LYS A 38 26.44 -14.54 -48.14
C LYS A 38 27.01 -13.25 -48.73
N PRO A 39 28.03 -13.33 -49.59
CA PRO A 39 28.60 -12.12 -50.20
C PRO A 39 27.54 -11.33 -50.94
N PRO A 40 27.31 -10.07 -50.56
CA PRO A 40 26.22 -9.28 -51.17
C PRO A 40 26.64 -8.66 -52.50
N VAL A 41 26.83 -9.52 -53.51
CA VAL A 41 27.43 -9.10 -54.77
C VAL A 41 26.46 -9.36 -55.90
N GLY A 42 26.70 -8.68 -57.03
CA GLY A 42 25.84 -8.84 -58.20
C GLY A 42 24.41 -8.44 -57.90
N GLU A 43 23.48 -9.36 -58.13
CA GLU A 43 22.08 -9.06 -57.90
C GLU A 43 21.74 -8.93 -56.41
N LEU A 44 22.67 -9.30 -55.53
CA LEU A 44 22.45 -9.19 -54.09
C LEU A 44 22.91 -7.84 -53.53
N ARG A 45 23.53 -7.01 -54.35
CA ARG A 45 23.92 -5.69 -53.89
C ARG A 45 22.67 -4.92 -53.45
N PHE A 46 22.81 -4.19 -52.33
CA PHE A 46 21.78 -3.41 -51.65
C PHE A 46 20.75 -4.27 -50.93
N LYS A 47 20.80 -5.60 -51.06
CA LYS A 47 19.79 -6.44 -50.44
C LYS A 47 20.19 -6.78 -49.01
N ASP A 48 19.17 -7.05 -48.20
CA ASP A 48 19.36 -7.46 -46.84
C ASP A 48 20.18 -8.76 -46.82
N PRO A 49 21.05 -8.95 -45.84
CA PRO A 49 21.98 -10.10 -45.88
C PRO A 49 21.29 -11.40 -45.48
N THR A 50 21.90 -12.50 -45.92
CA THR A 50 21.43 -13.84 -45.58
C THR A 50 22.62 -14.70 -45.15
N PRO A 51 22.37 -15.77 -44.40
CA PRO A 51 23.49 -16.54 -43.84
C PRO A 51 24.32 -17.19 -44.94
N PRO A 52 25.59 -17.44 -44.68
CA PRO A 52 26.48 -17.97 -45.71
C PRO A 52 26.34 -19.48 -45.86
N GLU A 53 26.92 -20.00 -46.95
CA GLU A 53 26.97 -21.43 -47.21
C GLU A 53 28.00 -22.07 -46.29
N ASN A 54 27.69 -23.29 -45.82
CA ASN A 54 28.65 -24.07 -45.06
C ASN A 54 29.88 -24.38 -45.90
N TRP A 55 30.96 -24.71 -45.21
CA TRP A 55 32.21 -25.10 -45.84
C TRP A 55 32.79 -26.28 -45.07
N THR A 56 33.59 -27.08 -45.77
CA THR A 56 34.20 -28.25 -45.15
C THR A 56 35.71 -28.11 -44.98
N GLN A 57 36.39 -27.47 -45.92
CA GLN A 57 37.82 -27.23 -45.77
C GLN A 57 38.06 -26.18 -44.69
N VAL A 58 39.18 -26.30 -43.99
CA VAL A 58 39.52 -25.34 -42.95
C VAL A 58 39.67 -23.95 -43.57
N LEU A 59 38.86 -23.01 -43.11
CA LEU A 59 38.90 -21.65 -43.62
C LEU A 59 40.02 -20.86 -42.94
N ASP A 60 40.90 -20.28 -43.74
CA ASP A 60 42.04 -19.52 -43.22
C ASP A 60 41.55 -18.19 -42.67
N CYS A 61 41.62 -18.02 -41.35
CA CYS A 61 41.19 -16.81 -40.67
C CYS A 61 42.34 -16.22 -39.87
N THR A 62 43.54 -16.30 -40.44
CA THR A 62 44.77 -15.88 -39.80
C THR A 62 45.18 -14.46 -40.14
N GLU A 63 44.46 -13.79 -41.03
CA GLU A 63 44.90 -12.50 -41.54
C GLU A 63 43.72 -11.56 -41.54
N GLN A 64 44.03 -10.26 -41.39
CA GLN A 64 42.98 -9.24 -41.44
C GLN A 64 42.31 -9.27 -42.80
N CYS A 65 40.98 -9.18 -42.80
CA CYS A 65 40.23 -9.19 -44.05
C CYS A 65 40.03 -7.76 -44.55
N ASP A 66 39.47 -7.64 -45.75
CA ASP A 66 39.18 -6.33 -46.29
C ASP A 66 37.95 -5.71 -45.62
N PRO A 67 37.91 -4.39 -45.49
CA PRO A 67 36.72 -3.72 -44.98
C PRO A 67 35.66 -3.59 -46.06
N CYS A 68 34.49 -3.10 -45.65
CA CYS A 68 33.48 -2.71 -46.62
C CYS A 68 33.96 -1.50 -47.43
N PHE A 69 33.37 -1.30 -48.60
CA PHE A 69 33.78 -0.21 -49.49
C PHE A 69 33.54 1.14 -48.84
N HIS A 70 34.56 1.99 -48.85
CA HIS A 70 34.45 3.34 -48.31
C HIS A 70 35.71 4.09 -48.67
N PHE A 71 35.64 5.42 -48.55
CA PHE A 71 36.82 6.24 -48.69
C PHE A 71 37.54 6.26 -47.34
N ASP A 72 38.73 5.66 -47.29
CA ASP A 72 39.49 5.55 -46.05
C ASP A 72 40.33 6.83 -45.90
N ARG A 73 39.92 7.69 -44.98
CA ARG A 73 40.56 8.99 -44.82
C ARG A 73 42.01 8.87 -44.36
N ARG A 74 42.36 7.76 -43.68
CA ARG A 74 43.74 7.59 -43.21
C ARG A 74 44.70 7.39 -44.37
N VAL A 75 44.33 6.61 -45.38
CA VAL A 75 45.18 6.35 -46.53
C VAL A 75 44.76 7.15 -47.76
N ASN A 76 43.69 7.95 -47.65
CA ASN A 76 43.26 8.87 -48.70
C ASN A 76 43.02 8.15 -50.03
N LYS A 77 42.23 7.09 -49.98
CA LYS A 77 41.87 6.34 -51.17
C LYS A 77 40.67 5.47 -50.85
N ILE A 78 39.88 5.16 -51.87
CA ILE A 78 38.82 4.18 -51.73
C ILE A 78 39.44 2.82 -51.43
N VAL A 79 38.92 2.14 -50.41
CA VAL A 79 39.36 0.80 -50.07
C VAL A 79 38.14 -0.09 -49.93
N GLY A 80 38.40 -1.38 -49.78
CA GLY A 80 37.37 -2.33 -49.40
C GLY A 80 37.02 -3.28 -50.53
N SER A 81 36.11 -4.19 -50.19
CA SER A 81 35.63 -5.24 -51.07
C SER A 81 34.15 -5.43 -50.79
N GLU A 82 33.39 -5.81 -51.82
CA GLU A 82 31.99 -6.07 -51.56
C GLU A 82 31.80 -7.37 -50.77
N ASP A 83 32.77 -8.28 -50.82
CA ASP A 83 32.73 -9.54 -50.07
C ASP A 83 33.42 -9.35 -48.72
N SER A 84 32.75 -8.54 -47.88
CA SER A 84 33.33 -8.04 -46.65
C SER A 84 32.46 -8.28 -45.43
N LEU A 85 31.37 -9.06 -45.54
CA LEU A 85 30.47 -9.28 -44.40
C LEU A 85 31.07 -10.34 -43.49
N ARG A 86 32.08 -9.93 -42.73
CA ARG A 86 32.89 -10.83 -41.92
C ARG A 86 33.10 -10.24 -40.54
N LEU A 87 33.43 -11.11 -39.58
CA LEU A 87 33.69 -10.68 -38.19
C LEU A 87 34.99 -11.31 -37.68
N ASN A 88 35.46 -10.81 -36.54
CA ASN A 88 36.73 -11.20 -35.95
C ASN A 88 36.54 -11.54 -34.49
N ILE A 89 37.34 -12.47 -33.98
CA ILE A 89 37.24 -12.90 -32.59
C ILE A 89 38.61 -12.82 -31.94
N PHE A 90 38.68 -12.24 -30.74
CA PHE A 90 39.93 -12.13 -30.00
C PHE A 90 39.74 -12.56 -28.55
N SER A 91 40.72 -13.31 -28.03
CA SER A 91 40.73 -13.69 -26.62
C SER A 91 42.13 -14.18 -26.26
N LYS A 92 42.49 -14.06 -24.98
CA LYS A 92 43.75 -14.64 -24.52
C LYS A 92 43.86 -16.11 -24.91
N THR A 93 42.79 -16.87 -24.71
CA THR A 93 42.72 -18.27 -25.10
C THR A 93 41.29 -18.61 -25.53
N ILE A 94 41.18 -19.60 -26.43
CA ILE A 94 39.88 -20.07 -26.87
C ILE A 94 39.54 -21.34 -26.13
N LYS A 95 40.31 -21.66 -25.10
CA LYS A 95 39.99 -22.78 -24.21
C LYS A 95 39.97 -22.31 -22.76
N PRO A 96 39.14 -21.33 -22.43
CA PRO A 96 39.06 -20.88 -21.03
C PRO A 96 38.49 -21.96 -20.14
N THR A 97 38.76 -21.83 -18.84
CA THR A 97 38.24 -22.81 -17.90
C THR A 97 36.73 -22.76 -17.81
N LYS A 98 36.14 -21.60 -18.05
CA LYS A 98 34.70 -21.39 -17.98
C LYS A 98 34.31 -20.40 -19.08
N PRO A 99 33.10 -20.54 -19.62
CA PRO A 99 32.65 -19.60 -20.66
C PRO A 99 32.82 -18.15 -20.21
N LEU A 100 33.37 -17.30 -21.14
CA LEU A 100 33.71 -15.91 -20.83
C LEU A 100 32.64 -14.95 -21.33
N PRO A 101 32.44 -13.82 -20.62
CA PRO A 101 31.64 -12.72 -21.20
C PRO A 101 32.17 -12.30 -22.57
N VAL A 102 31.24 -11.86 -23.42
CA VAL A 102 31.55 -11.54 -24.81
C VAL A 102 31.25 -10.07 -25.01
N MET A 103 32.15 -9.36 -25.69
CA MET A 103 31.94 -7.96 -26.01
C MET A 103 32.00 -7.78 -27.52
N VAL A 104 30.95 -7.23 -28.10
CA VAL A 104 30.80 -7.10 -29.55
C VAL A 104 30.78 -5.62 -29.87
N TYR A 105 31.74 -5.18 -30.70
CA TYR A 105 31.92 -3.77 -31.00
C TYR A 105 31.37 -3.44 -32.38
N ILE A 106 30.64 -2.33 -32.47
CA ILE A 106 30.14 -1.79 -33.73
C ILE A 106 30.86 -0.46 -33.97
N TYR A 107 31.67 -0.37 -35.03
CA TYR A 107 32.44 0.85 -35.27
C TYR A 107 31.54 2.00 -35.73
N GLY A 108 32.04 3.22 -35.55
CA GLY A 108 31.43 4.42 -36.10
C GLY A 108 32.04 4.81 -37.43
N GLY A 109 31.77 6.05 -37.83
CA GLY A 109 32.17 6.51 -39.15
C GLY A 109 31.02 7.11 -39.94
N GLY A 110 29.99 7.60 -39.24
CA GLY A 110 28.93 8.37 -39.86
C GLY A 110 28.04 7.58 -40.80
N PHE A 111 28.05 6.25 -40.70
CA PHE A 111 27.34 5.30 -41.58
C PHE A 111 27.90 5.31 -43.01
N VAL A 112 29.01 6.00 -43.25
CA VAL A 112 29.56 6.11 -44.58
C VAL A 112 30.96 5.53 -44.69
N GLU A 113 31.68 5.36 -43.57
CA GLU A 113 33.00 4.77 -43.58
C GLU A 113 33.16 3.92 -42.32
N GLY A 114 34.30 3.26 -42.21
CA GLY A 114 34.62 2.49 -41.04
C GLY A 114 35.27 1.18 -41.39
N THR A 115 35.92 0.56 -40.41
CA THR A 115 36.61 -0.69 -40.63
C THR A 115 36.75 -1.38 -39.28
N SER A 116 36.82 -2.71 -39.30
CA SER A 116 37.15 -3.45 -38.10
C SER A 116 38.65 -3.76 -38.02
N GLY A 117 39.46 -3.13 -38.87
CA GLY A 117 40.88 -3.43 -38.86
C GLY A 117 41.52 -3.07 -37.54
N THR A 118 42.57 -3.81 -37.18
CA THR A 118 43.27 -3.57 -35.92
C THR A 118 44.15 -2.31 -35.96
N GLU A 119 44.26 -1.63 -37.10
CA GLU A 119 44.98 -0.35 -37.14
C GLU A 119 44.21 0.74 -36.42
N LEU A 120 42.91 0.52 -36.20
CA LEU A 120 42.07 1.40 -35.39
C LEU A 120 41.50 0.69 -34.17
N TYR A 121 41.07 -0.57 -34.30
CA TYR A 121 40.40 -1.26 -33.20
C TYR A 121 41.16 -2.53 -32.81
N GLY A 122 42.40 -2.37 -32.35
CA GLY A 122 43.18 -3.50 -31.90
C GLY A 122 42.72 -4.03 -30.54
N PRO A 123 42.83 -5.34 -30.34
CA PRO A 123 42.32 -5.96 -29.12
C PRO A 123 43.26 -5.89 -27.93
N ASP A 124 44.44 -5.29 -28.08
CA ASP A 124 45.53 -5.50 -27.13
C ASP A 124 45.15 -5.19 -25.69
N TYR A 125 44.39 -4.11 -25.46
CA TYR A 125 44.10 -3.72 -24.06
C TYR A 125 42.94 -4.54 -23.50
N LEU A 126 41.95 -4.83 -24.34
CA LEU A 126 40.76 -5.52 -23.84
C LEU A 126 41.05 -6.98 -23.48
N ILE A 127 41.93 -7.65 -24.23
CA ILE A 127 42.17 -9.06 -23.99
C ILE A 127 42.99 -9.32 -22.74
N GLU A 128 43.51 -8.28 -22.08
CA GLU A 128 44.11 -8.47 -20.76
C GLU A 128 43.08 -8.93 -19.74
N LYS A 129 41.79 -8.72 -20.02
CA LYS A 129 40.71 -9.16 -19.16
C LYS A 129 40.11 -10.46 -19.69
N ASP A 130 39.32 -11.13 -18.84
CA ASP A 130 38.77 -12.43 -19.18
C ASP A 130 37.47 -12.23 -19.95
N ILE A 131 37.65 -11.76 -21.20
CA ILE A 131 36.53 -11.54 -22.11
C ILE A 131 36.92 -12.06 -23.50
N VAL A 132 35.90 -12.36 -24.31
CA VAL A 132 36.08 -12.58 -25.74
C VAL A 132 35.64 -11.31 -26.46
N LEU A 133 36.51 -10.76 -27.31
CA LEU A 133 36.20 -9.54 -28.04
C LEU A 133 35.84 -9.90 -29.48
N VAL A 134 34.72 -9.36 -29.96
CA VAL A 134 34.28 -9.53 -31.34
C VAL A 134 34.22 -8.16 -31.99
N THR A 135 34.82 -8.03 -33.18
CA THR A 135 34.60 -6.85 -33.99
C THR A 135 34.09 -7.34 -35.34
N LEU A 136 33.49 -6.43 -36.13
CA LEU A 136 32.79 -6.92 -37.30
C LEU A 136 32.69 -5.80 -38.33
N ASN A 137 32.52 -6.20 -39.59
CA ASN A 137 32.25 -5.25 -40.67
C ASN A 137 30.76 -5.22 -40.94
N TYR A 138 30.25 -4.05 -41.31
CA TYR A 138 28.90 -3.91 -41.82
C TYR A 138 28.93 -2.88 -42.95
N ARG A 139 28.05 -3.06 -43.93
CA ARG A 139 28.08 -2.18 -45.10
C ARG A 139 27.72 -0.75 -44.71
N VAL A 140 28.45 0.19 -45.31
CA VAL A 140 28.29 1.61 -45.06
C VAL A 140 28.04 2.32 -46.40
N GLY A 141 27.61 3.57 -46.31
CA GLY A 141 27.33 4.33 -47.52
C GLY A 141 26.07 3.88 -48.21
N ALA A 142 25.98 4.19 -49.50
CA ALA A 142 24.83 3.74 -50.28
C ALA A 142 24.81 2.22 -50.43
N LEU A 143 25.99 1.57 -50.40
CA LEU A 143 26.00 0.12 -50.45
C LEU A 143 25.30 -0.49 -49.24
N GLY A 144 25.29 0.22 -48.12
CA GLY A 144 24.68 -0.27 -46.90
C GLY A 144 23.33 0.34 -46.56
N PHE A 145 22.97 1.46 -47.18
CA PHE A 145 21.79 2.19 -46.71
C PHE A 145 20.92 2.73 -47.85
N LEU A 146 20.98 2.08 -49.00
CA LEU A 146 20.04 2.43 -50.08
C LEU A 146 18.63 2.04 -49.67
N CYS A 147 17.65 2.82 -50.12
CA CYS A 147 16.26 2.52 -49.82
C CYS A 147 15.43 2.78 -51.07
N CYS A 148 14.69 1.77 -51.51
CA CYS A 148 13.79 1.90 -52.64
C CYS A 148 12.36 1.69 -52.16
N GLN A 149 11.43 2.48 -52.72
CA GLN A 149 10.07 2.51 -52.20
C GLN A 149 9.29 1.25 -52.60
N SER A 150 9.53 0.74 -53.79
CA SER A 150 8.72 -0.37 -54.29
C SER A 150 8.94 -1.64 -53.48
N PRO A 151 7.90 -2.24 -52.92
CA PRO A 151 8.08 -3.55 -52.25
C PRO A 151 8.67 -4.61 -53.18
N THR A 152 8.50 -4.46 -54.49
CA THR A 152 9.01 -5.43 -55.45
C THR A 152 10.51 -5.28 -55.66
N ALA A 153 11.06 -4.08 -55.45
CA ALA A 153 12.47 -3.85 -55.72
C ALA A 153 13.38 -4.57 -54.74
N GLY A 154 12.89 -4.96 -53.57
CA GLY A 154 13.70 -5.72 -52.63
C GLY A 154 14.83 -4.96 -51.96
N VAL A 155 14.75 -3.64 -51.87
CA VAL A 155 15.75 -2.83 -51.15
C VAL A 155 15.02 -1.96 -50.13
N PRO A 156 14.58 -2.50 -49.00
CA PRO A 156 13.77 -1.71 -48.07
C PRO A 156 14.56 -0.71 -47.24
N GLY A 157 15.88 -0.85 -47.18
CA GLY A 157 16.75 0.04 -46.43
C GLY A 157 17.36 -0.66 -45.23
N ASN A 158 18.36 0.03 -44.64
CA ASN A 158 18.99 -0.39 -43.38
C ASN A 158 19.79 -1.66 -43.51
N ALA A 159 20.31 -1.95 -44.71
CA ALA A 159 21.08 -3.18 -44.91
C ALA A 159 22.27 -3.25 -43.97
N GLY A 160 22.91 -2.11 -43.70
CA GLY A 160 24.04 -2.11 -42.78
C GLY A 160 23.65 -2.46 -41.35
N LEU A 161 22.50 -1.95 -40.88
CA LEU A 161 22.01 -2.37 -39.58
C LEU A 161 21.66 -3.86 -39.59
N LYS A 162 21.08 -4.34 -40.68
CA LYS A 162 20.73 -5.75 -40.74
C LYS A 162 21.96 -6.63 -40.86
N ASP A 163 23.05 -6.13 -41.48
CA ASP A 163 24.34 -6.81 -41.42
C ASP A 163 24.76 -7.00 -39.98
N GLN A 164 24.73 -5.92 -39.20
CA GLN A 164 25.05 -5.99 -37.78
C GLN A 164 24.18 -7.02 -37.08
N ARG A 165 22.89 -7.04 -37.40
CA ARG A 165 21.97 -7.98 -36.77
C ARG A 165 22.39 -9.42 -37.06
N LEU A 166 22.77 -9.71 -38.31
CA LEU A 166 23.16 -11.06 -38.66
C LEU A 166 24.45 -11.47 -37.98
N ALA A 167 25.39 -10.54 -37.83
CA ALA A 167 26.60 -10.84 -37.08
C ALA A 167 26.31 -11.11 -35.62
N LEU A 168 25.36 -10.36 -35.03
CA LEU A 168 24.97 -10.61 -33.65
C LEU A 168 24.32 -11.97 -33.48
N ARG A 169 23.46 -12.35 -34.43
CA ARG A 169 22.90 -13.69 -34.42
C ARG A 169 23.99 -14.76 -34.56
N TRP A 170 25.00 -14.51 -35.39
CA TRP A 170 26.10 -15.46 -35.53
C TRP A 170 26.83 -15.63 -34.20
N VAL A 171 27.06 -14.53 -33.49
CA VAL A 171 27.77 -14.58 -32.21
C VAL A 171 26.96 -15.38 -31.19
N ARG A 172 25.67 -15.07 -31.07
CA ARG A 172 24.81 -15.84 -30.18
C ARG A 172 24.87 -17.33 -30.50
N ASP A 173 24.88 -17.68 -31.78
CA ASP A 173 24.77 -19.08 -32.19
C ASP A 173 26.12 -19.82 -32.29
N ASN A 174 27.25 -19.12 -32.24
CA ASN A 174 28.52 -19.78 -32.49
C ASN A 174 29.62 -19.45 -31.49
N ILE A 175 29.46 -18.42 -30.66
CA ILE A 175 30.61 -17.99 -29.85
C ILE A 175 30.98 -19.03 -28.80
N ALA A 176 30.05 -19.92 -28.43
CA ALA A 176 30.39 -20.95 -27.45
C ALA A 176 31.47 -21.89 -27.97
N SER A 177 31.57 -22.06 -29.29
CA SER A 177 32.62 -22.90 -29.84
C SER A 177 33.99 -22.32 -29.59
N PHE A 178 34.06 -21.02 -29.30
CA PHE A 178 35.31 -20.31 -29.04
C PHE A 178 35.53 -20.01 -27.56
N GLY A 179 34.67 -20.52 -26.68
CA GLY A 179 34.81 -20.27 -25.27
C GLY A 179 34.01 -19.08 -24.77
N GLY A 180 33.20 -18.46 -25.64
CA GLY A 180 32.37 -17.34 -25.22
C GLY A 180 31.05 -17.80 -24.65
N ASP A 181 30.49 -16.98 -23.77
CA ASP A 181 29.23 -17.32 -23.13
C ASP A 181 28.13 -16.59 -23.89
N PRO A 182 27.31 -17.27 -24.69
CA PRO A 182 26.28 -16.57 -25.48
C PRO A 182 25.16 -15.98 -24.63
N SER A 183 25.11 -16.26 -23.33
CA SER A 183 24.15 -15.62 -22.44
C SER A 183 24.75 -14.43 -21.70
N ALA A 184 25.94 -14.00 -22.07
CA ALA A 184 26.62 -12.89 -21.41
C ALA A 184 27.29 -12.03 -22.48
N ILE A 185 26.49 -11.51 -23.41
CA ILE A 185 26.98 -10.67 -24.49
C ILE A 185 26.69 -9.21 -24.17
N THR A 186 27.75 -8.39 -24.20
CA THR A 186 27.65 -6.93 -24.16
C THR A 186 27.83 -6.39 -25.57
N LEU A 187 26.88 -5.57 -26.01
CA LEU A 187 27.02 -4.84 -27.27
C LEU A 187 27.51 -3.43 -26.98
N PHE A 188 28.58 -3.00 -27.65
CA PHE A 188 29.05 -1.64 -27.46
C PHE A 188 29.52 -1.04 -28.79
N GLY A 189 29.58 0.30 -28.81
CA GLY A 189 29.84 0.96 -30.06
C GLY A 189 29.87 2.46 -29.93
N HIS A 190 30.65 3.12 -30.79
CA HIS A 190 30.93 4.53 -30.66
C HIS A 190 30.38 5.31 -31.85
N SER A 191 29.82 6.49 -31.58
CA SER A 191 29.36 7.46 -32.59
C SER A 191 28.21 6.88 -33.41
N ALA A 192 28.39 6.76 -34.73
CA ALA A 192 27.41 6.02 -35.52
C ALA A 192 27.28 4.60 -34.98
N GLY A 193 28.37 4.01 -34.48
CA GLY A 193 28.26 2.72 -33.82
C GLY A 193 27.47 2.78 -32.53
N GLY A 194 27.54 3.92 -31.83
CA GLY A 194 26.73 4.08 -30.63
C GLY A 194 25.26 4.19 -30.95
N ALA A 195 24.92 5.00 -31.95
CA ALA A 195 23.53 4.99 -32.44
C ALA A 195 23.12 3.59 -32.89
N SER A 196 24.03 2.88 -33.55
CA SER A 196 23.73 1.50 -33.98
C SER A 196 23.40 0.62 -32.78
N VAL A 197 24.23 0.66 -31.72
CA VAL A 197 23.92 -0.10 -30.52
C VAL A 197 22.53 0.21 -30.02
N GLN A 198 22.18 1.49 -29.93
CA GLN A 198 20.85 1.85 -29.44
C GLN A 198 19.76 1.35 -30.38
N TYR A 199 20.01 1.38 -31.70
CA TYR A 199 19.05 0.84 -32.66
C TYR A 199 18.76 -0.63 -32.36
N HIS A 200 19.79 -1.41 -32.04
CA HIS A 200 19.55 -2.82 -31.70
C HIS A 200 18.73 -2.98 -30.42
N THR A 201 18.93 -2.09 -29.43
CA THR A 201 18.18 -2.19 -28.20
C THR A 201 16.72 -1.76 -28.38
N ILE A 202 16.38 -1.02 -29.44
CA ILE A 202 15.01 -0.58 -29.63
C ILE A 202 14.25 -1.37 -30.70
N ALA A 203 14.93 -2.18 -31.49
CA ALA A 203 14.29 -2.88 -32.61
C ALA A 203 13.97 -4.32 -32.19
N ASP A 204 12.71 -4.72 -32.31
CA ASP A 204 12.40 -6.14 -32.11
C ASP A 204 13.21 -7.05 -33.00
N ALA A 205 13.69 -6.55 -34.14
CA ALA A 205 14.47 -7.37 -35.06
C ALA A 205 15.71 -7.97 -34.40
N SER A 206 16.24 -7.32 -33.37
CA SER A 206 17.42 -7.85 -32.65
C SER A 206 17.09 -8.22 -31.25
N ASN A 208 16.65 -9.63 -27.72
CA ASN A 208 17.44 -10.57 -26.92
C ASN A 208 18.65 -11.24 -27.58
N LEU A 209 19.27 -10.59 -28.56
CA LEU A 209 20.50 -11.11 -29.11
C LEU A 209 21.67 -10.89 -28.15
N PHE A 210 21.51 -9.98 -27.19
CA PHE A 210 22.55 -9.67 -26.22
C PHE A 210 21.86 -9.24 -24.94
N GLN A 211 22.66 -9.11 -23.88
CA GLN A 211 22.10 -9.01 -22.55
C GLN A 211 22.32 -7.66 -21.89
N ARG A 212 23.15 -6.80 -22.50
CA ARG A 212 23.45 -5.48 -21.96
C ARG A 212 24.21 -4.72 -23.04
N ALA A 213 24.28 -3.40 -22.88
CA ALA A 213 24.83 -2.58 -23.96
C ALA A 213 25.55 -1.37 -23.40
N ILE A 214 26.54 -0.91 -24.16
CA ILE A 214 27.28 0.32 -23.86
C ILE A 214 27.15 1.22 -25.08
N ILE A 215 26.50 2.38 -24.90
CA ILE A 215 26.27 3.35 -25.96
C ILE A 215 27.26 4.49 -25.79
N MET A 216 28.17 4.68 -26.76
CA MET A 216 29.26 5.66 -26.66
C MET A 216 29.06 6.80 -27.66
N SER A 217 28.77 8.02 -27.17
CA SER A 217 28.76 9.26 -27.98
C SER A 217 27.97 9.13 -29.28
N GLY A 218 26.77 8.57 -29.19
CA GLY A 218 25.87 8.56 -30.33
C GLY A 218 24.58 7.93 -29.87
N SER A 219 23.49 8.27 -30.55
CA SER A 219 22.21 7.87 -30.01
C SER A 219 21.19 7.89 -31.15
N THR A 220 20.18 7.02 -31.06
CA THR A 220 19.05 7.13 -32.00
C THR A 220 18.27 8.42 -31.79
N MET A 221 18.45 9.11 -30.65
CA MET A 221 17.83 10.42 -30.46
C MET A 221 18.52 11.52 -31.27
N CYS A 222 19.74 11.30 -31.76
CA CYS A 222 20.42 12.30 -32.59
C CYS A 222 19.71 12.43 -33.93
N SER A 223 19.43 13.66 -34.36
CA SER A 223 18.80 13.84 -35.66
C SER A 223 19.64 13.24 -36.79
N TRP A 224 20.96 13.18 -36.63
CA TRP A 224 21.80 12.61 -37.67
C TRP A 224 21.75 11.09 -37.75
N ALA A 225 21.04 10.42 -36.84
CA ALA A 225 20.97 8.96 -36.84
C ALA A 225 19.87 8.42 -37.75
N LEU A 226 19.15 9.30 -38.43
CA LEU A 226 18.02 8.91 -39.27
C LEU A 226 17.99 9.87 -40.46
N THR A 227 17.63 9.34 -41.65
CA THR A 227 17.53 10.25 -42.78
C THR A 227 16.18 10.06 -43.46
N PRO A 228 15.60 11.13 -43.99
CA PRO A 228 14.42 11.00 -44.85
C PRO A 228 14.80 10.40 -46.21
N GLN A 229 13.78 9.96 -46.94
CA GLN A 229 13.96 9.46 -48.30
C GLN A 229 13.48 10.53 -49.28
N ARG A 230 14.39 11.01 -50.14
CA ARG A 230 14.11 12.09 -51.08
C ARG A 230 14.74 11.75 -52.45
N ASN A 231 14.35 10.59 -52.98
CA ASN A 231 14.72 10.16 -54.33
C ASN A 231 16.22 9.97 -54.51
N TRP A 232 16.87 9.40 -53.48
CA TRP A 232 18.32 9.24 -53.47
C TRP A 232 18.84 8.26 -54.51
N PRO A 233 18.21 7.11 -54.75
CA PRO A 233 18.76 6.21 -55.79
C PRO A 233 18.85 6.85 -57.16
N GLU A 234 17.83 7.59 -57.59
CA GLU A 234 17.90 8.31 -58.87
C GLU A 234 18.94 9.42 -58.83
N LYS A 235 19.01 10.17 -57.73
CA LYS A 235 20.01 11.22 -57.62
C LYS A 235 21.42 10.63 -57.65
N LEU A 236 21.61 9.47 -57.00
CA LEU A 236 22.92 8.82 -57.00
C LEU A 236 23.28 8.28 -58.38
N ALA A 237 22.35 7.60 -59.04
CA ALA A 237 22.63 7.06 -60.37
C ALA A 237 22.94 8.17 -61.37
N LYS A 238 22.15 9.26 -61.32
CA LYS A 238 22.44 10.47 -62.10
C LYS A 238 23.89 10.91 -61.96
N ALA A 239 24.33 11.13 -60.71
CA ALA A 239 25.67 11.65 -60.49
C ALA A 239 26.75 10.71 -61.03
N ILE A 240 26.50 9.40 -61.02
CA ILE A 240 27.48 8.46 -61.55
C ILE A 240 27.53 8.54 -63.08
N GLY A 241 26.38 8.77 -63.72
CA GLY A 241 26.34 8.92 -65.16
C GLY A 241 25.07 8.41 -65.83
N TRP A 242 24.09 7.97 -65.05
CA TRP A 242 22.85 7.45 -65.62
C TRP A 242 22.09 8.54 -66.36
N GLN A 243 21.44 8.15 -67.45
CA GLN A 243 20.75 9.08 -68.34
C GLN A 243 19.23 9.04 -68.23
N GLY A 244 18.64 7.87 -68.02
CA GLY A 244 17.21 7.78 -67.79
C GLY A 244 16.79 8.58 -66.57
N GLU A 245 15.48 8.72 -66.40
CA GLU A 245 14.99 9.54 -65.30
C GLU A 245 13.54 9.18 -65.01
N GLY A 246 13.14 9.34 -63.75
CA GLY A 246 11.76 9.16 -63.34
C GLY A 246 11.37 7.75 -62.98
N ASP A 247 12.30 6.80 -62.99
CA ASP A 247 12.00 5.38 -62.74
C ASP A 247 13.02 4.88 -61.72
N GLU A 248 12.57 4.61 -60.49
CA GLU A 248 13.48 4.21 -59.42
C GLU A 248 14.08 2.83 -59.69
N GLU A 249 13.24 1.85 -60.05
CA GLU A 249 13.74 0.52 -60.39
C GLU A 249 14.75 0.55 -61.53
N ALA A 250 14.58 1.44 -62.51
CA ALA A 250 15.62 1.58 -63.53
C ALA A 250 16.88 2.18 -62.93
N ALA A 251 16.74 3.10 -61.98
CA ALA A 251 17.94 3.63 -61.31
C ALA A 251 18.64 2.55 -60.49
N LEU A 252 17.87 1.72 -59.78
CA LEU A 252 18.46 0.60 -59.05
C LEU A 252 19.23 -0.34 -59.99
N GLN A 253 18.66 -0.62 -61.17
CA GLN A 253 19.36 -1.48 -62.11
C GLN A 253 20.69 -0.87 -62.53
N TYR A 254 20.68 0.44 -62.84
CA TYR A 254 21.92 1.11 -63.19
C TYR A 254 22.91 1.06 -62.02
N LEU A 255 22.42 1.23 -60.80
CA LEU A 255 23.31 1.19 -59.64
C LEU A 255 23.90 -0.19 -59.44
N ARG A 256 23.15 -1.24 -59.81
CA ARG A 256 23.67 -2.58 -59.64
C ARG A 256 24.71 -2.94 -60.70
N GLN A 257 24.75 -2.20 -61.81
CA GLN A 257 25.79 -2.40 -62.81
CA GLN A 257 25.79 -2.40 -62.81
C GLN A 257 26.94 -1.42 -62.64
N ALA A 258 26.77 -0.38 -61.83
CA ALA A 258 27.84 0.56 -61.57
C ALA A 258 28.92 -0.09 -60.71
N SER A 259 30.15 0.44 -60.83
CA SER A 259 31.25 -0.07 -60.03
C SER A 259 31.05 0.34 -58.58
N PRO A 260 31.61 -0.41 -57.63
CA PRO A 260 31.55 0.01 -56.23
C PRO A 260 32.26 1.33 -55.98
N GLU A 261 33.37 1.56 -56.69
CA GLU A 261 34.13 2.79 -56.53
C GLU A 261 33.33 4.01 -56.98
N SER A 262 32.54 3.89 -58.04
CA SER A 262 31.74 5.03 -58.48
C SER A 262 30.64 5.36 -57.46
N ILE A 263 30.09 4.33 -56.79
CA ILE A 263 29.11 4.58 -55.73
C ILE A 263 29.77 5.34 -54.58
N VAL A 264 30.91 4.86 -54.11
CA VAL A 264 31.59 5.53 -52.99
C VAL A 264 31.98 6.95 -53.39
N ASP A 265 32.37 7.14 -54.64
CA ASP A 265 32.88 8.43 -55.08
C ASP A 265 31.79 9.50 -55.16
N HIS A 266 30.53 9.11 -55.36
CA HIS A 266 29.45 10.09 -55.53
C HIS A 266 28.42 10.08 -54.40
N GLN A 267 28.49 9.14 -53.46
CA GLN A 267 27.41 9.01 -52.48
C GLN A 267 27.31 10.21 -51.54
N GLU A 268 28.38 10.99 -51.36
CA GLU A 268 28.35 12.16 -50.49
C GLU A 268 28.16 13.46 -51.25
N LYS A 269 27.80 13.40 -52.53
CA LYS A 269 27.68 14.60 -53.36
C LYS A 269 26.24 14.90 -53.75
N LEU A 270 25.26 14.44 -52.97
CA LEU A 270 23.87 14.50 -53.39
C LEU A 270 23.05 15.57 -52.67
N PHE A 271 23.61 16.26 -51.69
CA PHE A 271 22.82 17.16 -50.86
C PHE A 271 22.50 18.46 -51.58
N GLY A 272 21.27 18.94 -51.41
CA GLY A 272 20.89 20.25 -51.85
C GLY A 272 20.91 21.23 -50.70
N PRO A 273 20.50 22.47 -50.94
CA PRO A 273 20.50 23.46 -49.84
C PRO A 273 19.56 23.09 -48.70
N GLN A 274 18.46 22.38 -48.98
CA GLN A 274 17.49 22.04 -47.94
C GLN A 274 18.06 21.04 -46.94
N GLU A 275 18.96 20.17 -47.37
CA GLU A 275 19.51 19.18 -46.46
C GLU A 275 20.64 19.74 -45.62
N ILE A 276 21.39 20.71 -46.14
CA ILE A 276 22.51 21.26 -45.38
C ILE A 276 22.01 22.09 -44.21
N GLN A 277 20.85 22.72 -44.35
CA GLN A 277 20.29 23.51 -43.25
C GLN A 277 19.76 22.62 -42.13
N GLU A 278 19.25 21.44 -42.46
CA GLU A 278 18.65 20.56 -41.46
C GLU A 278 19.68 19.75 -40.68
N GLY A 279 20.97 19.89 -41.00
CA GLY A 279 22.00 19.17 -40.29
C GLY A 279 22.06 17.69 -40.58
N LEU A 280 21.70 17.29 -41.81
CA LEU A 280 21.73 15.88 -42.17
C LEU A 280 23.15 15.45 -42.49
N LEU A 281 23.52 14.27 -41.98
CA LEU A 281 24.87 13.78 -42.21
C LEU A 281 25.01 13.17 -43.61
N SER A 282 24.06 12.34 -44.04
CA SER A 282 24.21 11.67 -45.32
C SER A 282 22.83 11.19 -45.78
N PRO A 283 22.63 11.06 -47.09
CA PRO A 283 21.40 10.40 -47.58
C PRO A 283 21.38 8.94 -47.25
N PHE A 284 22.54 8.35 -47.00
CA PHE A 284 22.66 6.91 -46.83
C PHE A 284 22.94 6.65 -45.36
N ALA A 285 21.86 6.47 -44.61
CA ALA A 285 21.87 6.37 -43.16
C ALA A 285 20.64 5.56 -42.79
N PRO A 286 20.45 5.19 -41.52
CA PRO A 286 19.21 4.47 -41.16
C PRO A 286 17.96 5.27 -41.55
N THR A 287 16.90 4.54 -41.86
CA THR A 287 15.69 5.20 -42.34
C THR A 287 14.49 4.37 -41.93
N ILE A 288 13.33 5.03 -41.86
CA ILE A 288 12.08 4.29 -41.64
C ILE A 288 11.78 3.51 -42.92
N GLU A 289 11.56 2.22 -42.80
CA GLU A 289 11.46 1.42 -44.02
C GLU A 289 10.05 1.54 -44.61
N PRO A 290 9.93 1.70 -45.94
CA PRO A 290 8.64 2.07 -46.54
C PRO A 290 7.64 0.94 -46.63
N TYR A 291 8.06 -0.31 -46.40
CA TYR A 291 7.17 -1.46 -46.33
C TYR A 291 7.82 -2.48 -45.42
N GLU A 292 7.05 -3.47 -44.97
CA GLU A 292 7.57 -4.51 -44.09
C GLU A 292 8.15 -5.65 -44.92
N SER A 293 9.42 -5.96 -44.66
CA SER A 293 10.14 -7.05 -45.32
C SER A 293 10.20 -8.26 -44.39
N GLU A 294 10.89 -9.32 -44.86
CA GLU A 294 11.13 -10.46 -44.00
C GLU A 294 11.83 -10.03 -42.71
N VAL A 295 12.83 -9.17 -42.82
CA VAL A 295 13.44 -8.51 -41.67
C VAL A 295 13.17 -7.03 -41.84
N CYS A 296 12.38 -6.46 -40.93
CA CYS A 296 12.04 -5.04 -40.94
C CYS A 296 12.72 -4.41 -39.74
N PHE A 297 13.87 -3.76 -39.97
CA PHE A 297 14.62 -3.28 -38.81
C PHE A 297 13.96 -2.08 -38.16
N ILE A 298 13.65 -1.05 -38.94
CA ILE A 298 13.00 0.17 -38.44
C ILE A 298 11.62 0.30 -39.07
N PRO A 299 10.58 -0.24 -38.43
CA PRO A 299 9.23 -0.17 -39.03
C PRO A 299 8.55 1.18 -38.86
N ARG A 300 8.97 1.99 -37.90
CA ARG A 300 8.30 3.23 -37.58
C ARG A 300 9.32 4.17 -36.96
N SER A 301 8.87 5.36 -36.59
CA SER A 301 9.66 6.35 -35.88
C SER A 301 10.52 5.73 -34.78
N PRO A 302 11.84 5.86 -34.86
CA PRO A 302 12.70 5.34 -33.77
C PRO A 302 12.37 5.98 -32.44
N PHE A 303 11.91 7.23 -32.45
CA PHE A 303 11.50 7.84 -31.19
C PHE A 303 10.36 7.05 -30.55
N GLU A 304 9.43 6.54 -31.36
CA GLU A 304 8.33 5.74 -30.81
C GLU A 304 8.82 4.34 -30.44
N MET A 305 9.73 3.77 -31.23
CA MET A 305 10.33 2.47 -30.92
C MET A 305 11.02 2.48 -29.56
N SER A 306 11.70 3.59 -29.23
CA SER A 306 12.40 3.64 -27.95
CA SER A 306 12.40 3.63 -27.96
C SER A 306 11.45 3.53 -26.77
N ARG A 307 10.22 4.06 -26.89
CA ARG A 307 9.30 4.03 -25.74
C ARG A 307 8.96 2.62 -25.31
N THR A 308 8.83 1.69 -26.25
CA THR A 308 8.50 0.31 -25.91
C THR A 308 9.66 -0.65 -26.17
N ALA A 309 10.89 -0.12 -26.18
CA ALA A 309 12.07 -0.92 -26.54
C ALA A 309 12.17 -2.19 -25.71
N TRP A 310 12.45 -3.32 -26.39
CA TRP A 310 12.81 -4.52 -25.62
C TRP A 310 14.02 -4.26 -24.73
N GLY A 311 14.91 -3.36 -25.15
CA GLY A 311 16.08 -3.03 -24.36
C GLY A 311 15.79 -2.28 -23.08
N ASN A 312 14.57 -1.79 -22.89
CA ASN A 312 14.18 -1.25 -21.60
C ASN A 312 14.31 -2.27 -20.47
N SER A 313 14.47 -3.56 -20.80
CA SER A 313 14.64 -4.60 -19.80
C SER A 313 16.09 -4.99 -19.57
N ILE A 314 17.06 -4.34 -20.23
CA ILE A 314 18.45 -4.71 -20.05
C ILE A 314 19.24 -3.53 -19.51
N ASP A 315 20.34 -3.84 -18.83
CA ASP A 315 21.20 -2.81 -18.26
C ASP A 315 21.97 -2.09 -19.37
N ILE A 316 22.14 -0.79 -19.22
CA ILE A 316 22.83 0.03 -20.22
C ILE A 316 23.81 0.96 -19.54
N MET A 317 25.01 1.05 -20.10
CA MET A 317 25.94 2.10 -19.74
C MET A 317 26.05 3.08 -20.90
N ILE A 318 26.09 4.37 -20.61
CA ILE A 318 26.09 5.36 -21.69
C ILE A 318 26.99 6.51 -21.29
N GLY A 319 27.60 7.16 -22.28
CA GLY A 319 28.54 8.23 -21.94
C GLY A 319 29.12 8.94 -23.14
N GLY A 320 30.01 9.90 -22.82
CA GLY A 320 30.63 10.70 -23.85
C GLY A 320 31.83 11.42 -23.27
N THR A 321 32.42 12.29 -24.09
CA THR A 321 33.62 13.02 -23.68
C THR A 321 33.28 14.45 -23.28
N SER A 322 34.29 15.17 -22.82
CA SER A 322 34.04 16.53 -22.33
C SER A 322 34.04 17.57 -23.45
N GLU A 323 34.71 17.29 -24.59
CA GLU A 323 34.75 18.23 -25.71
C GLU A 323 34.40 17.50 -27.01
N GLU A 324 33.25 16.84 -27.00
CA GLU A 324 32.78 16.14 -28.19
C GLU A 324 32.79 17.04 -29.43
N GLY A 325 32.33 18.28 -29.27
CA GLY A 325 32.10 19.15 -30.41
C GLY A 325 33.38 19.60 -31.11
N LEU A 326 34.55 19.28 -30.55
CA LEU A 326 35.80 19.53 -31.27
C LEU A 326 35.78 18.97 -32.68
N ILE A 327 35.02 17.88 -32.90
CA ILE A 327 34.93 17.27 -34.22
C ILE A 327 34.31 18.22 -35.24
N LEU A 328 33.57 19.23 -34.80
CA LEU A 328 32.97 20.16 -35.76
C LEU A 328 34.00 21.11 -36.36
N LEU A 329 35.12 21.37 -35.66
CA LEU A 329 36.06 22.40 -36.09
C LEU A 329 36.71 22.13 -37.44
N PRO A 330 37.25 20.94 -37.73
CA PRO A 330 37.77 20.73 -39.09
C PRO A 330 36.70 20.84 -40.18
N LYS A 331 35.44 20.47 -39.88
CA LYS A 331 34.39 20.60 -40.89
C LYS A 331 34.11 22.05 -41.27
N VAL A 332 34.24 22.99 -40.34
CA VAL A 332 33.84 24.37 -40.56
C VAL A 332 35.02 25.33 -40.51
N LYS A 333 36.25 24.82 -40.41
CA LYS A 333 37.41 25.66 -40.16
C LYS A 333 37.55 26.85 -41.13
N PRO A 334 37.36 26.71 -42.44
CA PRO A 334 37.54 27.89 -43.31
C PRO A 334 36.42 28.93 -43.15
N GLN A 335 35.19 28.50 -42.89
CA GLN A 335 34.09 29.44 -42.69
C GLN A 335 34.01 29.95 -41.25
N LEU A 336 34.82 29.43 -40.34
CA LEU A 336 34.71 29.77 -38.92
C LEU A 336 34.75 31.27 -38.66
N PRO A 337 35.68 32.05 -39.22
CA PRO A 337 35.62 33.50 -39.01
C PRO A 337 34.28 34.11 -39.36
N SER A 338 33.56 33.53 -40.32
CA SER A 338 32.27 34.10 -40.70
C SER A 338 31.12 33.54 -39.86
N MET A 339 31.18 32.25 -39.49
CA MET A 339 30.12 31.69 -38.65
C MET A 339 30.13 32.30 -37.26
N LEU A 340 31.31 32.52 -36.68
CA LEU A 340 31.40 33.06 -35.34
C LEU A 340 30.87 34.49 -35.28
N GLN A 341 30.85 35.19 -36.41
CA GLN A 341 30.36 36.55 -36.51
C GLN A 341 28.92 36.63 -36.98
N ASP A 342 28.33 35.53 -37.43
CA ASP A 342 26.96 35.54 -37.94
C ASP A 342 25.99 35.83 -36.78
N PRO A 343 25.07 36.78 -36.94
CA PRO A 343 24.14 37.09 -35.86
C PRO A 343 23.12 35.99 -35.58
N ARG A 344 22.95 35.03 -36.49
CA ARG A 344 22.06 33.89 -36.27
C ARG A 344 22.80 32.70 -35.68
N LEU A 345 24.05 32.89 -35.25
CA LEU A 345 24.88 31.79 -34.74
C LEU A 345 24.14 30.98 -33.69
N PHE A 346 23.52 31.66 -32.73
CA PHE A 346 22.87 30.94 -31.65
C PHE A 346 21.44 30.54 -31.99
N VAL A 347 20.70 31.44 -32.67
CA VAL A 347 19.32 31.10 -33.07
C VAL A 347 19.31 29.85 -33.93
N GLY A 348 20.30 29.72 -34.82
CA GLY A 348 20.34 28.61 -35.74
C GLY A 348 20.68 27.28 -35.09
N ASN A 349 21.03 27.27 -33.81
CA ASN A 349 21.31 26.03 -33.10
C ASN A 349 20.07 25.46 -32.41
N VAL A 350 18.98 26.22 -32.35
CA VAL A 350 17.72 25.68 -31.85
C VAL A 350 17.23 24.66 -32.87
N PRO A 351 16.98 23.41 -32.47
CA PRO A 351 16.64 22.37 -33.46
C PRO A 351 15.51 22.82 -34.38
N PHE A 352 15.73 22.63 -35.69
CA PHE A 352 14.83 23.22 -36.68
CA PHE A 352 14.83 23.22 -36.68
C PHE A 352 13.45 22.57 -36.67
N HIS A 353 13.34 21.31 -36.25
CA HIS A 353 12.07 20.59 -36.32
C HIS A 353 11.07 20.98 -35.24
N LEU A 354 11.50 21.69 -34.21
CA LEU A 354 10.64 21.98 -33.07
C LEU A 354 9.53 22.92 -33.48
N LYS A 355 8.39 22.80 -32.81
CA LYS A 355 7.22 23.62 -33.14
C LYS A 355 7.32 24.97 -32.42
N LEU A 356 8.26 25.79 -32.91
CA LEU A 356 8.58 27.08 -32.33
C LEU A 356 8.58 28.14 -33.40
N SER A 357 7.96 29.28 -33.11
CA SER A 357 7.97 30.43 -34.01
C SER A 357 9.35 31.08 -34.07
N LEU A 358 9.54 31.90 -35.11
CA LEU A 358 10.79 32.67 -35.24
C LEU A 358 11.10 33.44 -33.98
N GLU A 359 10.09 34.07 -33.38
CA GLU A 359 10.30 34.89 -32.18
C GLU A 359 10.67 34.03 -30.98
N GLN A 360 10.01 32.88 -30.81
CA GLN A 360 10.41 31.93 -29.78
C GLN A 360 11.84 31.46 -29.98
N ARG A 361 12.22 31.23 -31.24
CA ARG A 361 13.58 30.80 -31.53
C ARG A 361 14.60 31.89 -31.21
N MET A 362 14.27 33.15 -31.52
CA MET A 362 15.20 34.24 -31.23
CA MET A 362 15.18 34.26 -31.24
C MET A 362 15.42 34.41 -29.74
N ALA A 363 14.36 34.23 -28.93
CA ALA A 363 14.51 34.32 -27.49
C ALA A 363 15.37 33.18 -26.94
N PHE A 364 15.19 31.97 -27.49
CA PHE A 364 16.06 30.85 -27.10
C PHE A 364 17.49 31.10 -27.56
N GLY A 365 17.67 31.65 -28.75
CA GLY A 365 19.02 31.98 -29.19
C GLY A 365 19.72 32.91 -28.20
N GLU A 366 18.98 33.86 -27.63
CA GLU A 366 19.61 34.77 -26.68
C GLU A 366 19.99 34.05 -25.40
N GLN A 367 19.19 33.06 -24.98
CA GLN A 367 19.57 32.26 -23.83
C GLN A 367 20.79 31.41 -24.13
N LEU A 368 20.88 30.86 -25.35
CA LEU A 368 22.04 30.09 -25.73
C LEU A 368 23.30 30.95 -25.70
N LYS A 369 23.17 32.22 -26.11
CA LYS A 369 24.34 33.11 -26.09
C LYS A 369 24.77 33.38 -24.64
N GLN A 370 23.79 33.66 -23.77
CA GLN A 370 24.15 33.91 -22.37
C GLN A 370 24.70 32.65 -21.72
N LEU A 371 24.22 31.48 -22.14
CA LEU A 371 24.70 30.21 -21.61
C LEU A 371 26.16 29.96 -21.96
N TYR A 372 26.51 30.06 -23.26
CA TYR A 372 27.85 29.68 -23.70
C TYR A 372 28.83 30.85 -23.74
N TYR A 373 28.35 32.09 -23.85
CA TYR A 373 29.22 33.25 -23.99
C TYR A 373 28.73 34.39 -23.10
N PRO A 374 28.69 34.18 -21.78
CA PRO A 374 28.13 35.22 -20.91
C PRO A 374 29.02 36.44 -20.82
N ASP A 375 30.35 36.27 -20.86
CA ASP A 375 31.27 37.34 -20.52
C ASP A 375 32.30 37.60 -21.62
N SER A 376 31.95 37.32 -22.88
CA SER A 376 32.90 37.48 -23.98
C SER A 376 32.15 37.24 -25.28
N ASN A 377 32.86 37.44 -26.40
CA ASN A 377 32.28 37.25 -27.72
C ASN A 377 33.03 36.16 -28.48
N PRO A 378 32.32 35.32 -29.23
CA PRO A 378 32.97 34.26 -29.99
C PRO A 378 33.97 34.82 -30.99
N SER A 379 35.04 34.06 -31.22
CA SER A 379 36.05 34.37 -32.22
C SER A 379 36.93 33.14 -32.37
N ILE A 380 37.83 33.17 -33.37
CA ILE A 380 38.68 32.01 -33.62
C ILE A 380 39.64 31.77 -32.46
N ASP A 381 39.86 32.77 -31.61
CA ASP A 381 40.70 32.64 -30.43
C ASP A 381 39.88 32.53 -29.15
N ASN A 382 38.57 32.34 -29.26
CA ASN A 382 37.68 32.24 -28.12
C ASN A 382 36.58 31.25 -28.51
N LEU A 383 36.97 29.97 -28.67
CA LEU A 383 36.10 28.94 -29.22
C LEU A 383 35.45 28.04 -28.18
N ASP A 384 35.82 28.14 -26.90
CA ASP A 384 35.37 27.13 -25.93
C ASP A 384 33.85 27.04 -25.89
N GLY A 385 33.16 28.19 -25.84
CA GLY A 385 31.70 28.16 -25.81
C GLY A 385 31.10 27.58 -27.07
N PHE A 386 31.72 27.87 -28.22
CA PHE A 386 31.29 27.33 -29.51
C PHE A 386 31.45 25.80 -29.54
N VAL A 387 32.56 25.30 -29.01
CA VAL A 387 32.75 23.85 -28.93
C VAL A 387 31.73 23.23 -27.98
N ASN A 388 31.49 23.89 -26.85
CA ASN A 388 30.50 23.37 -25.89
C ASN A 388 29.10 23.30 -26.52
N MET A 389 28.67 24.40 -27.17
CA MET A 389 27.42 24.37 -27.93
C MET A 389 27.34 23.19 -28.89
N ALA A 390 28.40 23.00 -29.67
CA ALA A 390 28.41 21.89 -30.63
C ALA A 390 28.33 20.53 -29.91
N SER A 391 29.08 20.36 -28.81
CA SER A 391 28.99 19.13 -28.04
C SER A 391 27.54 18.82 -27.64
N ASP A 392 26.83 19.84 -27.17
CA ASP A 392 25.46 19.66 -26.69
C ASP A 392 24.50 19.43 -27.84
N ARG A 393 24.64 20.22 -28.91
CA ARG A 393 23.73 20.10 -30.05
C ARG A 393 23.89 18.75 -30.72
N ILE A 394 25.13 18.32 -30.96
CA ILE A 394 25.37 17.14 -31.78
C ILE A 394 25.28 15.86 -30.96
N PHE A 395 25.71 15.88 -29.69
CA PHE A 395 25.89 14.62 -28.96
C PHE A 395 25.19 14.61 -27.60
N TRP A 396 25.53 15.55 -26.72
CA TRP A 396 25.18 15.35 -25.33
C TRP A 396 23.72 15.60 -25.03
N HIS A 397 23.02 16.49 -25.73
CA HIS A 397 21.61 16.62 -25.40
C HIS A 397 20.85 15.34 -25.71
N ASP A 398 21.20 14.67 -26.81
CA ASP A 398 20.50 13.46 -27.20
C ASP A 398 20.95 12.24 -26.40
N LEU A 399 22.20 12.24 -25.91
CA LEU A 399 22.58 11.25 -24.90
C LEU A 399 21.73 11.46 -23.65
N HIS A 400 21.58 12.73 -23.24
CA HIS A 400 20.78 13.09 -22.07
C HIS A 400 19.32 12.72 -22.24
N ARG A 401 18.77 12.93 -23.44
CA ARG A 401 17.39 12.52 -23.68
C ARG A 401 17.22 11.02 -23.53
N THR A 402 18.21 10.25 -23.99
CA THR A 402 18.21 8.79 -23.81
C THR A 402 18.25 8.43 -22.33
N ILE A 403 19.11 9.11 -21.57
CA ILE A 403 19.21 8.87 -20.13
C ILE A 403 17.87 9.13 -19.45
N LEU A 404 17.22 10.25 -19.76
CA LEU A 404 15.89 10.53 -19.21
C LEU A 404 14.86 9.51 -19.69
N ALA A 405 14.94 9.09 -20.95
CA ALA A 405 14.02 8.05 -21.38
C ALA A 405 14.24 6.78 -20.57
N ARG A 406 15.50 6.46 -20.27
CA ARG A 406 15.80 5.29 -19.46
C ARG A 406 15.22 5.44 -18.05
N ALA A 407 15.35 6.62 -17.44
CA ALA A 407 14.80 6.78 -16.10
C ALA A 407 13.28 6.67 -16.11
N ASN A 408 12.64 7.02 -17.21
CA ASN A 408 11.19 6.88 -17.27
C ASN A 408 10.74 5.47 -17.64
N TYR A 409 11.43 4.83 -18.59
CA TYR A 409 10.90 3.63 -19.23
C TYR A 409 11.54 2.32 -18.79
N ALA A 410 12.72 2.35 -18.17
CA ALA A 410 13.38 1.13 -17.68
C ALA A 410 12.93 0.87 -16.25
N CYS A 411 12.02 -0.08 -16.07
CA CYS A 411 11.38 -0.21 -14.76
C CYS A 411 12.32 -0.80 -13.73
N THR A 412 13.18 -1.73 -14.14
CA THR A 412 14.00 -2.46 -13.20
C THR A 412 15.46 -2.50 -13.58
N ALA A 413 15.80 -2.34 -14.86
CA ALA A 413 17.18 -2.35 -15.29
C ALA A 413 17.90 -1.08 -14.86
N LYS A 414 19.20 -1.18 -14.70
CA LYS A 414 20.03 -0.06 -14.29
C LYS A 414 20.63 0.63 -15.50
N THR A 415 20.89 1.92 -15.32
CA THR A 415 21.54 2.76 -16.31
C THR A 415 22.69 3.47 -15.61
N PHE A 416 23.90 3.37 -16.18
CA PHE A 416 25.06 4.08 -15.63
C PHE A 416 25.63 5.03 -16.67
N VAL A 417 26.09 6.20 -16.20
CA VAL A 417 26.58 7.27 -17.06
C VAL A 417 28.05 7.51 -16.75
N TYR A 418 28.88 7.56 -17.81
CA TYR A 418 30.28 7.93 -17.67
C TYR A 418 30.57 9.19 -18.48
N ARG A 419 31.69 9.83 -18.13
CA ARG A 419 32.16 11.02 -18.81
C ARG A 419 33.68 10.90 -18.86
N PHE A 420 34.24 11.09 -20.05
CA PHE A 420 35.66 10.89 -20.29
C PHE A 420 36.29 12.23 -20.64
N CYS A 421 37.22 12.71 -19.79
CA CYS A 421 37.87 13.98 -20.08
C CYS A 421 39.39 13.89 -19.98
N VAL A 422 39.95 12.69 -20.11
CA VAL A 422 41.40 12.53 -20.16
C VAL A 422 41.96 13.32 -21.32
N ASP A 423 43.01 14.11 -21.07
CA ASP A 423 43.59 15.00 -22.07
C ASP A 423 45.11 14.83 -22.03
N SER A 424 45.61 13.94 -22.90
CA SER A 424 47.04 13.73 -23.08
C SER A 424 47.58 14.58 -24.22
N PRO A 425 48.82 15.07 -24.12
CA PRO A 425 49.40 15.79 -25.25
C PRO A 425 49.74 14.91 -26.45
N PHE A 426 49.91 13.59 -26.28
CA PHE A 426 50.26 12.73 -27.40
C PHE A 426 49.31 11.56 -27.64
N PHE A 427 48.51 11.14 -26.65
CA PHE A 427 47.77 9.89 -26.79
C PHE A 427 46.32 10.06 -27.22
N ASN A 428 45.79 11.28 -27.22
CA ASN A 428 44.45 11.55 -27.77
C ASN A 428 44.52 11.59 -29.29
N HIS A 429 44.61 10.40 -29.89
CA HIS A 429 45.02 10.32 -31.29
C HIS A 429 44.02 11.00 -32.22
N TYR A 430 42.72 10.87 -31.96
CA TYR A 430 41.77 11.47 -32.90
C TYR A 430 41.90 12.99 -32.88
N ARG A 431 41.98 13.59 -31.70
CA ARG A 431 42.11 15.04 -31.61
C ARG A 431 43.37 15.51 -32.32
N ILE A 432 44.49 14.84 -32.04
CA ILE A 432 45.79 15.26 -32.58
C ILE A 432 45.82 15.11 -34.10
N HIS A 433 45.38 13.96 -34.61
CA HIS A 433 45.55 13.66 -36.03
C HIS A 433 44.37 14.09 -36.91
N MET A 434 43.20 14.38 -36.34
CA MET A 434 42.02 14.72 -37.16
C MET A 434 41.33 16.03 -36.82
N VAL A 435 41.72 16.71 -35.74
CA VAL A 435 41.10 17.98 -35.39
C VAL A 435 42.13 19.08 -35.48
N ASP A 436 43.10 19.07 -34.58
CA ASP A 436 44.12 20.12 -34.52
C ASP A 436 45.30 19.62 -33.73
N PRO A 437 46.53 19.75 -34.24
CA PRO A 437 47.71 19.32 -33.47
C PRO A 437 47.93 20.08 -32.18
N ASN A 438 47.44 21.32 -32.08
CA ASN A 438 47.65 22.13 -30.89
C ASN A 438 46.46 22.13 -29.94
N ALA A 439 45.28 21.70 -30.39
CA ALA A 439 44.10 21.74 -29.54
C ALA A 439 44.27 20.86 -28.30
N ARG A 440 43.62 21.28 -27.22
CA ARG A 440 43.55 20.49 -26.00
C ARG A 440 42.08 20.08 -25.78
N GLY A 441 41.85 19.35 -24.70
CA GLY A 441 40.53 18.80 -24.40
C GLY A 441 40.38 17.40 -24.91
N THR A 442 39.14 16.88 -24.83
CA THR A 442 38.87 15.47 -25.13
C THR A 442 37.86 15.40 -26.28
N SER A 443 38.36 15.17 -27.49
CA SER A 443 37.52 15.21 -28.67
C SER A 443 36.60 14.00 -28.70
N HIS A 444 35.53 14.11 -29.49
CA HIS A 444 34.84 12.92 -29.97
C HIS A 444 35.89 11.94 -30.48
N ALA A 445 35.76 10.66 -30.07
CA ALA A 445 36.60 9.50 -30.46
C ALA A 445 37.95 9.45 -29.72
N ASP A 446 38.27 10.41 -28.85
CA ASP A 446 39.52 10.30 -28.08
C ASP A 446 39.49 9.11 -27.14
N GLU A 447 38.32 8.75 -26.60
CA GLU A 447 38.30 7.63 -25.67
C GLU A 447 38.66 6.33 -26.35
N ILE A 448 38.49 6.25 -27.69
CA ILE A 448 38.81 4.99 -28.40
C ILE A 448 40.28 4.62 -28.24
N SER A 449 41.17 5.63 -28.18
CA SER A 449 42.59 5.37 -27.96
C SER A 449 42.86 4.69 -26.62
N TYR A 450 41.95 4.78 -25.66
CA TYR A 450 42.15 4.22 -24.33
C TYR A 450 41.43 2.89 -24.16
N LEU A 451 40.75 2.41 -25.20
CA LEU A 451 40.12 1.09 -25.22
C LEU A 451 40.73 0.13 -26.23
N PHE A 452 41.14 0.64 -27.39
CA PHE A 452 41.66 -0.17 -28.48
C PHE A 452 43.07 0.28 -28.82
N SER A 453 43.93 -0.67 -29.14
CA SER A 453 45.21 -0.24 -29.70
C SER A 453 45.00 0.22 -31.15
N ASN A 454 45.95 0.99 -31.65
CA ASN A 454 45.84 1.44 -33.03
C ASN A 454 47.24 1.63 -33.59
N ILE A 455 47.30 2.02 -34.86
CA ILE A 455 48.59 2.12 -35.54
C ILE A 455 49.48 3.20 -34.94
N PHE A 456 48.92 4.17 -34.22
CA PHE A 456 49.72 5.19 -33.56
C PHE A 456 50.19 4.80 -32.18
N ALA A 457 49.58 3.79 -31.58
CA ALA A 457 49.86 3.46 -30.18
C ALA A 457 51.20 2.77 -30.04
N LYS A 458 51.92 3.12 -28.99
CA LYS A 458 53.14 2.46 -28.55
C LYS A 458 52.94 1.93 -27.14
N PRO A 459 53.73 0.95 -26.70
CA PRO A 459 53.65 0.51 -25.30
C PRO A 459 53.94 1.70 -24.38
N LEU A 460 53.08 1.89 -23.38
CA LEU A 460 53.18 3.05 -22.49
C LEU A 460 53.90 2.68 -21.20
N ASP A 461 54.72 3.61 -20.71
CA ASP A 461 55.29 3.46 -19.38
C ASP A 461 54.16 3.36 -18.36
N LYS A 462 54.19 2.33 -17.53
CA LYS A 462 53.05 2.04 -16.68
C LYS A 462 52.88 3.02 -15.53
N SER A 463 53.78 4.00 -15.40
CA SER A 463 53.61 5.04 -14.39
C SER A 463 52.97 6.32 -14.94
N THR A 464 52.54 6.33 -16.20
CA THR A 464 51.98 7.53 -16.79
C THR A 464 50.47 7.61 -16.57
N LEU A 465 49.94 8.83 -16.68
CA LEU A 465 48.49 9.00 -16.61
C LEU A 465 47.81 8.30 -17.79
N GLU A 466 48.49 8.23 -18.93
CA GLU A 466 47.88 7.62 -20.11
C GLU A 466 47.63 6.14 -19.88
N TYR A 467 48.64 5.43 -19.37
CA TYR A 467 48.46 4.02 -19.07
C TYR A 467 47.40 3.81 -18.00
N ARG A 468 47.37 4.67 -16.98
CA ARG A 468 46.35 4.57 -15.96
C ARG A 468 44.96 4.78 -16.53
N ALA A 469 44.85 5.68 -17.53
CA ALA A 469 43.56 5.91 -18.17
C ALA A 469 43.10 4.70 -18.98
N ILE A 470 44.03 3.98 -19.63
CA ILE A 470 43.65 2.73 -20.28
C ILE A 470 43.11 1.75 -19.26
N GLN A 471 43.82 1.58 -18.14
CA GLN A 471 43.39 0.66 -17.10
C GLN A 471 41.99 1.00 -16.60
N HIS A 472 41.74 2.28 -16.30
CA HIS A 472 40.44 2.69 -15.79
C HIS A 472 39.33 2.39 -16.80
N LEU A 473 39.53 2.77 -18.06
CA LEU A 473 38.47 2.60 -19.06
C LEU A 473 38.21 1.12 -19.35
N VAL A 474 39.29 0.33 -19.48
CA VAL A 474 39.15 -1.10 -19.73
C VAL A 474 38.50 -1.79 -18.54
N ASP A 475 38.85 -1.37 -17.32
CA ASP A 475 38.27 -1.96 -16.13
C ASP A 475 36.78 -1.68 -16.04
N ILE A 476 36.37 -0.42 -16.27
CA ILE A 476 34.96 -0.08 -16.21
C ILE A 476 34.17 -0.84 -17.27
N PHE A 477 34.68 -0.85 -18.51
CA PHE A 477 33.92 -1.48 -19.59
C PHE A 477 33.84 -2.99 -19.39
N THR A 478 34.97 -3.64 -19.07
CA THR A 478 34.92 -5.10 -18.88
C THR A 478 34.21 -5.49 -17.60
N SER A 479 34.25 -4.66 -16.56
CA SER A 479 33.49 -4.98 -15.36
CA SER A 479 33.49 -4.97 -15.35
C SER A 479 31.99 -4.97 -15.64
N PHE A 480 31.54 -3.99 -16.44
CA PHE A 480 30.15 -3.97 -16.85
C PHE A 480 29.79 -5.21 -17.65
N ALA A 481 30.69 -5.67 -18.51
CA ALA A 481 30.42 -6.85 -19.32
C ALA A 481 30.36 -8.12 -18.48
N THR A 482 31.14 -8.17 -17.38
CA THR A 482 31.22 -9.34 -16.51
C THR A 482 30.15 -9.32 -15.41
N ASN A 483 29.82 -8.16 -14.86
CA ASN A 483 28.97 -8.09 -13.68
C ASN A 483 27.67 -7.32 -13.90
N SER A 484 27.48 -6.73 -15.08
CA SER A 484 26.37 -5.84 -15.37
C SER A 484 26.39 -4.62 -14.45
N ASP A 485 27.57 -4.30 -13.92
CA ASP A 485 27.78 -3.21 -12.99
C ASP A 485 29.20 -2.72 -13.22
N PRO A 486 29.40 -1.45 -13.57
CA PRO A 486 30.74 -0.97 -13.93
C PRO A 486 31.59 -0.56 -12.73
N ASN A 487 31.01 -0.60 -11.51
CA ASN A 487 31.81 -0.44 -10.30
C ASN A 487 32.90 -1.53 -10.27
N CYS A 488 34.14 -1.11 -10.11
CA CYS A 488 35.25 -2.06 -10.16
C CYS A 488 36.31 -1.60 -9.16
N ASP A 489 37.46 -2.27 -9.22
CA ASP A 489 38.57 -1.92 -8.34
C ASP A 489 39.01 -0.48 -8.58
N SER A 490 39.01 -0.05 -9.84
CA SER A 490 39.39 1.32 -10.17
C SER A 490 38.45 2.36 -9.56
N THR A 491 37.23 1.97 -9.17
CA THR A 491 36.28 2.88 -8.54
C THR A 491 35.97 2.47 -7.10
N ALA A 492 36.89 1.74 -6.48
CA ALA A 492 36.60 1.05 -5.21
C ALA A 492 36.08 2.01 -4.14
N SER A 493 36.75 3.15 -3.95
CA SER A 493 36.38 3.99 -2.81
C SER A 493 35.08 4.77 -3.03
N LEU A 494 34.53 4.77 -4.24
CA LEU A 494 33.38 5.57 -4.61
C LEU A 494 32.12 4.72 -4.72
N SER A 495 30.97 5.40 -4.71
CA SER A 495 29.66 4.80 -4.97
C SER A 495 29.13 5.37 -6.29
N TRP A 496 29.43 4.66 -7.39
CA TRP A 496 28.91 5.04 -8.70
C TRP A 496 27.48 4.55 -8.80
N THR A 497 26.54 5.47 -8.70
CA THR A 497 25.12 5.15 -8.60
C THR A 497 24.48 5.13 -9.99
N ALA A 498 23.49 4.25 -10.14
CA ALA A 498 22.71 4.23 -11.37
C ALA A 498 21.78 5.45 -11.44
N VAL A 499 21.31 5.74 -12.64
CA VAL A 499 20.46 6.91 -12.86
C VAL A 499 19.15 6.74 -12.08
N PRO A 500 18.76 7.70 -11.23
CA PRO A 500 17.56 7.53 -10.40
C PRO A 500 16.29 7.89 -11.15
N LYS A 501 15.17 7.38 -10.61
CA LYS A 501 13.88 7.64 -11.23
CA LYS A 501 13.86 7.64 -11.22
C LYS A 501 13.55 9.13 -11.26
N THR A 502 14.13 9.90 -10.34
CA THR A 502 13.94 11.36 -10.29
C THR A 502 14.92 12.10 -11.21
N ALA A 503 15.40 11.46 -12.27
CA ALA A 503 16.67 11.71 -12.99
C ALA A 503 17.00 13.06 -13.61
N PRO A 504 16.07 13.98 -13.87
CA PRO A 504 16.46 15.23 -14.53
C PRO A 504 17.76 15.82 -14.00
N PRO A 505 18.14 15.60 -12.71
CA PRO A 505 19.58 15.60 -12.34
C PRO A 505 20.13 14.20 -12.05
N TYR A 506 21.33 13.87 -12.54
CA TYR A 506 21.92 12.54 -12.32
C TYR A 506 23.44 12.63 -12.27
N ASN A 507 24.05 11.61 -11.67
CA ASN A 507 25.50 11.58 -11.54
C ASN A 507 26.14 10.83 -12.70
N CYS A 508 27.45 11.02 -12.81
CA CYS A 508 28.26 10.27 -13.76
C CYS A 508 29.56 9.91 -13.06
N LEU A 509 30.24 8.90 -13.60
CA LEU A 509 31.64 8.67 -13.25
C LEU A 509 32.50 9.48 -14.21
N ASN A 510 33.20 10.48 -13.68
CA ASN A 510 34.03 11.37 -14.48
C ASN A 510 35.45 10.82 -14.48
N ILE A 511 35.94 10.40 -15.65
CA ILE A 511 37.29 9.84 -15.78
C ILE A 511 38.21 10.94 -16.33
N SER A 512 39.15 11.42 -15.49
CA SER A 512 40.03 12.53 -15.87
C SER A 512 41.50 12.13 -15.69
N ASN A 513 42.40 13.07 -16.05
CA ASN A 513 43.83 12.80 -15.93
C ASN A 513 44.19 12.33 -14.52
N ASP A 514 43.59 12.95 -13.50
CA ASP A 514 43.89 12.63 -12.10
C ASP A 514 43.28 11.31 -11.62
N GLY A 515 42.29 10.76 -12.30
CA GLY A 515 41.68 9.55 -11.78
C GLY A 515 40.19 9.54 -12.09
N VAL A 516 39.40 9.05 -11.15
CA VAL A 516 37.95 8.90 -11.32
C VAL A 516 37.25 9.57 -10.15
N GLU A 517 36.01 10.03 -10.40
CA GLU A 517 35.21 10.68 -9.37
C GLU A 517 33.74 10.59 -9.76
N VAL A 518 32.87 10.51 -8.76
CA VAL A 518 31.43 10.49 -9.01
C VAL A 518 30.88 11.89 -8.74
N VAL A 519 30.36 12.54 -9.79
CA VAL A 519 29.88 13.91 -9.67
C VAL A 519 28.57 14.07 -10.45
N GLU A 520 27.87 15.16 -10.14
CA GLU A 520 26.74 15.52 -10.96
C GLU A 520 27.24 15.81 -12.36
N LEU A 521 26.47 15.41 -13.36
CA LEU A 521 26.88 15.66 -14.73
C LEU A 521 27.28 17.12 -14.90
N PRO A 522 28.53 17.41 -15.29
CA PRO A 522 28.94 18.81 -15.41
C PRO A 522 28.08 19.59 -16.37
N GLU A 523 27.54 18.92 -17.39
CA GLU A 523 26.74 19.59 -18.40
C GLU A 523 25.29 19.80 -17.97
N SER A 524 24.94 19.57 -16.69
CA SER A 524 23.55 19.61 -16.26
C SER A 524 22.88 20.94 -16.56
N ARG A 525 23.55 22.06 -16.21
CA ARG A 525 22.91 23.36 -16.40
C ARG A 525 22.75 23.69 -17.87
N ARG A 526 23.76 23.38 -18.69
CA ARG A 526 23.62 23.55 -20.13
C ARG A 526 22.42 22.76 -20.65
N LEU A 527 22.30 21.49 -20.23
CA LEU A 527 21.27 20.64 -20.81
C LEU A 527 19.87 20.98 -20.29
N GLN A 528 19.78 21.71 -19.18
CA GLN A 528 18.48 22.23 -18.75
C GLN A 528 17.91 23.20 -19.78
N LEU A 529 18.77 24.03 -20.37
CA LEU A 529 18.29 24.95 -21.40
C LEU A 529 17.80 24.17 -22.61
N TRP A 530 18.59 23.17 -23.04
CA TRP A 530 18.21 22.39 -24.22
C TRP A 530 16.87 21.71 -24.00
N ASP A 531 16.66 21.14 -22.80
CA ASP A 531 15.35 20.54 -22.49
C ASP A 531 14.21 21.56 -22.66
N SER A 532 14.46 22.82 -22.34
CA SER A 532 13.40 23.83 -22.37
C SER A 532 12.93 24.13 -23.79
N PHE A 533 13.76 23.86 -24.80
CA PHE A 533 13.37 24.05 -26.18
C PHE A 533 12.21 23.14 -26.58
N TYR A 534 12.04 22.03 -25.88
CA TYR A 534 11.03 21.03 -26.22
C TYR A 534 9.67 21.33 -25.57
N VAL A 535 9.32 22.61 -25.42
CA VAL A 535 8.11 23.00 -24.71
C VAL A 535 6.86 22.52 -25.45
N ASN A 536 6.88 22.58 -26.79
CA ASN A 536 5.77 22.12 -27.62
C ASN A 536 6.05 20.78 -28.28
N ASP A 537 7.04 20.04 -27.81
CA ASP A 537 7.43 18.79 -28.44
C ASP A 537 7.70 17.77 -27.33
N ALA A 538 8.06 16.55 -27.72
CA ALA A 538 8.26 15.47 -26.76
C ALA A 538 9.76 15.25 -26.57
N LEU A 539 10.23 15.45 -25.33
CA LEU A 539 11.63 15.19 -25.01
C LEU A 539 11.97 13.70 -25.16
N PHE A 540 11.06 12.83 -24.75
CA PHE A 540 11.26 11.39 -24.89
C PHE A 540 9.92 10.68 -24.83
N GLU B 5 -28.41 -2.94 -45.91
CA GLU B 5 -28.74 -2.37 -44.61
C GLU B 5 -27.79 -2.92 -43.53
N LEU B 6 -27.87 -4.23 -43.29
CA LEU B 6 -27.02 -4.92 -42.32
C LEU B 6 -26.16 -5.97 -43.00
N ILE B 7 -25.86 -5.76 -44.28
CA ILE B 7 -24.81 -6.47 -44.99
C ILE B 7 -23.52 -5.68 -44.83
N VAL B 8 -22.44 -6.37 -44.50
CA VAL B 8 -21.13 -5.77 -44.28
C VAL B 8 -20.09 -6.59 -45.01
N SER B 9 -19.19 -5.92 -45.73
CA SER B 9 -18.09 -6.61 -46.39
C SER B 9 -16.99 -6.86 -45.37
N THR B 10 -16.58 -8.11 -45.22
CA THR B 10 -15.36 -8.41 -44.50
C THR B 10 -14.24 -8.66 -45.49
N GLY B 11 -13.01 -8.69 -44.98
CA GLY B 11 -11.89 -8.92 -45.87
C GLY B 11 -11.93 -10.25 -46.58
N TYR B 12 -12.76 -11.18 -46.11
CA TYR B 12 -12.89 -12.47 -46.76
C TYR B 12 -14.22 -12.68 -47.46
N GLY B 13 -15.11 -11.69 -47.45
CA GLY B 13 -16.42 -11.86 -48.05
C GLY B 13 -17.52 -11.21 -47.23
N PRO B 14 -18.71 -11.07 -47.81
CA PRO B 14 -19.78 -10.32 -47.15
C PRO B 14 -20.57 -11.18 -46.17
N VAL B 15 -21.19 -10.51 -45.19
CA VAL B 15 -21.89 -11.17 -44.10
C VAL B 15 -23.15 -10.38 -43.75
N GLN B 16 -24.19 -11.12 -43.37
CA GLN B 16 -25.51 -10.53 -43.13
C GLN B 16 -25.87 -10.67 -41.66
N GLY B 17 -26.19 -9.56 -41.01
CA GLY B 17 -26.63 -9.54 -39.64
C GLY B 17 -28.12 -9.29 -39.51
N THR B 18 -28.55 -9.04 -38.28
CA THR B 18 -29.96 -8.86 -38.00
C THR B 18 -30.13 -7.94 -36.81
N ALA B 19 -31.30 -7.31 -36.72
CA ALA B 19 -31.64 -6.50 -35.55
C ALA B 19 -32.18 -7.38 -34.43
N ARG B 20 -31.91 -6.96 -33.20
CA ARG B 20 -32.37 -7.65 -32.02
C ARG B 20 -32.82 -6.61 -31.02
N THR B 21 -33.53 -7.07 -29.99
CA THR B 21 -33.96 -6.24 -28.88
C THR B 21 -33.48 -6.89 -27.59
N SER B 22 -32.86 -6.10 -26.73
CA SER B 22 -32.27 -6.62 -25.52
C SER B 22 -33.36 -6.98 -24.50
N LEU B 23 -32.93 -7.65 -23.42
CA LEU B 23 -33.83 -7.98 -22.32
C LEU B 23 -34.44 -6.73 -21.70
N TYR B 24 -33.79 -5.59 -21.84
CA TYR B 24 -34.30 -4.35 -21.28
C TYR B 24 -34.86 -3.42 -22.33
N GLY B 25 -35.12 -3.93 -23.54
CA GLY B 25 -35.75 -3.16 -24.59
C GLY B 25 -34.81 -2.42 -25.51
N THR B 26 -33.50 -2.52 -25.31
CA THR B 26 -32.55 -1.76 -26.10
C THR B 26 -32.30 -2.42 -27.46
N GLY B 27 -32.48 -1.65 -28.52
CA GLY B 27 -32.24 -2.20 -29.86
C GLY B 27 -30.76 -2.31 -30.15
N TYR B 28 -30.39 -3.37 -30.88
CA TYR B 28 -29.01 -3.57 -31.27
C TYR B 28 -28.99 -4.47 -32.49
N VAL B 29 -27.80 -4.66 -33.05
CA VAL B 29 -27.63 -5.52 -34.21
C VAL B 29 -26.60 -6.58 -33.89
N SER B 30 -26.74 -7.76 -34.52
CA SER B 30 -25.88 -8.89 -34.20
C SER B 30 -25.42 -9.59 -35.47
N PHE B 31 -24.16 -10.02 -35.47
CA PHE B 31 -23.59 -10.92 -36.45
C PHE B 31 -23.03 -12.11 -35.71
N GLN B 32 -23.47 -13.32 -36.06
CA GLN B 32 -22.99 -14.51 -35.37
C GLN B 32 -22.47 -15.53 -36.36
N GLY B 33 -21.34 -16.15 -36.01
CA GLY B 33 -20.77 -17.19 -36.83
C GLY B 33 -19.96 -16.73 -38.02
N ILE B 34 -19.35 -15.55 -37.95
CA ILE B 34 -18.44 -15.06 -38.98
C ILE B 34 -17.16 -15.90 -38.96
N PRO B 35 -16.83 -16.59 -40.05
CA PRO B 35 -15.59 -17.38 -40.09
C PRO B 35 -14.37 -16.47 -40.04
N TYR B 36 -13.37 -16.83 -39.21
CA TYR B 36 -12.10 -16.14 -39.18
C TYR B 36 -10.92 -17.06 -39.48
N ALA B 37 -11.15 -18.35 -39.66
CA ALA B 37 -10.10 -19.29 -39.99
C ALA B 37 -10.66 -20.33 -40.95
N LYS B 38 -9.76 -21.02 -41.63
CA LYS B 38 -10.15 -22.15 -42.45
C LYS B 38 -10.55 -23.31 -41.54
N PRO B 39 -11.63 -24.02 -41.83
CA PRO B 39 -12.11 -25.07 -40.94
C PRO B 39 -11.05 -26.13 -40.68
N PRO B 40 -10.75 -26.42 -39.42
CA PRO B 40 -9.67 -27.35 -39.05
C PRO B 40 -10.13 -28.81 -39.05
N VAL B 41 -10.47 -29.34 -40.22
CA VAL B 41 -11.06 -30.66 -40.32
C VAL B 41 -10.15 -31.57 -41.15
N GLY B 42 -10.36 -32.87 -41.00
CA GLY B 42 -9.62 -33.82 -41.79
C GLY B 42 -8.15 -33.79 -41.41
N GLU B 43 -7.28 -33.55 -42.41
CA GLU B 43 -5.85 -33.45 -42.16
C GLU B 43 -5.47 -32.22 -41.34
N LEU B 44 -6.36 -31.23 -41.27
CA LEU B 44 -6.08 -30.00 -40.54
C LEU B 44 -6.47 -30.09 -39.07
N ARG B 45 -7.08 -31.20 -38.63
CA ARG B 45 -7.37 -31.38 -37.22
C ARG B 45 -6.09 -31.34 -36.40
N PHE B 46 -6.12 -30.60 -35.30
CA PHE B 46 -5.04 -30.38 -34.35
C PHE B 46 -4.02 -29.37 -34.87
N LYS B 47 -4.15 -28.88 -36.10
CA LYS B 47 -3.14 -27.99 -36.68
C LYS B 47 -3.45 -26.54 -36.31
N ASP B 48 -2.39 -25.72 -36.32
CA ASP B 48 -2.59 -24.29 -36.07
C ASP B 48 -3.51 -23.72 -37.14
N PRO B 49 -4.30 -22.71 -36.79
CA PRO B 49 -5.28 -22.16 -37.75
C PRO B 49 -4.66 -21.27 -38.79
N THR B 50 -5.28 -21.24 -39.96
CA THR B 50 -4.87 -20.38 -41.06
C THR B 50 -6.09 -19.60 -41.56
N PRO B 51 -5.88 -18.54 -42.34
CA PRO B 51 -7.03 -17.72 -42.74
C PRO B 51 -7.96 -18.48 -43.66
N PRO B 52 -9.23 -18.13 -43.70
CA PRO B 52 -10.19 -18.87 -44.53
C PRO B 52 -10.09 -18.44 -45.99
N GLU B 53 -10.63 -19.29 -46.86
CA GLU B 53 -10.73 -18.94 -48.26
C GLU B 53 -11.81 -17.88 -48.44
N ASN B 54 -11.56 -16.92 -49.32
CA ASN B 54 -12.55 -15.90 -49.58
C ASN B 54 -13.83 -16.54 -50.12
N TRP B 55 -14.96 -15.88 -49.82
CA TRP B 55 -16.25 -16.28 -50.37
C TRP B 55 -16.91 -15.04 -50.97
N THR B 56 -17.88 -15.28 -51.86
CA THR B 56 -18.58 -14.19 -52.56
C THR B 56 -20.07 -14.14 -52.25
N GLN B 57 -20.68 -15.26 -51.89
CA GLN B 57 -22.08 -15.25 -51.49
C GLN B 57 -22.23 -14.64 -50.09
N VAL B 58 -23.27 -13.82 -49.93
CA VAL B 58 -23.54 -13.19 -48.63
C VAL B 58 -23.82 -14.27 -47.59
N LEU B 59 -23.05 -14.27 -46.50
CA LEU B 59 -23.14 -15.32 -45.50
C LEU B 59 -24.18 -14.96 -44.45
N ASP B 60 -25.15 -15.85 -44.25
CA ASP B 60 -26.17 -15.67 -43.22
C ASP B 60 -25.50 -15.74 -41.85
N CYS B 61 -25.47 -14.61 -41.14
CA CYS B 61 -24.93 -14.54 -39.79
C CYS B 61 -26.00 -14.06 -38.82
N THR B 62 -27.26 -14.39 -39.10
CA THR B 62 -28.39 -13.96 -38.30
C THR B 62 -28.75 -14.92 -37.18
N GLU B 63 -28.06 -16.05 -37.08
CA GLU B 63 -28.33 -17.07 -36.07
C GLU B 63 -27.03 -17.51 -35.42
N GLN B 64 -27.13 -17.92 -34.15
CA GLN B 64 -25.99 -18.45 -33.42
C GLN B 64 -25.41 -19.70 -34.09
N CYS B 65 -24.09 -19.79 -34.11
CA CYS B 65 -23.36 -20.90 -34.71
C CYS B 65 -23.04 -21.97 -33.66
N ASP B 66 -22.64 -23.14 -34.12
CA ASP B 66 -22.28 -24.21 -33.20
C ASP B 66 -21.00 -23.87 -32.46
N PRO B 67 -20.87 -24.32 -31.21
CA PRO B 67 -19.59 -24.17 -30.51
C PRO B 67 -18.56 -25.18 -31.00
N CYS B 68 -17.33 -25.00 -30.53
CA CYS B 68 -16.32 -26.03 -30.71
C CYS B 68 -16.74 -27.28 -29.92
N PHE B 69 -16.23 -28.44 -30.34
CA PHE B 69 -16.56 -29.71 -29.71
C PHE B 69 -16.15 -29.73 -28.24
N HIS B 70 -17.11 -29.99 -27.37
CA HIS B 70 -16.82 -30.13 -25.95
C HIS B 70 -18.01 -30.85 -25.31
N PHE B 71 -17.85 -31.19 -24.04
CA PHE B 71 -18.97 -31.72 -23.26
C PHE B 71 -19.66 -30.56 -22.56
N ASP B 72 -20.91 -30.30 -22.92
CA ASP B 72 -21.67 -29.18 -22.40
C ASP B 72 -22.39 -29.64 -21.14
N ARG B 73 -21.96 -29.11 -19.99
CA ARG B 73 -22.53 -29.49 -18.70
C ARG B 73 -23.96 -28.98 -18.53
N ARG B 74 -24.36 -27.94 -19.26
CA ARG B 74 -25.73 -27.44 -19.14
C ARG B 74 -26.72 -28.43 -19.75
N VAL B 75 -26.38 -29.03 -20.90
CA VAL B 75 -27.25 -29.98 -21.57
C VAL B 75 -26.82 -31.43 -21.37
N ASN B 76 -25.76 -31.66 -20.59
CA ASN B 76 -25.25 -33.00 -20.25
C ASN B 76 -25.02 -33.91 -21.45
N ILE B 78 -22.24 -34.25 -25.38
CA ILE B 78 -21.25 -33.69 -26.29
C ILE B 78 -21.99 -32.84 -27.33
N VAL B 79 -21.49 -31.61 -27.53
CA VAL B 79 -22.04 -30.66 -28.50
C VAL B 79 -20.90 -30.14 -29.35
N GLY B 80 -21.25 -29.46 -30.42
CA GLY B 80 -20.31 -28.68 -31.21
C GLY B 80 -20.07 -29.26 -32.59
N SER B 81 -19.19 -28.55 -33.31
CA SER B 81 -18.75 -28.93 -34.63
C SER B 81 -17.28 -28.55 -34.79
N GLU B 82 -16.57 -29.28 -35.64
CA GLU B 82 -15.17 -28.92 -35.89
C GLU B 82 -15.07 -27.67 -36.76
N ASP B 83 -16.10 -27.39 -37.57
CA ASP B 83 -16.16 -26.16 -38.34
C ASP B 83 -16.77 -25.06 -37.47
N SER B 84 -15.96 -24.60 -36.50
CA SER B 84 -16.51 -23.66 -35.53
C SER B 84 -15.55 -22.50 -35.21
N LEU B 85 -14.56 -22.22 -36.06
CA LEU B 85 -13.65 -21.10 -35.82
C LEU B 85 -14.31 -19.83 -36.33
N ARG B 86 -15.23 -19.31 -35.52
CA ARG B 86 -16.09 -18.22 -35.88
C ARG B 86 -16.17 -17.24 -34.73
N LEU B 87 -16.62 -16.03 -35.04
CA LEU B 87 -16.78 -15.00 -34.02
C LEU B 87 -18.10 -14.27 -34.24
N ASN B 88 -18.46 -13.46 -33.25
CA ASN B 88 -19.74 -12.77 -33.21
C ASN B 88 -19.52 -11.30 -32.87
N ILE B 89 -20.37 -10.44 -33.43
CA ILE B 89 -20.27 -9.00 -33.23
C ILE B 89 -21.61 -8.45 -32.81
N PHE B 90 -21.62 -7.62 -31.77
CA PHE B 90 -22.83 -7.01 -31.25
C PHE B 90 -22.62 -5.54 -30.97
N SER B 91 -23.52 -4.69 -31.46
CA SER B 91 -23.46 -3.28 -31.15
C SER B 91 -24.80 -2.64 -31.44
N LYS B 92 -25.11 -1.57 -30.70
CA LYS B 92 -26.34 -0.81 -30.98
C LYS B 92 -26.47 -0.49 -32.46
N THR B 93 -25.40 0.01 -33.08
CA THR B 93 -25.42 0.30 -34.52
C THR B 93 -24.04 0.00 -35.10
N ILE B 94 -24.02 -0.45 -36.35
CA ILE B 94 -22.74 -0.63 -37.05
C ILE B 94 -22.42 0.63 -37.85
N LYS B 95 -23.21 1.69 -37.64
CA LYS B 95 -22.97 2.99 -38.28
C LYS B 95 -23.04 4.10 -37.23
N PRO B 96 -22.19 4.05 -36.21
CA PRO B 96 -22.19 5.11 -35.20
C PRO B 96 -21.58 6.38 -35.78
N THR B 97 -21.75 7.48 -35.03
CA THR B 97 -21.27 8.77 -35.52
C THR B 97 -19.75 8.82 -35.59
N LYS B 98 -19.07 8.02 -34.76
CA LYS B 98 -17.62 7.93 -34.74
C LYS B 98 -17.28 6.51 -34.33
N PRO B 99 -16.12 5.99 -34.74
CA PRO B 99 -15.76 4.61 -34.37
C PRO B 99 -15.73 4.43 -32.85
N LEU B 100 -16.15 3.24 -32.41
CA LEU B 100 -16.38 2.98 -31.00
C LEU B 100 -15.32 2.06 -30.41
N PRO B 101 -15.10 2.14 -29.10
CA PRO B 101 -14.21 1.18 -28.44
C PRO B 101 -14.72 -0.24 -28.64
N VAL B 102 -13.81 -1.19 -28.71
CA VAL B 102 -14.14 -2.58 -29.01
C VAL B 102 -13.77 -3.43 -27.81
N MET B 103 -14.68 -4.29 -27.37
CA MET B 103 -14.31 -5.29 -26.37
C MET B 103 -14.44 -6.69 -26.93
N VAL B 104 -13.38 -7.48 -26.76
CA VAL B 104 -13.29 -8.83 -27.29
C VAL B 104 -13.19 -9.78 -26.12
N TYR B 105 -14.15 -10.71 -26.03
CA TYR B 105 -14.25 -11.62 -24.90
C TYR B 105 -13.71 -12.99 -25.25
N ILE B 106 -12.96 -13.57 -24.31
CA ILE B 106 -12.46 -14.93 -24.40
C ILE B 106 -13.09 -15.75 -23.27
N TYR B 107 -13.91 -16.75 -23.63
CA TYR B 107 -14.59 -17.52 -22.60
C TYR B 107 -13.64 -18.43 -21.83
N GLY B 108 -14.07 -18.79 -20.61
CA GLY B 108 -13.40 -19.77 -19.78
C GLY B 108 -13.97 -21.16 -19.99
N GLY B 109 -13.62 -22.06 -19.09
CA GLY B 109 -13.96 -23.45 -19.31
C GLY B 109 -12.79 -24.40 -19.19
N GLY B 110 -11.72 -23.98 -18.52
CA GLY B 110 -10.60 -24.87 -18.27
C GLY B 110 -9.85 -25.36 -19.49
N PHE B 111 -9.98 -24.68 -20.63
CA PHE B 111 -9.38 -25.07 -21.91
C PHE B 111 -9.95 -26.39 -22.41
N VAL B 112 -10.97 -26.93 -21.75
CA VAL B 112 -11.60 -28.18 -22.16
C VAL B 112 -13.06 -27.99 -22.54
N GLU B 113 -13.65 -26.88 -22.12
CA GLU B 113 -15.04 -26.61 -22.50
C GLU B 113 -15.25 -25.13 -22.81
N GLY B 114 -16.39 -24.83 -23.41
CA GLY B 114 -16.77 -23.44 -23.58
C GLY B 114 -17.57 -23.24 -24.85
N THR B 115 -18.19 -22.07 -24.93
CA THR B 115 -19.01 -21.66 -26.05
C THR B 115 -19.15 -20.15 -26.03
N SER B 116 -19.35 -19.56 -27.20
CA SER B 116 -19.69 -18.13 -27.28
C SER B 116 -21.20 -17.92 -27.36
N GLY B 117 -21.98 -18.98 -27.20
CA GLY B 117 -23.42 -18.84 -27.31
C GLY B 117 -23.99 -17.86 -26.31
N THR B 118 -25.06 -17.18 -26.72
CA THR B 118 -25.66 -16.16 -25.87
C THR B 118 -26.45 -16.76 -24.71
N GLU B 119 -26.65 -18.07 -24.68
CA GLU B 119 -27.21 -18.71 -23.49
C GLU B 119 -26.29 -18.56 -22.28
N LEU B 120 -25.02 -18.26 -22.51
CA LEU B 120 -24.09 -17.93 -21.44
C LEU B 120 -23.55 -16.51 -21.57
N TYR B 121 -23.26 -16.07 -22.79
CA TYR B 121 -22.62 -14.77 -22.95
C TYR B 121 -23.43 -13.83 -23.84
N GLY B 122 -24.61 -13.43 -23.37
CA GLY B 122 -25.47 -12.56 -24.13
C GLY B 122 -25.02 -11.10 -24.06
N PRO B 123 -25.10 -10.40 -25.18
CA PRO B 123 -24.60 -9.02 -25.25
C PRO B 123 -25.47 -7.99 -24.56
N ASP B 124 -26.59 -8.39 -23.94
CA ASP B 124 -27.68 -7.45 -23.67
C ASP B 124 -27.26 -6.32 -22.75
N TYR B 125 -26.42 -6.60 -21.76
CA TYR B 125 -26.08 -5.57 -20.80
C TYR B 125 -24.99 -4.65 -21.35
N LEU B 126 -24.03 -5.23 -22.08
CA LEU B 126 -22.89 -4.43 -22.51
C LEU B 126 -23.25 -3.49 -23.66
N ILE B 127 -24.25 -3.84 -24.47
CA ILE B 127 -24.60 -2.99 -25.60
C ILE B 127 -25.43 -1.78 -25.18
N GLU B 128 -25.77 -1.65 -23.90
CA GLU B 128 -26.32 -0.39 -23.42
C GLU B 128 -25.31 0.73 -23.55
N LYS B 129 -24.03 0.40 -23.64
CA LYS B 129 -22.98 1.41 -23.74
C LYS B 129 -22.49 1.49 -25.18
N ASP B 130 -21.75 2.57 -25.48
CA ASP B 130 -21.25 2.81 -26.83
C ASP B 130 -19.94 2.03 -27.03
N ILE B 131 -20.08 0.71 -27.13
CA ILE B 131 -18.98 -0.19 -27.45
C ILE B 131 -19.43 -1.17 -28.53
N VAL B 132 -18.46 -1.82 -29.15
CA VAL B 132 -18.69 -2.96 -30.03
C VAL B 132 -18.19 -4.21 -29.32
N LEU B 133 -19.09 -5.15 -29.10
CA LEU B 133 -18.75 -6.38 -28.37
C LEU B 133 -18.43 -7.49 -29.36
N VAL B 134 -17.33 -8.19 -29.14
CA VAL B 134 -16.95 -9.34 -29.94
C VAL B 134 -16.82 -10.55 -29.02
N THR B 135 -17.49 -11.64 -29.38
CA THR B 135 -17.22 -12.93 -28.74
C THR B 135 -16.77 -13.91 -29.81
N LEU B 136 -16.08 -14.98 -29.39
CA LEU B 136 -15.47 -15.85 -30.38
C LEU B 136 -15.35 -17.26 -29.83
N ASN B 137 -15.33 -18.23 -30.75
CA ASN B 137 -15.04 -19.62 -30.45
C ASN B 137 -13.56 -19.87 -30.63
N TYR B 138 -12.99 -20.68 -29.75
CA TYR B 138 -11.63 -21.17 -29.93
C TYR B 138 -11.60 -22.63 -29.53
N ARG B 139 -10.76 -23.42 -30.17
CA ARG B 139 -10.81 -24.86 -29.92
C ARG B 139 -10.38 -25.20 -28.49
N VAL B 140 -11.04 -26.19 -27.90
CA VAL B 140 -10.78 -26.62 -26.52
C VAL B 140 -10.55 -28.13 -26.52
N GLY B 141 -10.10 -28.63 -25.38
CA GLY B 141 -9.79 -30.05 -25.24
C GLY B 141 -8.62 -30.48 -26.10
N ALA B 142 -8.56 -31.79 -26.36
CA ALA B 142 -7.51 -32.30 -27.22
C ALA B 142 -7.57 -31.70 -28.61
N LEU B 143 -8.77 -31.30 -29.07
CA LEU B 143 -8.85 -30.72 -30.41
C LEU B 143 -8.13 -29.38 -30.48
N GLY B 144 -8.03 -28.66 -29.35
CA GLY B 144 -7.37 -27.36 -29.34
C GLY B 144 -5.98 -27.35 -28.74
N PHE B 145 -5.56 -28.41 -28.04
CA PHE B 145 -4.32 -28.31 -27.26
C PHE B 145 -3.50 -29.59 -27.31
N LEU B 146 -3.68 -30.40 -28.35
CA LEU B 146 -2.77 -31.51 -28.56
C LEU B 146 -1.38 -30.96 -28.89
N CYS B 147 -0.37 -31.75 -28.56
CA CYS B 147 1.01 -31.36 -28.78
C CYS B 147 1.81 -32.60 -29.14
N CYS B 148 2.40 -32.60 -30.34
CA CYS B 148 3.25 -33.66 -30.83
C CYS B 148 4.69 -33.15 -30.96
N GLN B 149 5.66 -33.99 -30.60
CA GLN B 149 7.05 -33.53 -30.50
C GLN B 149 7.68 -33.32 -31.87
N SER B 150 7.40 -34.20 -32.84
CA SER B 150 8.07 -34.11 -34.13
C SER B 150 7.55 -32.91 -34.92
N PRO B 151 8.43 -32.08 -35.49
CA PRO B 151 7.94 -30.93 -36.28
C PRO B 151 7.16 -31.32 -37.53
N THR B 152 7.47 -32.47 -38.13
CA THR B 152 6.77 -32.89 -39.33
C THR B 152 5.29 -33.18 -39.07
N ALA B 153 4.91 -33.40 -37.81
CA ALA B 153 3.51 -33.68 -37.49
C ALA B 153 2.64 -32.45 -37.64
N GLY B 154 3.22 -31.25 -37.51
CA GLY B 154 2.45 -30.03 -37.65
C GLY B 154 1.52 -29.72 -36.49
N VAL B 155 1.77 -30.29 -35.31
CA VAL B 155 0.96 -30.00 -34.13
C VAL B 155 1.88 -29.50 -33.02
N PRO B 156 2.36 -28.24 -33.08
CA PRO B 156 3.28 -27.76 -32.05
C PRO B 156 2.63 -27.48 -30.70
N GLY B 157 1.31 -27.37 -30.65
CA GLY B 157 0.60 -27.03 -29.43
C GLY B 157 -0.08 -25.68 -29.51
N ASN B 158 -0.95 -25.45 -28.51
CA ASN B 158 -1.60 -24.16 -28.29
C ASN B 158 -2.49 -23.73 -29.46
N ALA B 159 -3.11 -24.69 -30.16
CA ALA B 159 -3.96 -24.32 -31.29
C ALA B 159 -5.07 -23.38 -30.85
N GLY B 160 -5.67 -23.64 -29.68
CA GLY B 160 -6.77 -22.82 -29.21
C GLY B 160 -6.38 -21.40 -28.89
N LEU B 161 -5.18 -21.19 -28.31
CA LEU B 161 -4.67 -19.83 -28.16
C LEU B 161 -4.35 -19.20 -29.52
N LYS B 162 -3.88 -20.00 -30.47
CA LYS B 162 -3.60 -19.45 -31.79
C LYS B 162 -4.89 -19.17 -32.54
N ASP B 163 -5.96 -19.93 -32.27
CA ASP B 163 -7.27 -19.55 -32.78
C ASP B 163 -7.63 -18.15 -32.31
N GLN B 164 -7.52 -17.93 -30.99
CA GLN B 164 -7.80 -16.61 -30.42
C GLN B 164 -6.96 -15.54 -31.11
N ARG B 165 -5.68 -15.82 -31.30
CA ARG B 165 -4.78 -14.86 -31.95
C ARG B 165 -5.28 -14.50 -33.34
N LEU B 166 -5.65 -15.51 -34.13
CA LEU B 166 -6.13 -15.26 -35.49
C LEU B 166 -7.43 -14.47 -35.48
N ALA B 167 -8.33 -14.75 -34.53
CA ALA B 167 -9.53 -13.92 -34.37
C ALA B 167 -9.19 -12.49 -33.96
N LEU B 168 -8.18 -12.31 -33.11
CA LEU B 168 -7.77 -10.95 -32.77
C LEU B 168 -7.20 -10.23 -33.98
N ARG B 169 -6.47 -10.96 -34.84
CA ARG B 169 -5.99 -10.35 -36.07
C ARG B 169 -7.17 -9.97 -36.98
N TRP B 170 -8.20 -10.84 -37.02
CA TRP B 170 -9.40 -10.51 -37.79
C TRP B 170 -10.06 -9.24 -37.28
N VAL B 171 -10.14 -9.08 -35.95
CA VAL B 171 -10.77 -7.88 -35.39
C VAL B 171 -9.98 -6.64 -35.76
N ARG B 172 -8.65 -6.72 -35.68
CA ARG B 172 -7.84 -5.57 -36.05
C ARG B 172 -8.10 -5.14 -37.50
N ASP B 173 -8.22 -6.12 -38.41
CA ASP B 173 -8.36 -5.83 -39.83
C ASP B 173 -9.78 -5.49 -40.25
N ASN B 174 -10.80 -5.95 -39.53
CA ASN B 174 -12.15 -5.86 -40.04
C ASN B 174 -13.13 -5.08 -39.18
N ILE B 175 -12.84 -4.84 -37.90
CA ILE B 175 -13.87 -4.30 -37.01
C ILE B 175 -14.29 -2.89 -37.40
N ALA B 176 -13.46 -2.16 -38.16
CA ALA B 176 -13.87 -0.82 -38.60
C ALA B 176 -15.10 -0.88 -39.49
N SER B 177 -15.28 -1.97 -40.24
CA SER B 177 -16.51 -2.10 -41.02
C SER B 177 -17.76 -2.26 -40.16
N PHE B 178 -17.62 -2.50 -38.85
CA PHE B 178 -18.77 -2.65 -37.97
C PHE B 178 -18.91 -1.51 -36.97
N GLY B 179 -18.23 -0.39 -37.22
CA GLY B 179 -18.30 0.73 -36.32
C GLY B 179 -17.27 0.73 -35.22
N GLY B 180 -16.32 -0.20 -35.24
CA GLY B 180 -15.33 -0.33 -34.19
C GLY B 180 -14.05 0.40 -34.54
N ASP B 181 -13.37 0.89 -33.50
CA ASP B 181 -12.06 1.54 -33.63
C ASP B 181 -10.97 0.49 -33.38
N PRO B 182 -10.24 0.04 -34.40
CA PRO B 182 -9.22 -0.99 -34.18
C PRO B 182 -8.02 -0.50 -33.38
N SER B 183 -7.97 0.79 -33.03
CA SER B 183 -6.93 1.31 -32.16
CA SER B 183 -6.95 1.35 -32.16
C SER B 183 -7.41 1.49 -30.72
N ALA B 184 -8.57 0.92 -30.38
CA ALA B 184 -9.11 1.01 -29.03
C ALA B 184 -9.81 -0.32 -28.72
N ILE B 185 -9.03 -1.40 -28.78
CA ILE B 185 -9.52 -2.75 -28.48
C ILE B 185 -9.11 -3.13 -27.07
N THR B 186 -10.11 -3.50 -26.27
CA THR B 186 -9.91 -4.08 -24.95
C THR B 186 -10.16 -5.58 -25.05
N LEU B 187 -9.19 -6.37 -24.62
CA LEU B 187 -9.35 -7.82 -24.55
C LEU B 187 -9.71 -8.19 -23.12
N PHE B 188 -10.80 -8.96 -22.95
CA PHE B 188 -11.15 -9.38 -21.60
C PHE B 188 -11.62 -10.83 -21.65
N GLY B 189 -11.55 -11.48 -20.50
CA GLY B 189 -11.81 -12.91 -20.47
C GLY B 189 -11.72 -13.44 -19.04
N HIS B 190 -12.44 -14.53 -18.77
CA HIS B 190 -12.60 -15.02 -17.40
C HIS B 190 -12.08 -16.46 -17.25
N SER B 191 -11.45 -16.74 -16.11
CA SER B 191 -11.00 -18.08 -15.73
C SER B 191 -9.92 -18.53 -16.71
N ALA B 192 -10.07 -19.67 -17.40
CA ALA B 192 -9.16 -20.01 -18.48
C ALA B 192 -9.11 -18.90 -19.51
N GLY B 193 -10.24 -18.20 -19.73
CA GLY B 193 -10.21 -17.04 -20.60
C GLY B 193 -9.40 -15.88 -20.04
N GLY B 194 -9.34 -15.75 -18.72
CA GLY B 194 -8.48 -14.74 -18.13
C GLY B 194 -7.01 -15.06 -18.29
N ALA B 195 -6.65 -16.34 -18.07
CA ALA B 195 -5.28 -16.76 -18.36
C ALA B 195 -4.96 -16.56 -19.83
N SER B 196 -5.94 -16.81 -20.71
CA SER B 196 -5.76 -16.56 -22.15
C SER B 196 -5.45 -15.08 -22.43
N VAL B 197 -6.26 -14.17 -21.85
CA VAL B 197 -6.01 -12.74 -22.00
C VAL B 197 -4.57 -12.41 -21.64
N GLN B 198 -4.12 -12.90 -20.48
CA GLN B 198 -2.75 -12.62 -20.05
C GLN B 198 -1.73 -13.23 -21.01
N TYR B 199 -2.00 -14.44 -21.50
CA TYR B 199 -1.11 -15.06 -22.48
C TYR B 199 -0.89 -14.14 -23.68
N HIS B 200 -1.96 -13.54 -24.20
CA HIS B 200 -1.80 -12.64 -25.34
C HIS B 200 -0.98 -11.41 -24.96
N THR B 201 -1.11 -10.93 -23.71
CA THR B 201 -0.34 -9.75 -23.30
C THR B 201 1.14 -10.07 -23.10
N ILE B 202 1.51 -11.34 -22.88
CA ILE B 202 2.91 -11.70 -22.66
C ILE B 202 3.56 -12.32 -23.90
N ALA B 203 2.79 -12.70 -24.91
CA ALA B 203 3.30 -13.39 -26.08
C ALA B 203 3.52 -12.38 -27.20
N ASP B 204 4.75 -12.35 -27.75
CA ASP B 204 5.04 -11.49 -28.88
C ASP B 204 4.19 -11.87 -30.09
N ALA B 205 3.72 -13.12 -30.15
CA ALA B 205 2.87 -13.55 -31.25
C ALA B 205 1.60 -12.70 -31.37
N SER B 206 1.14 -12.09 -30.27
CA SER B 206 -0.04 -11.23 -30.29
C SER B 206 0.28 -9.78 -30.04
N ASN B 208 0.63 -5.98 -29.73
CA ASN B 208 -0.14 -4.82 -30.21
C ASN B 208 -1.41 -5.13 -31.03
N LEU B 209 -1.93 -6.34 -30.96
CA LEU B 209 -3.24 -6.60 -31.57
C LEU B 209 -4.36 -5.85 -30.86
N PHE B 210 -4.13 -5.45 -29.60
CA PHE B 210 -5.11 -4.74 -28.80
C PHE B 210 -4.34 -3.79 -27.89
N GLN B 211 -5.09 -2.89 -27.23
CA GLN B 211 -4.48 -1.75 -26.55
C GLN B 211 -4.65 -1.74 -25.04
N ARG B 212 -5.46 -2.62 -24.48
CA ARG B 212 -5.65 -2.74 -23.03
C ARG B 212 -6.38 -4.06 -22.78
N ALA B 213 -6.39 -4.47 -21.52
CA ALA B 213 -6.87 -5.82 -21.22
C ALA B 213 -7.52 -5.83 -19.84
N ILE B 214 -8.53 -6.70 -19.68
CA ILE B 214 -9.12 -6.98 -18.37
C ILE B 214 -8.95 -8.46 -18.09
N ILE B 215 -8.23 -8.78 -17.01
CA ILE B 215 -7.93 -10.14 -16.61
C ILE B 215 -8.85 -10.52 -15.45
N MET B 216 -9.69 -11.55 -15.67
CA MET B 216 -10.82 -11.89 -14.79
C MET B 216 -10.59 -13.28 -14.19
N SER B 217 -10.18 -13.35 -12.92
CA SER B 217 -10.15 -14.61 -12.14
C SER B 217 -9.40 -15.75 -12.85
N GLY B 218 -8.23 -15.42 -13.37
CA GLY B 218 -7.38 -16.41 -14.01
C GLY B 218 -6.11 -15.70 -14.44
N SER B 219 -5.04 -16.48 -14.60
CA SER B 219 -3.75 -15.83 -14.81
C SER B 219 -2.76 -16.86 -15.33
N THR B 220 -1.80 -16.38 -16.13
CA THR B 220 -0.68 -17.22 -16.54
C THR B 220 0.16 -17.65 -15.35
N MET B 221 0.08 -16.92 -14.23
CA MET B 221 0.78 -17.35 -13.03
C MET B 221 0.15 -18.56 -12.35
N CYS B 222 -1.08 -18.91 -12.70
CA CYS B 222 -1.70 -20.12 -12.14
C CYS B 222 -1.05 -21.37 -12.70
N SER B 223 -0.71 -22.34 -11.83
CA SER B 223 -0.10 -23.55 -12.33
C SER B 223 -1.02 -24.30 -13.29
N TRP B 224 -2.35 -24.13 -13.16
CA TRP B 224 -3.28 -24.82 -14.05
C TRP B 224 -3.32 -24.22 -15.46
N ALA B 225 -2.65 -23.10 -15.70
CA ALA B 225 -2.63 -22.46 -17.01
C ALA B 225 -1.57 -23.06 -17.94
N LEU B 226 -0.83 -24.06 -17.49
CA LEU B 226 0.25 -24.65 -18.27
C LEU B 226 0.34 -26.13 -17.94
N THR B 227 0.55 -26.97 -18.96
CA THR B 227 0.67 -28.39 -18.67
C THR B 227 1.96 -28.95 -19.26
N PRO B 228 2.54 -29.97 -18.62
CA PRO B 228 3.71 -30.64 -19.20
C PRO B 228 3.28 -31.72 -20.19
N GLN B 229 4.23 -32.13 -21.02
CA GLN B 229 3.97 -33.13 -22.04
C GLN B 229 4.54 -34.47 -21.60
N ARG B 230 3.68 -35.53 -21.59
CA ARG B 230 4.05 -36.92 -21.26
C ARG B 230 3.21 -37.84 -22.16
N ASN B 231 3.68 -38.04 -23.40
CA ASN B 231 3.05 -38.79 -24.49
C ASN B 231 1.53 -38.81 -24.42
N TRP B 232 0.93 -37.63 -24.35
CA TRP B 232 -0.52 -37.53 -24.26
C TRP B 232 -1.21 -38.01 -25.55
N PRO B 233 -0.69 -37.72 -26.75
CA PRO B 233 -1.35 -38.26 -27.96
C PRO B 233 -1.53 -39.77 -27.93
N GLU B 234 -0.48 -40.50 -27.53
CA GLU B 234 -0.55 -41.95 -27.50
C GLU B 234 -1.50 -42.43 -26.41
N LYS B 235 -1.47 -41.81 -25.23
CA LYS B 235 -2.40 -42.22 -24.18
C LYS B 235 -3.84 -42.00 -24.63
N LEU B 236 -4.11 -40.88 -25.30
CA LEU B 236 -5.45 -40.61 -25.80
C LEU B 236 -5.84 -41.60 -26.89
N ALA B 237 -4.93 -41.88 -27.83
CA ALA B 237 -5.22 -42.85 -28.88
C ALA B 237 -5.54 -44.22 -28.27
N LYS B 238 -4.72 -44.68 -27.32
CA LYS B 238 -4.98 -45.95 -26.66
C LYS B 238 -6.30 -45.91 -25.91
N ALA B 239 -6.60 -44.78 -25.25
CA ALA B 239 -7.86 -44.64 -24.54
C ALA B 239 -9.05 -44.88 -25.48
N ILE B 240 -9.02 -44.27 -26.67
CA ILE B 240 -10.13 -44.41 -27.60
C ILE B 240 -10.24 -45.83 -28.15
N GLY B 241 -9.11 -46.51 -28.31
CA GLY B 241 -9.15 -47.91 -28.72
C GLY B 241 -8.01 -48.30 -29.64
N TRP B 242 -7.07 -47.39 -29.88
CA TRP B 242 -5.93 -47.66 -30.74
C TRP B 242 -5.10 -48.80 -30.16
N GLN B 243 -4.72 -49.75 -31.01
CA GLN B 243 -3.79 -50.81 -30.63
C GLN B 243 -2.37 -50.23 -30.67
N GLY B 244 -1.82 -49.93 -29.48
CA GLY B 244 -0.62 -49.13 -29.35
C GLY B 244 0.67 -49.69 -29.91
N GLU B 245 0.70 -49.93 -31.22
CA GLU B 245 1.92 -50.37 -31.92
C GLU B 245 2.18 -49.37 -33.04
N GLY B 246 3.15 -48.50 -32.82
CA GLY B 246 3.42 -47.38 -33.70
C GLY B 246 3.90 -46.18 -32.91
N ASP B 247 4.46 -45.21 -33.62
CA ASP B 247 5.01 -44.03 -32.98
C ASP B 247 3.90 -43.02 -32.66
N GLU B 248 4.30 -41.86 -32.13
CA GLU B 248 3.35 -40.81 -31.82
C GLU B 248 2.69 -40.27 -33.09
N GLU B 249 3.42 -40.24 -34.21
CA GLU B 249 2.81 -39.83 -35.47
C GLU B 249 1.85 -40.89 -36.02
N ALA B 250 2.06 -42.16 -35.65
CA ALA B 250 1.03 -43.17 -35.93
C ALA B 250 -0.17 -42.99 -35.01
N ALA B 251 0.06 -42.68 -33.73
CA ALA B 251 -1.05 -42.35 -32.85
C ALA B 251 -1.79 -41.11 -33.32
N LEU B 252 -1.07 -40.14 -33.90
CA LEU B 252 -1.71 -38.97 -34.48
C LEU B 252 -2.58 -39.35 -35.68
N GLN B 253 -2.13 -40.30 -36.49
CA GLN B 253 -2.94 -40.78 -37.60
C GLN B 253 -4.26 -41.38 -37.10
N TYR B 254 -4.18 -42.23 -36.08
CA TYR B 254 -5.39 -42.76 -35.48
C TYR B 254 -6.28 -41.65 -34.93
N LEU B 255 -5.67 -40.69 -34.22
CA LEU B 255 -6.47 -39.59 -33.66
C LEU B 255 -7.15 -38.79 -34.75
N ARG B 256 -6.54 -38.68 -35.93
CA ARG B 256 -7.20 -37.92 -36.99
C ARG B 256 -8.29 -38.73 -37.71
N GLN B 257 -8.33 -40.06 -37.51
CA GLN B 257 -9.42 -40.88 -38.02
C GLN B 257 -10.55 -41.06 -37.01
N ALA B 258 -10.32 -40.71 -35.75
CA ALA B 258 -11.33 -40.94 -34.73
C ALA B 258 -12.45 -39.91 -34.85
N SER B 259 -13.59 -40.23 -34.27
CA SER B 259 -14.68 -39.27 -34.23
C SER B 259 -14.35 -38.17 -33.23
N PRO B 260 -14.78 -36.94 -33.50
CA PRO B 260 -14.65 -35.87 -32.47
C PRO B 260 -15.29 -36.24 -31.15
N GLU B 261 -16.41 -36.97 -31.18
CA GLU B 261 -17.10 -37.34 -29.95
C GLU B 261 -16.26 -38.28 -29.10
N SER B 262 -15.51 -39.18 -29.74
CA SER B 262 -14.67 -40.11 -28.98
C SER B 262 -13.49 -39.39 -28.37
N ILE B 263 -12.95 -38.38 -29.06
CA ILE B 263 -11.89 -37.57 -28.47
C ILE B 263 -12.41 -36.87 -27.23
N VAL B 264 -13.57 -36.22 -27.33
CA VAL B 264 -14.16 -35.50 -26.20
C VAL B 264 -14.50 -36.44 -25.06
N ASP B 265 -14.98 -37.66 -25.37
CA ASP B 265 -15.33 -38.63 -24.35
C ASP B 265 -14.13 -39.16 -23.57
N HIS B 266 -12.92 -39.12 -24.11
CA HIS B 266 -11.79 -39.73 -23.42
C HIS B 266 -10.73 -38.76 -22.96
N GLN B 267 -10.81 -37.49 -23.37
CA GLN B 267 -9.68 -36.58 -23.15
C GLN B 267 -9.47 -36.24 -21.69
N GLU B 268 -10.47 -36.42 -20.84
CA GLU B 268 -10.26 -36.06 -19.43
C GLU B 268 -10.03 -37.31 -18.59
N LEU B 270 -7.14 -39.47 -18.88
CA LEU B 270 -5.79 -39.97 -19.17
C LEU B 270 -4.83 -39.99 -17.97
N PHE B 271 -5.26 -39.44 -16.84
CA PHE B 271 -4.35 -39.23 -15.73
C PHE B 271 -4.17 -40.50 -14.90
N GLY B 272 -3.03 -40.57 -14.21
CA GLY B 272 -2.72 -41.66 -13.33
C GLY B 272 -2.31 -41.20 -11.94
N PRO B 273 -1.60 -42.08 -11.20
CA PRO B 273 -1.22 -41.76 -9.81
C PRO B 273 -0.37 -40.50 -9.69
N GLN B 274 0.80 -40.49 -10.33
CA GLN B 274 1.71 -39.35 -10.23
C GLN B 274 1.06 -38.07 -10.72
N GLU B 275 0.20 -38.17 -11.74
CA GLU B 275 -0.47 -37.00 -12.27
C GLU B 275 -1.41 -36.40 -11.23
N ILE B 276 -2.11 -37.26 -10.50
CA ILE B 276 -3.00 -36.73 -9.42
C ILE B 276 -2.11 -36.31 -8.25
N GLN B 277 -0.97 -36.99 -8.08
CA GLN B 277 -0.02 -36.58 -7.02
C GLN B 277 0.41 -35.13 -7.26
N GLU B 278 0.65 -34.77 -8.52
CA GLU B 278 1.17 -33.41 -8.82
C GLU B 278 -0.01 -32.42 -8.93
N SER B 282 -5.52 -31.01 -16.46
CA SER B 282 -5.77 -31.60 -17.79
C SER B 282 -4.48 -31.73 -18.59
N PRO B 283 -4.34 -32.77 -19.43
CA PRO B 283 -3.18 -32.88 -20.29
C PRO B 283 -3.35 -31.91 -21.47
N PHE B 284 -4.57 -31.41 -21.65
CA PHE B 284 -4.80 -30.55 -22.81
C PHE B 284 -5.06 -29.15 -22.29
N ALA B 285 -4.04 -28.32 -22.40
CA ALA B 285 -3.98 -26.97 -21.84
C ALA B 285 -2.79 -26.32 -22.53
N PRO B 286 -2.56 -25.02 -22.34
CA PRO B 286 -1.37 -24.41 -22.93
C PRO B 286 -0.09 -25.15 -22.55
N THR B 287 0.90 -25.07 -23.43
CA THR B 287 2.12 -25.83 -23.21
C THR B 287 3.29 -25.09 -23.82
N ILE B 288 4.49 -25.33 -23.30
CA ILE B 288 5.65 -24.78 -23.98
C ILE B 288 5.90 -25.59 -25.25
N GLU B 289 5.92 -24.90 -26.38
CA GLU B 289 5.98 -25.61 -27.66
C GLU B 289 7.38 -26.20 -27.88
N PRO B 290 7.46 -27.46 -28.35
CA PRO B 290 8.77 -28.15 -28.37
C PRO B 290 9.71 -27.69 -29.49
N TYR B 291 9.26 -26.83 -30.40
CA TYR B 291 10.07 -26.30 -31.49
C TYR B 291 9.39 -25.05 -31.99
N GLU B 292 10.08 -24.31 -32.85
CA GLU B 292 9.55 -23.08 -33.42
C GLU B 292 8.81 -23.36 -34.72
N SER B 293 7.56 -22.88 -34.79
CA SER B 293 6.74 -22.88 -36.00
C SER B 293 6.66 -21.47 -36.54
N GLU B 294 5.90 -21.31 -37.64
CA GLU B 294 5.63 -19.98 -38.15
C GLU B 294 4.97 -19.12 -37.08
N VAL B 295 4.05 -19.70 -36.32
CA VAL B 295 3.47 -19.04 -35.15
C VAL B 295 3.84 -19.86 -33.94
N CYS B 296 4.73 -19.34 -33.10
CA CYS B 296 5.16 -19.97 -31.86
C CYS B 296 4.59 -19.15 -30.72
N PHE B 297 3.49 -19.63 -30.13
CA PHE B 297 2.80 -18.78 -29.15
C PHE B 297 3.50 -18.79 -27.80
N ILE B 298 3.89 -19.96 -27.32
CA ILE B 298 4.61 -20.07 -26.05
C ILE B 298 5.96 -20.71 -26.34
N PRO B 299 7.01 -19.90 -26.60
CA PRO B 299 8.33 -20.49 -26.88
C PRO B 299 9.12 -20.89 -25.64
N ARG B 300 8.79 -20.36 -24.46
CA ARG B 300 9.52 -20.70 -23.25
C ARG B 300 8.59 -20.48 -22.06
N SER B 301 9.14 -20.67 -20.85
CA SER B 301 8.46 -20.46 -19.59
C SER B 301 7.60 -19.19 -19.64
N PRO B 302 6.28 -19.31 -19.41
CA PRO B 302 5.44 -18.10 -19.33
C PRO B 302 5.85 -17.14 -18.23
N PHE B 303 6.42 -17.66 -17.14
CA PHE B 303 6.95 -16.79 -16.09
C PHE B 303 8.02 -15.86 -16.63
N GLU B 304 8.93 -16.38 -17.46
CA GLU B 304 9.96 -15.53 -18.07
C GLU B 304 9.35 -14.60 -19.12
N MET B 305 8.39 -15.11 -19.90
CA MET B 305 7.73 -14.29 -20.90
C MET B 305 7.07 -13.07 -20.26
N SER B 306 6.49 -13.28 -19.07
CA SER B 306 5.75 -12.22 -18.40
C SER B 306 6.68 -11.08 -17.98
N ARG B 307 7.90 -11.41 -17.56
CA ARG B 307 8.85 -10.39 -17.13
C ARG B 307 9.11 -9.33 -18.19
N THR B 308 9.16 -9.73 -19.45
CA THR B 308 9.46 -8.81 -20.54
C THR B 308 8.24 -8.60 -21.45
N ALA B 309 7.05 -8.91 -20.95
CA ALA B 309 5.82 -8.83 -21.73
C ALA B 309 5.68 -7.50 -22.44
N TRP B 310 5.39 -7.55 -23.74
CA TRP B 310 4.98 -6.35 -24.45
C TRP B 310 3.79 -5.68 -23.76
N GLY B 311 2.92 -6.47 -23.14
CA GLY B 311 1.80 -5.94 -22.37
C GLY B 311 2.20 -5.09 -21.17
N ASN B 312 3.48 -5.09 -20.78
CA ASN B 312 3.91 -4.18 -19.73
C ASN B 312 3.75 -2.71 -20.13
N SER B 313 3.51 -2.42 -21.41
CA SER B 313 3.27 -1.05 -21.87
C SER B 313 1.80 -0.69 -22.08
N ILE B 314 0.86 -1.58 -21.76
CA ILE B 314 -0.56 -1.29 -21.91
C ILE B 314 -1.25 -1.33 -20.55
N ASP B 315 -2.36 -0.59 -20.44
CA ASP B 315 -3.11 -0.57 -19.18
C ASP B 315 -3.87 -1.89 -19.01
N ILE B 316 -4.02 -2.30 -17.75
CA ILE B 316 -4.66 -3.56 -17.42
C ILE B 316 -5.54 -3.39 -16.20
N MET B 317 -6.75 -3.94 -16.25
CA MET B 317 -7.55 -4.08 -15.06
C MET B 317 -7.63 -5.56 -14.71
N ILE B 318 -7.62 -5.89 -13.43
CA ILE B 318 -7.55 -7.29 -12.99
C ILE B 318 -8.43 -7.43 -11.74
N GLY B 319 -9.09 -8.57 -11.60
CA GLY B 319 -9.86 -8.72 -10.39
C GLY B 319 -10.44 -10.11 -10.22
N GLY B 320 -11.21 -10.26 -9.15
CA GLY B 320 -11.76 -11.55 -8.79
C GLY B 320 -12.94 -11.38 -7.85
N THR B 321 -13.53 -12.51 -7.47
CA THR B 321 -14.67 -12.54 -6.56
C THR B 321 -14.22 -12.79 -5.13
N SER B 322 -15.19 -12.72 -4.21
CA SER B 322 -14.86 -12.84 -2.80
C SER B 322 -14.80 -14.29 -2.33
N GLU B 323 -15.49 -15.21 -3.00
CA GLU B 323 -15.48 -16.63 -2.66
C GLU B 323 -15.22 -17.49 -3.91
N GLU B 324 -14.14 -17.16 -4.64
CA GLU B 324 -13.71 -17.96 -5.79
C GLU B 324 -13.68 -19.45 -5.49
N GLY B 325 -13.14 -19.82 -4.33
CA GLY B 325 -12.96 -21.23 -4.00
C GLY B 325 -14.24 -22.03 -3.85
N LEU B 326 -15.41 -21.40 -3.92
CA LEU B 326 -16.67 -22.16 -3.88
C LEU B 326 -16.73 -23.18 -5.00
N ILE B 327 -16.00 -22.93 -6.10
CA ILE B 327 -16.04 -23.85 -7.23
C ILE B 327 -15.34 -25.16 -6.92
N LEU B 328 -14.49 -25.20 -5.90
CA LEU B 328 -13.86 -26.47 -5.54
C LEU B 328 -14.87 -27.43 -4.91
N LEU B 329 -15.91 -26.89 -4.25
CA LEU B 329 -16.82 -27.73 -3.48
C LEU B 329 -17.50 -28.82 -4.30
N PRO B 330 -18.11 -28.54 -5.47
CA PRO B 330 -18.76 -29.63 -6.22
C PRO B 330 -17.79 -30.72 -6.66
N LYS B 331 -16.55 -30.36 -6.97
CA LYS B 331 -15.59 -31.34 -7.49
C LYS B 331 -15.16 -32.34 -6.42
N VAL B 332 -15.09 -31.92 -5.16
CA VAL B 332 -14.61 -32.75 -4.07
C VAL B 332 -15.72 -33.16 -3.10
N LYS B 333 -16.98 -32.90 -3.45
CA LYS B 333 -18.10 -33.22 -2.56
C LYS B 333 -18.08 -34.67 -2.09
N PRO B 334 -17.95 -35.68 -2.95
CA PRO B 334 -18.01 -37.08 -2.46
C PRO B 334 -17.02 -37.41 -1.36
N GLN B 335 -15.85 -36.77 -1.35
CA GLN B 335 -14.83 -37.05 -0.34
C GLN B 335 -14.68 -35.92 0.65
N LEU B 336 -15.62 -34.98 0.69
CA LEU B 336 -15.38 -33.72 1.38
C LEU B 336 -15.23 -33.92 2.88
N PRO B 337 -16.07 -34.73 3.53
CA PRO B 337 -15.76 -35.11 4.93
C PRO B 337 -14.33 -35.62 5.07
N SER B 338 -13.95 -36.62 4.28
CA SER B 338 -12.61 -37.17 4.37
C SER B 338 -11.54 -36.10 4.19
N MET B 339 -11.67 -35.28 3.15
CA MET B 339 -10.65 -34.26 2.87
C MET B 339 -10.57 -33.25 4.01
N LEU B 340 -11.72 -32.84 4.54
CA LEU B 340 -11.72 -31.88 5.64
C LEU B 340 -11.08 -32.45 6.90
N GLN B 341 -11.00 -33.79 7.00
CA GLN B 341 -10.43 -34.44 8.17
C GLN B 341 -9.04 -35.02 7.89
N ASP B 342 -8.55 -34.87 6.67
CA ASP B 342 -7.18 -35.27 6.36
C ASP B 342 -6.23 -34.51 7.28
N PRO B 343 -5.34 -35.19 8.00
CA PRO B 343 -4.34 -34.48 8.80
C PRO B 343 -3.34 -33.70 7.95
N ARG B 344 -3.30 -33.97 6.64
CA ARG B 344 -2.40 -33.29 5.72
C ARG B 344 -3.11 -32.22 4.89
N LEU B 345 -4.31 -31.81 5.30
CA LEU B 345 -5.09 -30.83 4.55
C LEU B 345 -4.29 -29.55 4.32
N PHE B 346 -3.67 -29.02 5.38
CA PHE B 346 -3.00 -27.73 5.25
C PHE B 346 -1.63 -27.85 4.62
N VAL B 347 -0.82 -28.83 5.04
CA VAL B 347 0.50 -28.97 4.44
C VAL B 347 0.40 -29.30 2.96
N GLY B 348 -0.70 -29.96 2.55
CA GLY B 348 -0.93 -30.28 1.17
C GLY B 348 -1.38 -29.11 0.31
N ASN B 349 -1.75 -27.98 0.92
CA ASN B 349 -2.08 -26.78 0.18
C ASN B 349 -0.85 -25.91 -0.10
N VAL B 350 0.31 -26.27 0.45
CA VAL B 350 1.57 -25.62 0.07
C VAL B 350 1.90 -26.13 -1.32
N PRO B 351 2.03 -25.23 -2.30
CA PRO B 351 2.17 -25.65 -3.70
C PRO B 351 3.27 -26.70 -3.91
N PHE B 352 2.94 -27.72 -4.71
CA PHE B 352 3.87 -28.80 -5.02
C PHE B 352 5.19 -28.28 -5.57
N HIS B 353 5.13 -27.49 -6.65
CA HIS B 353 6.33 -27.13 -7.41
C HIS B 353 7.35 -26.33 -6.61
N LEU B 354 7.01 -25.81 -5.44
CA LEU B 354 7.93 -24.95 -4.72
C LEU B 354 9.13 -25.75 -4.21
N LYS B 355 10.30 -25.13 -4.25
CA LYS B 355 11.53 -25.74 -3.74
C LYS B 355 11.58 -25.57 -2.23
N LEU B 356 11.00 -26.53 -1.53
CA LEU B 356 10.85 -26.43 -0.09
C LEU B 356 11.24 -27.76 0.52
N SER B 357 12.03 -27.72 1.59
CA SER B 357 12.27 -28.93 2.37
C SER B 357 11.00 -29.38 3.05
N LEU B 358 10.96 -30.64 3.48
CA LEU B 358 9.79 -31.13 4.20
C LEU B 358 9.58 -30.35 5.49
N GLU B 359 10.67 -29.89 6.13
CA GLU B 359 10.52 -29.07 7.32
C GLU B 359 9.80 -27.76 7.02
N GLN B 360 10.18 -27.10 5.93
CA GLN B 360 9.51 -25.84 5.56
C GLN B 360 8.05 -26.08 5.24
N ARG B 361 7.74 -27.12 4.45
CA ARG B 361 6.36 -27.40 4.11
C ARG B 361 5.54 -27.73 5.35
N MET B 362 6.13 -28.42 6.32
CA MET B 362 5.41 -28.73 7.54
C MET B 362 5.14 -27.47 8.34
N ALA B 363 6.10 -26.54 8.36
CA ALA B 363 5.91 -25.29 9.09
C ALA B 363 4.90 -24.38 8.40
N PHE B 364 4.91 -24.36 7.06
CA PHE B 364 3.96 -23.50 6.33
C PHE B 364 2.53 -24.01 6.47
N GLY B 365 2.34 -25.32 6.62
CA GLY B 365 1.00 -25.84 6.84
C GLY B 365 0.40 -25.37 8.15
N GLU B 366 1.21 -25.37 9.21
CA GLU B 366 0.74 -24.88 10.49
C GLU B 366 0.30 -23.41 10.39
N GLN B 367 1.03 -22.60 9.64
CA GLN B 367 0.61 -21.21 9.45
C GLN B 367 -0.68 -21.11 8.63
N LEU B 368 -0.86 -22.02 7.66
CA LEU B 368 -2.12 -22.06 6.93
C LEU B 368 -3.28 -22.38 7.86
N LYS B 369 -3.08 -23.35 8.76
CA LYS B 369 -4.10 -23.65 9.77
C LYS B 369 -4.43 -22.39 10.57
N GLN B 370 -3.40 -21.70 11.08
CA GLN B 370 -3.62 -20.53 11.92
C GLN B 370 -4.27 -19.39 11.15
N LEU B 371 -3.99 -19.27 9.85
CA LEU B 371 -4.59 -18.22 9.04
C LEU B 371 -6.07 -18.47 8.80
N TYR B 372 -6.44 -19.69 8.42
CA TYR B 372 -7.79 -19.96 7.96
C TYR B 372 -8.70 -20.56 9.03
N TYR B 373 -8.13 -21.25 10.02
CA TYR B 373 -8.92 -21.83 11.12
C TYR B 373 -8.19 -21.62 12.45
N PRO B 374 -8.01 -20.36 12.85
CA PRO B 374 -7.22 -20.12 14.07
C PRO B 374 -7.90 -20.62 15.33
N ASP B 375 -9.24 -20.60 15.37
CA ASP B 375 -9.99 -20.88 16.59
C ASP B 375 -11.06 -21.92 16.37
N SER B 376 -10.85 -22.83 15.42
CA SER B 376 -11.91 -23.76 15.02
C SER B 376 -11.28 -24.92 14.25
N ASN B 377 -12.09 -25.96 14.06
CA ASN B 377 -11.69 -27.10 13.24
C ASN B 377 -12.51 -27.15 11.95
N PRO B 378 -11.90 -27.54 10.83
CA PRO B 378 -12.66 -27.63 9.58
C PRO B 378 -13.68 -28.75 9.61
N SER B 379 -14.87 -28.45 9.12
CA SER B 379 -15.97 -29.42 9.08
C SER B 379 -17.01 -28.93 8.08
N ILE B 380 -17.92 -29.83 7.70
CA ILE B 380 -18.89 -29.50 6.67
C ILE B 380 -19.82 -28.36 7.10
N ASP B 381 -19.87 -28.05 8.39
CA ASP B 381 -20.61 -26.89 8.90
C ASP B 381 -19.69 -25.71 9.20
N ASN B 382 -18.39 -25.81 8.87
CA ASN B 382 -17.42 -24.76 9.13
C ASN B 382 -16.46 -24.72 7.94
N LEU B 383 -16.95 -24.21 6.82
CA LEU B 383 -16.23 -24.28 5.54
C LEU B 383 -15.64 -22.96 5.09
N ASP B 384 -15.88 -21.86 5.81
CA ASP B 384 -15.45 -20.55 5.33
C ASP B 384 -13.94 -20.48 5.15
N GLY B 385 -13.16 -21.05 6.09
CA GLY B 385 -11.72 -21.03 5.95
C GLY B 385 -11.22 -21.95 4.86
N PHE B 386 -11.91 -23.08 4.65
CA PHE B 386 -11.59 -23.97 3.55
C PHE B 386 -11.81 -23.30 2.19
N VAL B 387 -12.98 -22.67 2.01
CA VAL B 387 -13.26 -21.94 0.78
C VAL B 387 -12.23 -20.84 0.54
N ASN B 388 -11.89 -20.09 1.61
CA ASN B 388 -10.92 -19.02 1.49
C ASN B 388 -9.55 -19.56 1.06
N MET B 389 -9.09 -20.63 1.73
CA MET B 389 -7.84 -21.29 1.32
C MET B 389 -7.84 -21.63 -0.17
N ALA B 390 -8.92 -22.26 -0.65
CA ALA B 390 -8.99 -22.65 -2.05
C ALA B 390 -9.02 -21.43 -2.97
N SER B 391 -9.73 -20.37 -2.56
CA SER B 391 -9.69 -19.12 -3.33
C SER B 391 -8.26 -18.63 -3.49
N ASP B 392 -7.47 -18.65 -2.41
CA ASP B 392 -6.12 -18.11 -2.47
C ASP B 392 -5.21 -19.02 -3.29
N ARG B 393 -5.29 -20.33 -3.07
CA ARG B 393 -4.41 -21.27 -3.75
C ARG B 393 -4.70 -21.31 -5.25
N ILE B 394 -5.98 -21.29 -5.63
CA ILE B 394 -6.32 -21.55 -7.01
C ILE B 394 -6.35 -20.27 -7.84
N PHE B 395 -6.79 -19.16 -7.26
CA PHE B 395 -6.95 -17.93 -8.02
C PHE B 395 -6.22 -16.69 -7.47
N TRP B 396 -6.45 -16.34 -6.20
CA TRP B 396 -6.13 -14.98 -5.80
C TRP B 396 -4.64 -14.76 -5.57
N HIS B 397 -3.90 -15.77 -5.06
CA HIS B 397 -2.47 -15.53 -4.90
C HIS B 397 -1.79 -15.30 -6.24
N ASP B 398 -2.27 -15.94 -7.30
CA ASP B 398 -1.60 -15.77 -8.58
C ASP B 398 -2.12 -14.54 -9.32
N LEU B 399 -3.36 -14.10 -9.07
CA LEU B 399 -3.74 -12.76 -9.47
C LEU B 399 -2.89 -11.71 -8.77
N HIS B 400 -2.70 -11.90 -7.46
CA HIS B 400 -1.83 -11.03 -6.67
C HIS B 400 -0.39 -11.01 -7.22
N ARG B 401 0.16 -12.18 -7.56
CA ARG B 401 1.49 -12.20 -8.17
C ARG B 401 1.51 -11.41 -9.46
N THR B 402 0.46 -11.50 -10.27
CA THR B 402 0.35 -10.69 -11.48
C THR B 402 0.29 -9.20 -11.15
N ILE B 403 -0.48 -8.83 -10.12
CA ILE B 403 -0.53 -7.42 -9.73
C ILE B 403 0.83 -6.93 -9.28
N LEU B 404 1.58 -7.75 -8.52
CA LEU B 404 2.92 -7.35 -8.09
C LEU B 404 3.87 -7.30 -9.28
N ALA B 405 3.75 -8.26 -10.21
CA ALA B 405 4.47 -8.17 -11.49
C ALA B 405 4.20 -6.84 -12.17
N ARG B 406 2.92 -6.44 -12.21
CA ARG B 406 2.58 -5.18 -12.88
C ARG B 406 3.22 -3.99 -12.16
N ALA B 407 3.22 -4.01 -10.83
CA ALA B 407 3.74 -2.88 -10.08
C ALA B 407 5.23 -2.72 -10.32
N ASN B 408 5.91 -3.81 -10.60
CA ASN B 408 7.35 -3.78 -10.76
CA ASN B 408 7.37 -3.85 -10.77
C ASN B 408 7.80 -3.65 -12.22
N TYR B 409 7.11 -4.30 -13.16
CA TYR B 409 7.53 -4.29 -14.56
C TYR B 409 6.73 -3.35 -15.45
N ALA B 410 5.56 -2.89 -15.01
CA ALA B 410 4.76 -2.03 -15.87
C ALA B 410 4.71 -0.62 -15.29
N CYS B 411 5.88 0.02 -15.11
CA CYS B 411 5.94 1.23 -14.30
C CYS B 411 5.23 2.40 -14.98
N THR B 412 5.13 2.37 -16.31
CA THR B 412 4.60 3.50 -17.04
C THR B 412 3.13 3.32 -17.41
N ALA B 413 2.60 2.12 -17.31
CA ALA B 413 1.20 1.85 -17.58
C ALA B 413 0.41 1.72 -16.27
N LYS B 414 -0.91 1.88 -16.38
CA LYS B 414 -1.80 1.83 -15.22
C LYS B 414 -2.36 0.43 -15.00
N THR B 415 -2.52 0.06 -13.74
CA THR B 415 -3.10 -1.21 -13.33
C THR B 415 -4.19 -0.93 -12.30
N PHE B 416 -5.40 -1.44 -12.55
CA PHE B 416 -6.51 -1.26 -11.61
C PHE B 416 -7.01 -2.62 -11.14
N VAL B 417 -7.32 -2.72 -9.85
CA VAL B 417 -7.80 -3.98 -9.26
C VAL B 417 -9.26 -3.81 -8.83
N TYR B 418 -10.10 -4.77 -9.19
CA TYR B 418 -11.47 -4.82 -8.70
C TYR B 418 -11.71 -6.11 -7.92
N ARG B 419 -12.76 -6.09 -7.12
CA ARG B 419 -13.17 -7.23 -6.32
C ARG B 419 -14.68 -7.26 -6.32
N PHE B 420 -15.26 -8.39 -6.69
CA PHE B 420 -16.70 -8.51 -6.87
C PHE B 420 -17.28 -9.40 -5.77
N CYS B 421 -18.15 -8.83 -4.92
CA CYS B 421 -18.71 -9.63 -3.83
C CYS B 421 -20.24 -9.50 -3.77
N VAL B 422 -20.90 -9.29 -4.91
CA VAL B 422 -22.35 -9.23 -4.91
C VAL B 422 -22.90 -10.64 -4.67
N ASP B 423 -23.92 -10.72 -3.82
CA ASP B 423 -24.47 -11.99 -3.36
C ASP B 423 -26.00 -11.87 -3.39
N SER B 424 -26.60 -12.37 -4.45
CA SER B 424 -28.03 -12.43 -4.66
C SER B 424 -28.54 -13.84 -4.45
N PRO B 425 -29.75 -14.03 -3.89
CA PRO B 425 -30.26 -15.38 -3.69
C PRO B 425 -30.73 -16.07 -4.97
N PHE B 426 -30.90 -15.33 -6.07
CA PHE B 426 -31.37 -15.92 -7.32
C PHE B 426 -30.55 -15.55 -8.55
N PHE B 427 -29.72 -14.50 -8.51
CA PHE B 427 -29.02 -14.06 -9.72
C PHE B 427 -27.57 -14.52 -9.81
N ASN B 428 -26.97 -15.05 -8.75
CA ASN B 428 -25.63 -15.64 -8.85
C ASN B 428 -25.74 -17.03 -9.48
N HIS B 429 -25.90 -17.03 -10.82
CA HIS B 429 -26.34 -18.25 -11.51
C HIS B 429 -25.31 -19.37 -11.43
N TYR B 430 -24.01 -19.07 -11.54
CA TYR B 430 -23.05 -20.16 -11.48
C TYR B 430 -23.08 -20.82 -10.10
N ARG B 431 -23.13 -20.02 -9.04
CA ARG B 431 -23.21 -20.57 -7.69
C ARG B 431 -24.45 -21.46 -7.55
N ILE B 432 -25.58 -21.01 -8.07
CA ILE B 432 -26.85 -21.72 -7.83
C ILE B 432 -26.90 -23.03 -8.59
N HIS B 433 -26.57 -23.02 -9.88
CA HIS B 433 -26.76 -24.22 -10.67
C HIS B 433 -25.54 -25.14 -10.75
N MET B 434 -24.36 -24.70 -10.30
CA MET B 434 -23.21 -25.59 -10.31
C MET B 434 -22.52 -25.78 -8.97
N VAL B 435 -22.78 -24.93 -7.97
CA VAL B 435 -22.14 -25.19 -6.68
C VAL B 435 -23.20 -25.76 -5.73
N ASP B 436 -24.15 -24.92 -5.32
CA ASP B 436 -25.17 -25.35 -4.37
C ASP B 436 -26.36 -24.40 -4.42
N PRO B 437 -27.58 -24.91 -4.51
CA PRO B 437 -28.76 -24.00 -4.57
C PRO B 437 -28.94 -23.13 -3.35
N ASN B 438 -28.40 -23.52 -2.20
CA ASN B 438 -28.62 -22.78 -0.97
C ASN B 438 -27.35 -22.18 -0.38
N ALA B 439 -26.19 -22.42 -1.00
CA ALA B 439 -24.97 -21.76 -0.58
C ALA B 439 -25.05 -20.25 -0.83
N ARG B 440 -24.28 -19.50 -0.04
CA ARG B 440 -24.17 -18.05 -0.17
CA ARG B 440 -24.17 -18.06 -0.18
C ARG B 440 -22.75 -17.69 -0.59
N GLY B 441 -22.50 -16.41 -0.82
CA GLY B 441 -21.20 -15.94 -1.27
C GLY B 441 -21.15 -15.71 -2.77
N THR B 442 -20.00 -15.21 -3.23
CA THR B 442 -19.78 -14.91 -4.65
C THR B 442 -18.78 -15.91 -5.20
N SER B 443 -19.30 -16.95 -5.86
CA SER B 443 -18.50 -18.02 -6.44
C SER B 443 -17.68 -17.50 -7.63
N HIS B 444 -16.69 -18.31 -8.02
CA HIS B 444 -16.07 -18.20 -9.33
C HIS B 444 -17.17 -18.20 -10.39
N ALA B 445 -17.09 -17.24 -11.32
CA ALA B 445 -17.99 -17.05 -12.47
C ALA B 445 -19.34 -16.40 -12.11
N ASP B 446 -19.60 -16.09 -10.84
CA ASP B 446 -20.82 -15.35 -10.51
C ASP B 446 -20.85 -13.99 -11.17
N GLU B 447 -19.67 -13.33 -11.28
CA GLU B 447 -19.68 -11.98 -11.84
C GLU B 447 -20.13 -11.98 -13.29
N ILE B 448 -20.02 -13.13 -13.98
CA ILE B 448 -20.43 -13.20 -15.38
C ILE B 448 -21.94 -12.93 -15.52
N SER B 449 -22.74 -13.37 -14.53
CA SER B 449 -24.16 -13.07 -14.56
C SER B 449 -24.45 -11.57 -14.59
N TYR B 450 -23.52 -10.73 -14.12
CA TYR B 450 -23.74 -9.30 -14.04
C TYR B 450 -23.05 -8.54 -15.18
N LEU B 451 -22.46 -9.26 -16.11
CA LEU B 451 -21.86 -8.70 -17.30
C LEU B 451 -22.52 -9.18 -18.57
N PHE B 452 -23.00 -10.43 -18.59
CA PHE B 452 -23.63 -11.01 -19.75
C PHE B 452 -25.00 -11.54 -19.35
N SER B 453 -25.97 -11.39 -20.24
CA SER B 453 -27.24 -12.08 -20.05
C SER B 453 -27.06 -13.56 -20.40
N ASN B 454 -27.96 -14.39 -19.88
CA ASN B 454 -27.84 -15.82 -20.13
C ASN B 454 -29.24 -16.39 -20.11
N ILE B 455 -29.33 -17.69 -20.36
CA ILE B 455 -30.64 -18.34 -20.40
C ILE B 455 -31.42 -18.23 -19.10
N PHE B 456 -30.74 -18.04 -17.97
CA PHE B 456 -31.44 -17.97 -16.68
C PHE B 456 -31.92 -16.58 -16.32
N ALA B 457 -31.50 -15.55 -17.06
CA ALA B 457 -31.74 -14.16 -16.69
C ALA B 457 -33.09 -13.67 -17.20
N LYS B 458 -33.79 -12.94 -16.36
CA LYS B 458 -35.03 -12.25 -16.70
C LYS B 458 -34.81 -10.74 -16.62
N PRO B 459 -35.66 -9.94 -17.27
CA PRO B 459 -35.64 -8.50 -16.99
C PRO B 459 -35.81 -8.24 -15.50
N LEU B 460 -34.90 -7.48 -14.92
CA LEU B 460 -34.90 -7.22 -13.49
C LEU B 460 -35.55 -5.88 -13.19
N ASP B 461 -36.28 -5.83 -12.07
CA ASP B 461 -36.75 -4.55 -11.55
C ASP B 461 -35.58 -3.61 -11.33
N LYS B 462 -35.66 -2.40 -11.90
CA LYS B 462 -34.52 -1.49 -11.86
C LYS B 462 -34.24 -0.95 -10.47
N SER B 463 -35.04 -1.30 -9.47
CA SER B 463 -34.82 -0.89 -8.09
C SER B 463 -34.08 -1.94 -7.27
N THR B 464 -33.78 -3.10 -7.85
CA THR B 464 -33.15 -4.18 -7.11
C THR B 464 -31.65 -3.96 -7.01
N LEU B 465 -31.05 -4.63 -6.03
CA LEU B 465 -29.60 -4.63 -5.93
C LEU B 465 -28.97 -5.35 -7.12
N GLU B 466 -29.65 -6.37 -7.65
CA GLU B 466 -29.11 -7.11 -8.79
C GLU B 466 -29.01 -6.22 -10.02
N TYR B 467 -30.03 -5.40 -10.30
CA TYR B 467 -29.96 -4.49 -11.43
C TYR B 467 -28.86 -3.47 -11.21
N ARG B 468 -28.74 -2.95 -9.99
CA ARG B 468 -27.70 -1.97 -9.69
CA ARG B 468 -27.70 -1.97 -9.70
C ARG B 468 -26.30 -2.57 -9.85
N ALA B 469 -26.14 -3.86 -9.53
CA ALA B 469 -24.83 -4.49 -9.66
C ALA B 469 -24.46 -4.66 -11.14
N ILE B 470 -25.44 -4.95 -11.98
CA ILE B 470 -25.18 -5.00 -13.42
C ILE B 470 -24.70 -3.63 -13.92
N GLN B 471 -25.42 -2.57 -13.56
CA GLN B 471 -25.00 -1.24 -13.99
C GLN B 471 -23.61 -0.91 -13.47
N HIS B 472 -23.31 -1.31 -12.23
CA HIS B 472 -21.98 -1.02 -11.66
C HIS B 472 -20.87 -1.69 -12.45
N LEU B 473 -20.99 -3.00 -12.68
CA LEU B 473 -19.96 -3.76 -13.38
C LEU B 473 -19.85 -3.32 -14.84
N VAL B 474 -20.98 -3.13 -15.51
CA VAL B 474 -20.93 -2.75 -16.93
C VAL B 474 -20.29 -1.38 -17.08
N ASP B 475 -20.60 -0.46 -16.17
CA ASP B 475 -20.04 0.89 -16.24
C ASP B 475 -18.53 0.85 -16.09
N ILE B 476 -18.05 0.07 -15.14
CA ILE B 476 -16.61 0.01 -14.87
C ILE B 476 -15.87 -0.60 -16.05
N PHE B 477 -16.40 -1.69 -16.60
CA PHE B 477 -15.71 -2.38 -17.69
C PHE B 477 -15.73 -1.55 -18.97
N THR B 478 -16.88 -0.94 -19.30
CA THR B 478 -16.95 -0.15 -20.51
C THR B 478 -16.21 1.18 -20.36
N SER B 479 -16.17 1.74 -19.14
CA SER B 479 -15.39 2.95 -18.93
C SER B 479 -13.89 2.67 -19.08
N PHE B 480 -13.44 1.52 -18.59
CA PHE B 480 -12.05 1.14 -18.83
C PHE B 480 -11.79 0.99 -20.33
N ALA B 481 -12.73 0.40 -21.07
CA ALA B 481 -12.52 0.25 -22.51
C ALA B 481 -12.52 1.59 -23.25
N THR B 482 -13.26 2.57 -22.74
CA THR B 482 -13.42 3.85 -23.43
C THR B 482 -12.34 4.87 -23.05
N ASN B 483 -11.97 4.93 -21.77
CA ASN B 483 -11.03 5.92 -21.26
C ASN B 483 -9.72 5.33 -20.76
N SER B 484 -9.56 4.00 -20.78
CA SER B 484 -8.39 3.36 -20.18
C SER B 484 -8.34 3.60 -18.67
N ASP B 485 -9.48 3.92 -18.08
CA ASP B 485 -9.60 4.28 -16.68
C ASP B 485 -11.00 3.87 -16.22
N PRO B 486 -11.11 2.97 -15.23
CA PRO B 486 -12.44 2.45 -14.87
C PRO B 486 -13.25 3.37 -13.98
N ASN B 487 -12.68 4.51 -13.55
CA ASN B 487 -13.47 5.50 -12.81
C ASN B 487 -14.62 5.97 -13.69
N CYS B 488 -15.83 5.98 -13.13
CA CYS B 488 -17.02 6.28 -13.92
C CYS B 488 -18.03 6.96 -13.03
N ASP B 489 -19.24 7.13 -13.55
CA ASP B 489 -20.33 7.72 -12.78
C ASP B 489 -20.63 6.87 -11.55
N SER B 490 -20.60 5.54 -11.70
CA SER B 490 -20.84 4.67 -10.55
C SER B 490 -19.81 4.88 -9.45
N THR B 491 -18.58 5.26 -9.79
CA THR B 491 -17.54 5.52 -8.81
C THR B 491 -17.34 7.00 -8.55
N ALA B 492 -18.31 7.83 -8.91
CA ALA B 492 -18.20 9.26 -8.64
C ALA B 492 -18.01 9.50 -7.15
N SER B 493 -17.22 10.54 -6.84
CA SER B 493 -16.88 10.96 -5.48
C SER B 493 -15.74 10.14 -4.89
N LEU B 494 -15.62 8.87 -5.28
CA LEU B 494 -14.49 8.07 -4.81
C LEU B 494 -13.27 8.31 -5.70
N SER B 495 -12.12 7.86 -5.21
CA SER B 495 -10.86 7.93 -5.94
C SER B 495 -10.31 6.51 -6.06
N TRP B 496 -10.62 5.87 -7.18
CA TRP B 496 -10.08 4.54 -7.47
C TRP B 496 -8.68 4.73 -8.05
N THR B 497 -7.68 4.39 -7.25
CA THR B 497 -6.29 4.65 -7.56
C THR B 497 -5.65 3.46 -8.26
N ALA B 498 -4.76 3.77 -9.22
CA ALA B 498 -3.94 2.73 -9.84
C ALA B 498 -3.05 2.06 -8.80
N VAL B 499 -2.59 0.87 -9.13
CA VAL B 499 -1.66 0.16 -8.24
C VAL B 499 -0.34 0.92 -8.19
N PRO B 500 0.16 1.24 -7.00
CA PRO B 500 1.41 2.02 -6.90
C PRO B 500 2.63 1.13 -7.09
N LYS B 501 3.79 1.75 -7.27
CA LYS B 501 5.04 0.99 -7.54
C LYS B 501 5.53 0.23 -6.29
N THR B 502 5.13 0.68 -5.10
CA THR B 502 5.54 0.03 -3.82
C THR B 502 4.38 -0.86 -3.40
N ALA B 503 3.77 -1.58 -4.34
CA ALA B 503 2.47 -2.24 -4.06
C ALA B 503 2.39 -3.61 -3.44
N PRO B 504 3.37 -4.22 -2.78
CA PRO B 504 3.07 -5.44 -2.05
C PRO B 504 1.72 -5.06 -1.41
N PRO B 505 1.47 -3.83 -0.88
CA PRO B 505 0.11 -3.38 -0.42
C PRO B 505 -0.68 -2.50 -1.43
N TYR B 506 -1.94 -2.86 -1.78
CA TYR B 506 -2.70 -2.09 -2.82
C TYR B 506 -4.23 -2.02 -2.58
N ASN B 507 -4.88 -1.02 -3.17
CA ASN B 507 -6.32 -0.84 -3.11
C ASN B 507 -7.05 -1.62 -4.21
N CYS B 508 -8.35 -1.81 -4.01
CA CYS B 508 -9.25 -2.31 -5.04
C CYS B 508 -10.55 -1.52 -4.96
N LEU B 509 -11.31 -1.55 -6.04
CA LEU B 509 -12.70 -1.15 -5.97
C LEU B 509 -13.53 -2.39 -5.65
N ASN B 510 -14.16 -2.38 -4.47
CA ASN B 510 -14.95 -3.48 -3.98
C ASN B 510 -16.43 -3.25 -4.35
N ILE B 511 -17.01 -4.18 -5.12
CA ILE B 511 -18.36 -4.05 -5.63
C ILE B 511 -19.25 -5.02 -4.85
N SER B 512 -20.16 -4.49 -4.04
CA SER B 512 -20.96 -5.30 -3.12
C SER B 512 -22.45 -5.06 -3.34
N ASN B 513 -23.29 -5.79 -2.59
CA ASN B 513 -24.73 -5.52 -2.63
C ASN B 513 -25.02 -4.05 -2.31
N ASP B 514 -24.39 -3.53 -1.25
CA ASP B 514 -24.49 -2.12 -0.89
C ASP B 514 -24.21 -1.20 -2.09
N GLY B 515 -23.03 -1.35 -2.67
CA GLY B 515 -22.58 -0.49 -3.75
C GLY B 515 -21.09 -0.66 -4.01
N VAL B 516 -20.40 0.44 -4.28
CA VAL B 516 -18.98 0.40 -4.60
C VAL B 516 -18.22 1.20 -3.55
N GLU B 517 -16.93 0.89 -3.42
CA GLU B 517 -16.10 1.50 -2.39
C GLU B 517 -14.65 1.10 -2.62
N VAL B 518 -13.73 2.04 -2.39
CA VAL B 518 -12.30 1.81 -2.60
C VAL B 518 -11.67 1.47 -1.25
N VAL B 519 -11.14 0.25 -1.13
CA VAL B 519 -10.47 -0.21 0.08
C VAL B 519 -9.23 -1.01 -0.28
N GLU B 520 -8.31 -1.08 0.68
CA GLU B 520 -7.21 -2.05 0.61
C GLU B 520 -7.79 -3.44 0.43
N LEU B 521 -7.15 -4.24 -0.41
CA LEU B 521 -7.66 -5.57 -0.73
C LEU B 521 -7.90 -6.39 0.54
N PRO B 522 -9.13 -6.85 0.79
CA PRO B 522 -9.40 -7.60 2.02
C PRO B 522 -8.52 -8.81 2.21
N GLU B 523 -8.05 -9.42 1.13
CA GLU B 523 -7.22 -10.62 1.22
C GLU B 523 -5.74 -10.28 1.42
N SER B 524 -5.41 -9.00 1.66
CA SER B 524 -4.02 -8.58 1.80
C SER B 524 -3.28 -9.38 2.87
N ARG B 525 -3.93 -9.64 4.01
CA ARG B 525 -3.25 -10.38 5.07
C ARG B 525 -3.01 -11.83 4.67
N ARG B 526 -4.03 -12.49 4.12
CA ARG B 526 -3.86 -13.88 3.68
C ARG B 526 -2.76 -13.98 2.63
N LEU B 527 -2.73 -13.03 1.69
CA LEU B 527 -1.80 -13.14 0.59
C LEU B 527 -0.38 -12.83 1.01
N GLN B 528 -0.21 -12.13 2.14
CA GLN B 528 1.11 -11.93 2.73
C GLN B 528 1.74 -13.28 3.10
N LEU B 529 0.94 -14.21 3.62
CA LEU B 529 1.47 -15.51 3.98
C LEU B 529 1.84 -16.31 2.74
N TRP B 530 1.01 -16.23 1.70
CA TRP B 530 1.31 -16.97 0.48
C TRP B 530 2.59 -16.46 -0.17
N ASP B 531 2.81 -15.13 -0.15
CA ASP B 531 4.07 -14.57 -0.64
C ASP B 531 5.27 -15.16 0.08
N SER B 532 5.13 -15.43 1.37
CA SER B 532 6.23 -15.95 2.18
C SER B 532 6.64 -17.36 1.77
N PHE B 533 5.76 -18.10 1.10
CA PHE B 533 6.08 -19.45 0.64
C PHE B 533 7.12 -19.46 -0.47
N TYR B 534 7.30 -18.34 -1.14
CA TYR B 534 8.24 -18.25 -2.27
C TYR B 534 9.60 -17.79 -1.73
N VAL B 535 10.21 -18.65 -0.94
CA VAL B 535 11.51 -18.34 -0.34
C VAL B 535 12.65 -18.73 -1.26
N ASN B 536 12.58 -19.92 -1.84
CA ASN B 536 13.57 -20.38 -2.81
C ASN B 536 13.05 -20.32 -4.24
N ASP B 537 11.97 -19.57 -4.47
CA ASP B 537 11.39 -19.38 -5.78
C ASP B 537 11.11 -17.90 -5.99
N ALA B 538 10.88 -17.54 -7.24
CA ALA B 538 10.66 -16.16 -7.61
C ALA B 538 9.15 -15.88 -7.61
N LEU B 539 8.74 -14.90 -6.81
CA LEU B 539 7.32 -14.55 -6.75
C LEU B 539 6.82 -14.00 -8.09
N PHE B 540 7.62 -13.14 -8.73
CA PHE B 540 7.33 -12.58 -10.04
C PHE B 540 8.67 -12.25 -10.68
N GLU C 5 -4.04 46.67 18.32
CA GLU C 5 -2.88 46.73 19.19
C GLU C 5 -2.23 45.35 19.33
N LEU C 6 -1.14 45.30 20.08
CA LEU C 6 -0.45 44.06 20.41
C LEU C 6 -0.58 43.72 21.90
N ILE C 7 -1.65 44.21 22.53
CA ILE C 7 -1.99 43.84 23.90
C ILE C 7 -3.18 42.90 23.84
N VAL C 8 -3.07 41.76 24.52
CA VAL C 8 -4.09 40.72 24.45
C VAL C 8 -4.50 40.37 25.87
N SER C 9 -5.81 40.37 26.12
CA SER C 9 -6.35 39.96 27.41
C SER C 9 -6.50 38.44 27.45
N THR C 10 -5.96 37.82 28.50
CA THR C 10 -6.05 36.38 28.70
C THR C 10 -6.78 36.08 30.01
N GLY C 11 -6.96 34.78 30.28
CA GLY C 11 -7.66 34.37 31.48
C GLY C 11 -6.92 34.75 32.75
N TYR C 12 -5.60 34.86 32.69
CA TYR C 12 -4.79 35.26 33.82
C TYR C 12 -4.51 36.76 33.85
N GLY C 13 -4.57 37.44 32.71
CA GLY C 13 -4.31 38.86 32.66
C GLY C 13 -3.77 39.30 31.31
N PRO C 14 -3.63 40.61 31.12
CA PRO C 14 -3.16 41.12 29.83
C PRO C 14 -1.67 40.97 29.64
N VAL C 15 -1.29 40.79 28.37
CA VAL C 15 0.11 40.66 27.97
C VAL C 15 0.37 41.56 26.76
N GLN C 16 1.59 42.08 26.70
CA GLN C 16 2.01 42.99 25.64
C GLN C 16 3.03 42.28 24.74
N GLY C 17 2.79 42.31 23.43
CA GLY C 17 3.70 41.77 22.46
C GLY C 17 4.37 42.85 21.62
N THR C 18 5.10 42.39 20.60
CA THR C 18 5.83 43.28 19.71
C THR C 18 5.69 42.80 18.27
N ALA C 19 5.75 43.76 17.35
CA ALA C 19 5.87 43.43 15.94
C ALA C 19 7.32 43.10 15.61
N ARG C 20 7.49 42.23 14.63
CA ARG C 20 8.82 41.78 14.21
C ARG C 20 8.80 41.56 12.71
N THR C 21 10.00 41.51 12.13
CA THR C 21 10.16 41.22 10.71
C THR C 21 11.12 40.04 10.57
N SER C 22 10.75 39.07 9.76
CA SER C 22 11.49 37.82 9.68
C SER C 22 12.80 38.01 8.90
N LEU C 23 13.53 36.90 8.74
CA LEU C 23 14.77 36.92 7.96
C LEU C 23 14.49 37.14 6.47
N TYR C 24 13.29 36.78 6.02
CA TYR C 24 12.90 36.93 4.62
C TYR C 24 12.01 38.16 4.42
N GLY C 25 12.02 39.10 5.37
CA GLY C 25 11.30 40.33 5.20
C GLY C 25 9.80 40.25 5.35
N THR C 26 9.30 39.35 6.20
CA THR C 26 7.87 39.21 6.46
C THR C 26 7.57 39.66 7.88
N GLY C 27 6.54 40.49 8.05
CA GLY C 27 6.15 40.94 9.36
C GLY C 27 5.32 39.91 10.12
N TYR C 28 5.42 39.95 11.45
CA TYR C 28 4.72 39.02 12.30
C TYR C 28 4.73 39.55 13.73
N VAL C 29 3.95 38.90 14.58
CA VAL C 29 3.75 39.30 15.97
C VAL C 29 4.37 38.25 16.88
N SER C 30 4.86 38.69 18.04
CA SER C 30 5.49 37.77 18.99
C SER C 30 5.06 38.11 20.41
N PHE C 31 4.85 37.06 21.22
CA PHE C 31 4.62 37.18 22.65
C PHE C 31 5.56 36.18 23.31
N GLN C 32 6.39 36.65 24.24
CA GLN C 32 7.41 35.79 24.84
C GLN C 32 7.40 35.93 26.36
N GLY C 33 7.57 34.80 27.04
CA GLY C 33 7.64 34.82 28.48
C GLY C 33 6.33 34.90 29.21
N ILE C 34 5.25 34.39 28.63
CA ILE C 34 3.96 34.32 29.30
C ILE C 34 3.99 33.20 30.34
N PRO C 35 3.77 33.48 31.62
CA PRO C 35 3.78 32.42 32.62
C PRO C 35 2.53 31.54 32.52
N TYR C 36 2.75 30.22 32.56
CA TYR C 36 1.66 29.25 32.61
C TYR C 36 1.62 28.48 33.93
N ALA C 37 2.57 28.72 34.83
CA ALA C 37 2.56 28.07 36.12
C ALA C 37 3.15 29.01 37.16
N LYS C 38 2.72 28.84 38.40
CA LYS C 38 3.34 29.56 39.51
C LYS C 38 4.82 29.17 39.62
N PRO C 39 5.71 30.15 39.83
CA PRO C 39 7.15 29.84 39.90
C PRO C 39 7.45 28.73 40.88
N PRO C 40 8.13 27.65 40.44
CA PRO C 40 8.44 26.52 41.32
C PRO C 40 9.71 26.77 42.14
N VAL C 41 9.59 27.60 43.16
CA VAL C 41 10.72 27.98 44.00
C VAL C 41 10.40 27.65 45.46
N GLY C 42 11.46 27.57 46.26
CA GLY C 42 11.28 27.35 47.70
C GLY C 42 10.76 25.96 47.99
N GLU C 43 9.77 25.89 48.87
CA GLU C 43 9.12 24.61 49.18
C GLU C 43 8.44 23.99 47.97
N LEU C 44 8.27 24.75 46.87
CA LEU C 44 7.62 24.27 45.66
C LEU C 44 8.59 23.65 44.67
N ARG C 45 9.90 23.75 44.91
CA ARG C 45 10.87 23.08 44.03
C ARG C 45 10.63 21.57 44.07
N PHE C 46 10.63 20.96 42.88
CA PHE C 46 10.47 19.53 42.63
C PHE C 46 8.99 19.12 42.68
N LYS C 47 8.08 20.06 42.95
CA LYS C 47 6.66 19.71 42.97
C LYS C 47 6.07 19.84 41.57
N ASP C 48 5.01 19.08 41.32
CA ASP C 48 4.21 19.31 40.12
C ASP C 48 3.70 20.76 40.07
N PRO C 49 3.60 21.34 38.88
CA PRO C 49 3.21 22.75 38.77
C PRO C 49 1.73 22.99 39.09
N THR C 50 1.45 24.23 39.49
CA THR C 50 0.12 24.77 39.66
C THR C 50 -0.04 26.02 38.79
N PRO C 51 -1.27 26.43 38.48
CA PRO C 51 -1.44 27.61 37.62
C PRO C 51 -0.94 28.85 38.31
N PRO C 52 -0.47 29.85 37.56
CA PRO C 52 0.07 31.06 38.19
C PRO C 52 -1.06 31.91 38.77
N GLU C 53 -0.66 32.88 39.58
CA GLU C 53 -1.64 33.81 40.11
C GLU C 53 -2.04 34.81 39.02
N ASN C 54 -3.27 35.29 39.10
CA ASN C 54 -3.74 36.29 38.14
C ASN C 54 -2.94 37.59 38.29
N TRP C 55 -2.95 38.38 37.23
CA TRP C 55 -2.31 39.69 37.24
C TRP C 55 -3.20 40.68 36.51
N THR C 56 -3.13 41.94 36.92
CA THR C 56 -3.95 43.00 36.35
C THR C 56 -3.18 43.99 35.49
N GLN C 57 -1.91 44.22 35.80
CA GLN C 57 -1.08 45.12 35.01
C GLN C 57 -0.66 44.46 33.70
N VAL C 58 -0.42 45.28 32.69
CA VAL C 58 -0.06 44.75 31.37
C VAL C 58 1.32 44.09 31.50
N LEU C 59 1.33 42.76 31.49
CA LEU C 59 2.57 42.02 31.62
C LEU C 59 3.44 42.20 30.39
N ASP C 60 4.69 42.60 30.60
CA ASP C 60 5.61 42.83 29.49
C ASP C 60 6.06 41.50 28.94
N CYS C 61 5.65 41.18 27.70
CA CYS C 61 6.09 39.99 27.00
C CYS C 61 6.80 40.38 25.70
N THR C 62 7.65 41.41 25.78
CA THR C 62 8.34 41.95 24.62
C THR C 62 9.66 41.27 24.30
N GLU C 63 10.30 40.63 25.27
CA GLU C 63 11.63 40.08 25.04
C GLU C 63 11.68 38.64 25.51
N GLN C 64 12.71 37.94 25.04
CA GLN C 64 12.89 36.54 25.32
C GLN C 64 13.16 36.30 26.80
N CYS C 65 12.48 35.32 27.38
CA CYS C 65 12.71 35.00 28.78
C CYS C 65 13.92 34.08 28.92
N ASP C 66 14.33 33.87 30.17
CA ASP C 66 15.45 32.99 30.50
C ASP C 66 14.98 31.53 30.49
N PRO C 67 15.84 30.60 30.03
CA PRO C 67 15.46 29.18 30.03
C PRO C 67 15.43 28.58 31.43
N CYS C 68 15.01 27.31 31.53
CA CYS C 68 15.09 26.62 32.80
C CYS C 68 16.55 26.33 33.14
N PHE C 69 16.82 26.05 34.42
CA PHE C 69 18.20 25.78 34.83
C PHE C 69 18.76 24.59 34.09
N HIS C 70 19.88 24.81 33.40
CA HIS C 70 20.59 23.73 32.74
C HIS C 70 22.03 24.17 32.51
N PHE C 71 22.90 23.18 32.34
CA PHE C 71 24.29 23.42 31.95
C PHE C 71 24.35 23.55 30.44
N ASP C 72 24.57 24.75 29.94
CA ASP C 72 24.68 24.95 28.51
C ASP C 72 26.06 24.45 28.09
N ARG C 73 26.10 23.52 27.13
CA ARG C 73 27.37 22.94 26.69
C ARG C 73 28.20 23.89 25.83
N ARG C 74 27.55 24.77 25.07
CA ARG C 74 28.23 25.75 24.23
C ARG C 74 29.14 26.67 25.05
N VAL C 75 28.52 27.54 25.85
CA VAL C 75 29.26 28.51 26.65
C VAL C 75 30.06 27.85 27.77
N ASN C 76 29.65 26.64 28.18
CA ASN C 76 30.18 25.99 29.38
C ASN C 76 29.89 26.85 30.62
N LYS C 77 28.59 27.13 30.81
CA LYS C 77 28.12 27.98 31.90
C LYS C 77 26.71 27.58 32.29
N ILE C 78 26.50 27.27 33.57
CA ILE C 78 25.16 27.04 34.09
C ILE C 78 24.32 28.29 33.89
N VAL C 79 23.19 28.15 33.21
CA VAL C 79 22.32 29.26 32.85
CA VAL C 79 22.32 29.26 32.85
C VAL C 79 20.90 28.95 33.30
N GLY C 80 20.02 29.94 33.12
CA GLY C 80 18.60 29.76 33.38
C GLY C 80 18.17 30.29 34.74
N SER C 81 16.86 30.20 34.97
CA SER C 81 16.26 30.66 36.21
C SER C 81 15.21 29.66 36.66
N GLU C 82 15.01 29.58 37.97
CA GLU C 82 13.98 28.70 38.52
C GLU C 82 12.57 29.21 38.20
N ASP C 83 12.45 30.51 37.90
CA ASP C 83 11.18 31.12 37.50
C ASP C 83 11.23 31.25 35.97
N SER C 84 10.88 30.14 35.30
CA SER C 84 10.98 30.10 33.85
C SER C 84 9.90 29.23 33.21
N LEU C 85 8.84 28.86 33.95
CA LEU C 85 7.71 28.10 33.41
C LEU C 85 6.80 29.05 32.61
N ARG C 86 7.28 29.43 31.42
CA ARG C 86 6.65 30.38 30.52
C ARG C 86 6.59 29.79 29.12
N LEU C 87 5.76 30.41 28.26
CA LEU C 87 5.60 30.00 26.87
C LEU C 87 5.61 31.21 25.94
N ASN C 88 5.78 30.95 24.65
CA ASN C 88 5.85 31.98 23.64
C ASN C 88 4.85 31.71 22.52
N ILE C 89 4.36 32.78 21.89
CA ILE C 89 3.40 32.68 20.79
C ILE C 89 3.84 33.56 19.64
N PHE C 90 3.80 33.03 18.41
CA PHE C 90 4.16 33.75 17.20
C PHE C 90 3.12 33.51 16.11
N SER C 91 2.83 34.54 15.32
CA SER C 91 1.95 34.42 14.17
C SER C 91 2.14 35.62 13.24
N LYS C 92 1.80 35.42 11.97
CA LYS C 92 1.84 36.52 10.99
C LYS C 92 1.06 37.72 11.53
N THR C 93 -0.19 37.48 11.92
CA THR C 93 -1.00 38.49 12.56
C THR C 93 -1.87 37.78 13.59
N ILE C 94 -2.09 38.44 14.72
CA ILE C 94 -2.97 37.90 15.75
C ILE C 94 -4.40 38.35 15.47
N LYS C 95 -4.65 38.80 14.23
CA LYS C 95 -6.00 39.20 13.80
C LYS C 95 -6.39 38.49 12.51
N PRO C 96 -6.33 37.16 12.46
CA PRO C 96 -6.64 36.47 11.21
C PRO C 96 -8.13 36.52 10.89
N THR C 97 -8.46 36.24 9.63
CA THR C 97 -9.85 36.23 9.21
C THR C 97 -10.66 35.18 9.97
N LYS C 98 -10.09 34.01 10.15
CA LYS C 98 -10.69 32.92 10.91
C LYS C 98 -9.64 32.34 11.84
N PRO C 99 -10.05 31.64 12.90
CA PRO C 99 -9.06 31.02 13.79
C PRO C 99 -8.15 30.06 13.05
N LEU C 100 -6.83 30.09 13.42
CA LEU C 100 -5.77 29.40 12.71
C LEU C 100 -5.34 28.14 13.45
N PRO C 101 -4.94 27.10 12.72
CA PRO C 101 -4.39 25.91 13.37
C PRO C 101 -3.17 26.30 14.19
N VAL C 102 -2.94 25.54 15.24
CA VAL C 102 -1.95 25.86 16.26
C VAL C 102 -0.93 24.74 16.31
N MET C 103 0.34 25.12 16.42
CA MET C 103 1.45 24.19 16.30
C MET C 103 2.26 24.43 17.56
N VAL C 104 2.30 23.45 18.47
CA VAL C 104 2.95 23.62 19.77
C VAL C 104 4.21 22.75 19.78
N TYR C 105 5.37 23.38 20.00
CA TYR C 105 6.66 22.71 19.90
C TYR C 105 7.24 22.41 21.28
N ILE C 106 7.74 21.18 21.44
CA ILE C 106 8.45 20.76 22.64
C ILE C 106 9.91 20.52 22.25
N TYR C 107 10.83 21.27 22.87
CA TYR C 107 12.23 21.09 22.53
C TYR C 107 12.77 19.81 23.17
N GLY C 108 13.86 19.31 22.59
CA GLY C 108 14.63 18.23 23.15
C GLY C 108 15.85 18.73 23.91
N GLY C 109 16.76 17.80 24.19
CA GLY C 109 17.91 18.06 25.06
C GLY C 109 18.08 17.06 26.19
N GLY C 110 17.68 15.80 25.95
CA GLY C 110 17.96 14.70 26.85
C GLY C 110 17.25 14.76 28.19
N PHE C 111 16.24 15.61 28.34
CA PHE C 111 15.54 15.87 29.59
C PHE C 111 16.45 16.53 30.62
N VAL C 112 17.62 16.98 30.18
CA VAL C 112 18.61 17.59 31.06
C VAL C 112 18.99 19.00 30.64
N GLU C 113 18.65 19.41 29.42
CA GLU C 113 18.91 20.76 28.93
C GLU C 113 17.82 21.14 27.95
N GLY C 114 17.95 22.33 27.35
CA GLY C 114 17.03 22.80 26.34
C GLY C 114 16.59 24.23 26.56
N THR C 115 16.07 24.88 25.52
CA THR C 115 15.60 26.25 25.62
C THR C 115 14.63 26.54 24.49
N SER C 116 13.65 27.40 24.76
CA SER C 116 12.74 27.89 23.75
C SER C 116 13.22 29.19 23.11
N GLY C 117 14.48 29.57 23.31
CA GLY C 117 14.98 30.80 22.73
C GLY C 117 14.97 30.75 21.20
N THR C 118 14.64 31.89 20.59
CA THR C 118 14.61 32.03 19.14
C THR C 118 15.98 31.92 18.50
N GLU C 119 17.05 31.95 19.30
CA GLU C 119 18.38 31.64 18.79
C GLU C 119 18.44 30.24 18.18
N LEU C 120 17.55 29.33 18.60
CA LEU C 120 17.51 27.97 18.07
C LEU C 120 16.20 27.64 17.37
N TYR C 121 15.08 28.11 17.91
CA TYR C 121 13.75 27.77 17.38
C TYR C 121 13.04 29.06 16.99
N GLY C 122 13.55 29.72 15.96
CA GLY C 122 12.99 30.94 15.46
C GLY C 122 11.79 30.67 14.57
N PRO C 123 10.79 31.54 14.65
CA PRO C 123 9.51 31.31 13.96
C PRO C 123 9.47 31.74 12.51
N ASP C 124 10.59 32.16 11.92
CA ASP C 124 10.55 32.89 10.65
C ASP C 124 9.99 32.03 9.51
N TYR C 125 10.35 30.75 9.46
CA TYR C 125 9.89 29.95 8.32
C TYR C 125 8.44 29.48 8.49
N LEU C 126 8.01 29.18 9.72
CA LEU C 126 6.67 28.63 9.92
C LEU C 126 5.58 29.70 9.83
N ILE C 127 5.83 30.92 10.30
CA ILE C 127 4.83 31.97 10.22
C ILE C 127 4.53 32.41 8.79
N GLU C 128 5.32 31.95 7.80
CA GLU C 128 4.90 32.13 6.40
C GLU C 128 3.63 31.37 6.09
N LYS C 129 3.29 30.36 6.88
CA LYS C 129 2.05 29.64 6.74
C LYS C 129 1.00 30.20 7.70
N ASP C 130 -0.25 29.84 7.47
CA ASP C 130 -1.37 30.37 8.26
C ASP C 130 -1.57 29.51 9.50
N ILE C 131 -0.56 29.54 10.37
CA ILE C 131 -0.60 28.80 11.62
C ILE C 131 -0.11 29.74 12.72
N VAL C 132 -0.53 29.44 13.95
CA VAL C 132 0.02 30.07 15.14
C VAL C 132 1.03 29.09 15.75
N LEU C 133 2.24 29.57 16.03
CA LEU C 133 3.30 28.74 16.58
C LEU C 133 3.47 29.05 18.07
N VAL C 134 3.60 27.98 18.88
CA VAL C 134 3.81 28.11 20.32
C VAL C 134 5.07 27.33 20.70
N THR C 135 5.97 27.96 21.45
CA THR C 135 7.09 27.26 22.06
C THR C 135 7.04 27.52 23.55
N LEU C 136 7.72 26.67 24.32
CA LEU C 136 7.52 26.69 25.77
C LEU C 136 8.73 26.11 26.47
N ASN C 137 8.89 26.50 27.75
CA ASN C 137 9.91 25.98 28.64
C ASN C 137 9.31 24.92 29.54
N TYR C 138 10.13 23.91 29.89
CA TYR C 138 9.74 22.94 30.91
C TYR C 138 10.96 22.56 31.73
N ARG C 139 10.74 22.26 33.02
CA ARG C 139 11.86 21.96 33.91
C ARG C 139 12.61 20.72 33.45
N VAL C 140 13.95 20.78 33.50
CA VAL C 140 14.79 19.67 33.08
C VAL C 140 15.70 19.28 34.25
N GLY C 141 16.37 18.13 34.09
CA GLY C 141 17.32 17.67 35.08
C GLY C 141 16.61 17.26 36.36
N ALA C 142 17.39 17.21 37.44
CA ALA C 142 16.82 16.84 38.73
C ALA C 142 15.72 17.82 39.13
N LEU C 143 15.80 19.06 38.68
CA LEU C 143 14.78 20.04 39.03
C LEU C 143 13.44 19.68 38.39
N GLY C 144 13.44 18.92 37.29
CA GLY C 144 12.23 18.54 36.60
C GLY C 144 11.86 17.09 36.73
N PHE C 145 12.76 16.22 37.28
CA PHE C 145 12.44 14.81 37.25
C PHE C 145 12.85 14.06 38.52
N LEU C 146 12.93 14.76 39.65
CA LEU C 146 13.17 14.09 40.93
C LEU C 146 11.98 13.21 41.29
N CYS C 147 12.26 12.11 41.99
CA CYS C 147 11.19 11.18 42.40
C CYS C 147 11.49 10.66 43.79
N CYS C 148 10.61 10.97 44.74
CA CYS C 148 10.68 10.45 46.10
C CYS C 148 9.52 9.51 46.35
N GLN C 149 9.77 8.42 47.09
CA GLN C 149 8.76 7.37 47.18
C GLN C 149 7.62 7.71 48.13
N SER C 150 7.86 8.54 49.12
CA SER C 150 6.86 8.80 50.15
C SER C 150 5.71 9.64 49.61
N PRO C 151 4.47 9.17 49.68
CA PRO C 151 3.34 9.97 49.17
C PRO C 151 3.21 11.33 49.84
N THR C 152 3.66 11.47 51.07
CA THR C 152 3.62 12.77 51.75
C THR C 152 4.80 13.67 51.41
N ALA C 153 5.80 13.16 50.69
CA ALA C 153 6.91 14.02 50.28
C ALA C 153 6.52 14.97 49.15
N GLY C 154 5.41 14.69 48.47
CA GLY C 154 4.90 15.57 47.43
C GLY C 154 5.72 15.63 46.15
N VAL C 155 6.58 14.65 45.89
CA VAL C 155 7.40 14.66 44.68
C VAL C 155 7.21 13.32 43.97
N PRO C 156 6.10 13.14 43.25
CA PRO C 156 5.85 11.85 42.58
C PRO C 156 6.74 11.60 41.37
N GLY C 157 7.43 12.60 40.84
CA GLY C 157 8.19 12.45 39.62
C GLY C 157 7.49 13.10 38.42
N ASN C 158 8.27 13.31 37.35
CA ASN C 158 7.76 13.76 36.05
C ASN C 158 7.28 15.21 36.06
N ALA C 159 7.83 16.06 36.94
CA ALA C 159 7.37 17.45 37.00
C ALA C 159 7.53 18.15 35.64
N GLY C 160 8.63 17.89 34.94
CA GLY C 160 8.86 18.55 33.65
C GLY C 160 7.87 18.14 32.57
N LEU C 161 7.39 16.90 32.61
CA LEU C 161 6.29 16.52 31.71
C LEU C 161 4.98 17.15 32.18
N LYS C 162 4.84 17.34 33.49
CA LYS C 162 3.63 17.97 33.98
C LYS C 162 3.63 19.45 33.65
N ASP C 163 4.83 20.04 33.51
CA ASP C 163 4.96 21.40 33.03
C ASP C 163 4.42 21.52 31.62
N GLN C 164 4.87 20.63 30.74
CA GLN C 164 4.37 20.60 29.36
C GLN C 164 2.87 20.49 29.35
N ARG C 165 2.33 19.59 30.19
CA ARG C 165 0.87 19.42 30.30
C ARG C 165 0.18 20.72 30.70
N LEU C 166 0.69 21.38 31.74
CA LEU C 166 0.07 22.63 32.16
C LEU C 166 0.14 23.68 31.05
N ALA C 167 1.26 23.75 30.34
CA ALA C 167 1.39 24.65 29.21
C ALA C 167 0.38 24.32 28.10
N LEU C 168 0.20 23.03 27.83
CA LEU C 168 -0.78 22.64 26.81
C LEU C 168 -2.19 22.98 27.24
N ARG C 169 -2.50 22.83 28.53
CA ARG C 169 -3.80 23.26 29.03
C ARG C 169 -3.98 24.75 28.85
N TRP C 170 -2.93 25.53 29.11
CA TRP C 170 -2.97 26.97 28.87
C TRP C 170 -3.25 27.28 27.40
N VAL C 171 -2.57 26.59 26.48
CA VAL C 171 -2.83 26.80 25.05
C VAL C 171 -4.29 26.49 24.73
N ARG C 172 -4.78 25.33 25.17
CA ARG C 172 -6.18 24.99 24.91
C ARG C 172 -7.13 26.05 25.46
N ASP C 173 -6.84 26.60 26.65
CA ASP C 173 -7.76 27.53 27.28
C ASP C 173 -7.60 28.98 26.84
N ASN C 174 -6.48 29.35 26.24
CA ASN C 174 -6.20 30.76 25.95
C ASN C 174 -5.86 31.10 24.51
N ILE C 175 -5.43 30.14 23.68
CA ILE C 175 -4.93 30.48 22.35
C ILE C 175 -5.98 31.18 21.48
N ALA C 176 -7.27 31.01 21.79
CA ALA C 176 -8.30 31.70 21.00
C ALA C 176 -8.18 33.21 21.09
N SER C 177 -7.73 33.73 22.24
CA SER C 177 -7.51 35.17 22.38
C SER C 177 -6.43 35.69 21.45
N PHE C 178 -5.61 34.82 20.86
CA PHE C 178 -4.54 35.23 19.97
C PHE C 178 -4.84 34.85 18.52
N GLY C 179 -6.06 34.38 18.24
CA GLY C 179 -6.42 33.97 16.90
C GLY C 179 -6.19 32.51 16.59
N GLY C 180 -5.88 31.69 17.60
CA GLY C 180 -5.65 30.28 17.38
C GLY C 180 -6.92 29.46 17.57
N ASP C 181 -6.99 28.37 16.81
CA ASP C 181 -8.10 27.44 16.91
C ASP C 181 -7.75 26.36 17.93
N PRO C 182 -8.32 26.37 19.14
CA PRO C 182 -7.98 25.33 20.12
C PRO C 182 -8.47 23.95 19.73
N SER C 183 -9.33 23.84 18.72
CA SER C 183 -9.76 22.54 18.22
C SER C 183 -8.86 22.01 17.13
N ALA C 184 -7.80 22.73 16.78
CA ALA C 184 -6.91 22.30 15.72
C ALA C 184 -5.48 22.54 16.20
N ILE C 185 -5.11 21.84 17.27
CA ILE C 185 -3.76 21.94 17.82
C ILE C 185 -2.95 20.72 17.39
N THR C 186 -1.79 20.97 16.83
CA THR C 186 -0.80 19.95 16.54
C THR C 186 0.34 20.09 17.54
N LEU C 187 0.70 18.98 18.17
CA LEU C 187 1.83 18.91 19.08
C LEU C 187 3.00 18.29 18.34
N PHE C 188 4.14 18.99 18.30
CA PHE C 188 5.29 18.41 17.65
C PHE C 188 6.52 18.70 18.50
N GLY C 189 7.57 17.94 18.24
CA GLY C 189 8.70 17.92 19.13
C GLY C 189 9.80 17.00 18.66
N HIS C 190 11.05 17.33 19.01
CA HIS C 190 12.22 16.65 18.49
C HIS C 190 13.03 16.02 19.61
N SER C 191 13.49 14.78 19.39
CA SER C 191 14.40 14.08 20.30
C SER C 191 13.73 13.72 21.61
N ALA C 192 14.28 14.22 22.72
CA ALA C 192 13.53 14.10 23.97
C ALA C 192 12.18 14.79 23.87
N GLY C 193 12.08 15.81 23.00
CA GLY C 193 10.79 16.43 22.76
C GLY C 193 9.86 15.58 21.92
N GLY C 194 10.43 14.78 21.00
CA GLY C 194 9.64 13.77 20.30
C GLY C 194 9.13 12.68 21.25
N ALA C 195 9.99 12.18 22.12
CA ALA C 195 9.53 11.30 23.19
C ALA C 195 8.49 12.00 24.06
N SER C 196 8.70 13.29 24.38
CA SER C 196 7.71 14.05 25.13
C SER C 196 6.37 14.08 24.40
N VAL C 197 6.39 14.35 23.09
CA VAL C 197 5.14 14.36 22.34
C VAL C 197 4.44 13.01 22.47
N GLN C 198 5.17 11.92 22.32
CA GLN C 198 4.54 10.60 22.41
C GLN C 198 3.98 10.36 23.82
N TYR C 199 4.68 10.81 24.86
CA TYR C 199 4.18 10.66 26.23
C TYR C 199 2.81 11.33 26.39
N HIS C 200 2.65 12.54 25.85
CA HIS C 200 1.34 13.18 25.90
C HIS C 200 0.29 12.39 25.13
N THR C 201 0.68 11.72 24.04
CA THR C 201 -0.31 10.91 23.31
C THR C 201 -0.67 9.62 24.03
N ILE C 202 0.13 9.16 25.00
CA ILE C 202 -0.19 7.93 25.71
C ILE C 202 -0.68 8.14 27.13
N ALA C 203 -0.61 9.35 27.67
CA ALA C 203 -1.01 9.63 29.04
C ALA C 203 -2.41 10.24 29.08
N ASP C 204 -3.33 9.59 29.80
CA ASP C 204 -4.66 10.13 30.02
C ASP C 204 -4.59 11.54 30.62
N ALA C 205 -3.51 11.86 31.31
CA ALA C 205 -3.36 13.18 31.94
C ALA C 205 -3.35 14.30 30.92
N SER C 206 -3.04 14.02 29.66
CA SER C 206 -3.09 15.02 28.59
C SER C 206 -4.15 14.71 27.54
N ASN C 208 -6.85 14.57 24.91
CA ASN C 208 -7.57 15.57 24.12
C ASN C 208 -7.13 17.02 24.29
N LEU C 209 -5.93 17.26 24.81
CA LEU C 209 -5.39 18.63 24.83
C LEU C 209 -5.01 19.10 23.43
N PHE C 210 -4.87 18.17 22.48
CA PHE C 210 -4.54 18.48 21.09
C PHE C 210 -5.13 17.37 20.21
N GLN C 211 -5.07 17.59 18.91
CA GLN C 211 -5.86 16.77 17.99
C GLN C 211 -5.02 15.90 17.07
N ARG C 212 -3.72 16.19 16.94
CA ARG C 212 -2.83 15.38 16.12
C ARG C 212 -1.41 15.70 16.56
N ALA C 213 -0.45 14.88 16.13
CA ALA C 213 0.91 15.02 16.62
C ALA C 213 1.94 14.65 15.57
N ILE C 214 3.10 15.32 15.64
CA ILE C 214 4.27 14.97 14.85
C ILE C 214 5.38 14.56 15.81
N ILE C 215 5.85 13.32 15.69
CA ILE C 215 6.91 12.78 16.53
C ILE C 215 8.18 12.74 15.71
N MET C 216 9.19 13.53 16.10
CA MET C 216 10.44 13.67 15.35
C MET C 216 11.60 13.03 16.11
N SER C 217 12.16 11.94 15.58
CA SER C 217 13.45 11.38 16.02
C SER C 217 13.53 11.22 17.54
N GLY C 218 12.55 10.52 18.11
CA GLY C 218 12.51 10.35 19.55
C GLY C 218 11.23 9.62 19.88
N SER C 219 11.21 8.80 20.93
CA SER C 219 10.04 7.96 21.15
C SER C 219 10.02 7.48 22.59
N THR C 220 8.81 7.24 23.11
CA THR C 220 8.68 6.55 24.39
C THR C 220 9.19 5.12 24.31
N MET C 221 9.32 4.56 23.10
CA MET C 221 9.92 3.24 22.92
C MET C 221 11.42 3.26 23.21
N CYS C 222 12.07 4.42 23.14
CA CYS C 222 13.51 4.51 23.36
C CYS C 222 13.84 4.23 24.83
N SER C 223 14.83 3.36 25.07
CA SER C 223 15.18 3.06 26.45
C SER C 223 15.60 4.32 27.20
N TRP C 224 16.20 5.29 26.51
CA TRP C 224 16.65 6.51 27.18
C TRP C 224 15.50 7.46 27.55
N ALA C 225 14.25 7.16 27.19
CA ALA C 225 13.09 7.98 27.53
C ALA C 225 12.52 7.67 28.90
N LEU C 226 13.07 6.69 29.62
CA LEU C 226 12.55 6.28 30.92
C LEU C 226 13.74 5.87 31.79
N THR C 227 13.60 6.09 33.09
CA THR C 227 14.68 5.77 34.03
C THR C 227 14.14 5.05 35.26
N PRO C 228 14.93 4.15 35.83
CA PRO C 228 14.52 3.48 37.07
C PRO C 228 14.89 4.35 38.26
N GLN C 229 14.26 4.05 39.40
CA GLN C 229 14.48 4.81 40.64
C GLN C 229 15.45 4.04 41.54
N ARG C 230 16.65 4.60 41.72
CA ARG C 230 17.73 3.94 42.48
C ARG C 230 18.32 4.92 43.49
N ASN C 231 17.49 5.39 44.42
CA ASN C 231 17.89 6.32 45.48
C ASN C 231 18.61 7.56 44.92
N TRP C 232 18.08 8.10 43.83
CA TRP C 232 18.67 9.29 43.20
C TRP C 232 18.57 10.53 44.08
N PRO C 233 17.48 10.75 44.83
CA PRO C 233 17.49 11.89 45.77
C PRO C 233 18.60 11.81 46.79
N GLU C 234 18.72 10.68 47.51
CA GLU C 234 19.79 10.53 48.49
C GLU C 234 21.16 10.61 47.82
N LYS C 235 21.29 10.03 46.63
CA LYS C 235 22.58 10.01 45.97
C LYS C 235 22.96 11.40 45.46
N LEU C 236 21.98 12.21 45.06
CA LEU C 236 22.27 13.56 44.59
C LEU C 236 22.64 14.48 45.76
N ALA C 237 21.91 14.38 46.87
CA ALA C 237 22.22 15.18 48.05
C ALA C 237 23.62 14.87 48.57
N LYS C 238 23.95 13.57 48.70
CA LYS C 238 25.29 13.19 49.13
C LYS C 238 26.38 13.71 48.19
N ALA C 239 26.09 13.78 46.89
CA ALA C 239 27.10 14.28 45.96
C ALA C 239 27.39 15.75 46.20
N ILE C 240 26.34 16.53 46.51
CA ILE C 240 26.50 17.96 46.75
C ILE C 240 27.18 18.20 48.09
N GLY C 241 26.91 17.36 49.08
CA GLY C 241 27.60 17.47 50.35
C GLY C 241 26.70 17.21 51.55
N TRP C 242 25.64 16.43 51.36
CA TRP C 242 24.75 16.03 52.46
C TRP C 242 25.46 15.02 53.34
N GLN C 243 26.37 15.53 54.18
CA GLN C 243 27.14 14.66 55.06
C GLN C 243 26.28 14.29 56.26
N GLY C 244 25.91 13.01 56.34
CA GLY C 244 24.99 12.54 57.35
C GLY C 244 23.83 11.77 56.75
N ASP C 247 16.87 10.18 56.34
CA ASP C 247 15.68 9.89 55.53
C ASP C 247 15.90 10.25 54.06
N GLU C 248 15.08 9.66 53.18
CA GLU C 248 14.97 10.22 51.83
C GLU C 248 14.28 11.58 51.90
N GLU C 249 13.28 11.71 52.77
CA GLU C 249 12.67 13.02 53.00
C GLU C 249 13.68 14.01 53.57
N ALA C 250 14.61 13.53 54.39
CA ALA C 250 15.70 14.38 54.85
C ALA C 250 16.64 14.75 53.71
N ALA C 251 16.84 13.82 52.76
CA ALA C 251 17.61 14.16 51.57
C ALA C 251 16.89 15.22 50.75
N LEU C 252 15.55 15.14 50.69
CA LEU C 252 14.77 16.13 49.95
C LEU C 252 14.88 17.51 50.58
N GLN C 253 14.82 17.58 51.91
CA GLN C 253 14.95 18.87 52.60
C GLN C 253 16.30 19.50 52.29
N TYR C 254 17.38 18.71 52.32
CA TYR C 254 18.68 19.25 51.94
C TYR C 254 18.65 19.74 50.50
N LEU C 255 18.01 18.98 49.61
CA LEU C 255 18.00 19.35 48.21
C LEU C 255 17.27 20.67 47.99
N ARG C 256 16.21 20.92 48.76
CA ARG C 256 15.48 22.17 48.64
C ARG C 256 16.26 23.35 49.23
N GLN C 257 17.11 23.12 50.23
CA GLN C 257 17.94 24.22 50.75
C GLN C 257 19.19 24.44 49.92
N ALA C 258 19.56 23.46 49.09
CA ALA C 258 20.72 23.59 48.24
C ALA C 258 20.48 24.63 47.14
N SER C 259 21.58 25.15 46.61
CA SER C 259 21.51 26.09 45.49
C SER C 259 21.11 25.36 44.21
N PRO C 260 20.43 26.05 43.29
CA PRO C 260 20.11 25.42 41.99
C PRO C 260 21.34 25.09 41.18
N GLU C 261 22.39 25.91 41.28
CA GLU C 261 23.61 25.64 40.53
C GLU C 261 24.29 24.37 41.03
N SER C 262 24.31 24.15 42.35
CA SER C 262 24.87 22.91 42.86
C SER C 262 24.06 21.68 42.48
N ILE C 263 22.78 21.86 42.13
CA ILE C 263 21.99 20.74 41.63
C ILE C 263 22.39 20.40 40.21
N VAL C 264 22.47 21.42 39.34
CA VAL C 264 22.91 21.20 37.96
C VAL C 264 24.32 20.63 37.92
N ASP C 265 25.18 21.09 38.84
CA ASP C 265 26.59 20.67 38.78
C ASP C 265 26.76 19.19 39.06
N HIS C 266 25.87 18.57 39.84
CA HIS C 266 26.05 17.19 40.27
C HIS C 266 25.02 16.21 39.70
N GLN C 267 24.05 16.67 38.91
CA GLN C 267 22.96 15.79 38.50
C GLN C 267 23.38 14.72 37.49
N GLU C 268 24.46 14.96 36.74
CA GLU C 268 24.92 13.99 35.75
C GLU C 268 26.08 13.12 36.26
N LEU C 270 25.94 10.85 39.05
CA LEU C 270 25.51 9.86 40.02
C LEU C 270 25.57 8.41 39.51
N PHE C 271 26.14 8.22 38.33
CA PHE C 271 26.07 6.93 37.68
C PHE C 271 27.17 5.97 38.15
N GLY C 272 26.78 4.73 38.40
CA GLY C 272 27.70 3.69 38.79
C GLY C 272 27.92 2.68 37.68
N PRO C 273 28.81 1.71 37.91
CA PRO C 273 29.11 0.70 36.86
C PRO C 273 27.88 0.03 36.28
N GLN C 274 26.87 -0.28 37.10
CA GLN C 274 25.67 -0.92 36.58
C GLN C 274 24.94 0.00 35.60
N GLU C 275 24.88 1.30 35.90
CA GLU C 275 24.13 2.23 35.07
C GLU C 275 24.80 2.45 33.71
N ILE C 276 26.13 2.45 33.65
CA ILE C 276 26.80 2.58 32.36
C ILE C 276 26.77 1.26 31.60
N GLN C 277 26.97 0.14 32.30
CA GLN C 277 26.83 -1.16 31.66
C GLN C 277 25.41 -1.42 31.17
N GLU C 278 24.44 -0.68 31.70
CA GLU C 278 23.07 -0.70 31.20
C GLU C 278 22.80 0.38 30.17
N GLY C 279 23.77 1.26 29.91
CA GLY C 279 23.64 2.29 28.88
C GLY C 279 22.57 3.32 29.13
N LEU C 280 22.48 3.84 30.36
CA LEU C 280 21.45 4.81 30.71
C LEU C 280 21.92 6.23 30.42
N LEU C 281 20.99 7.10 30.05
CA LEU C 281 21.33 8.48 29.71
C LEU C 281 21.52 9.35 30.96
N SER C 282 20.50 9.42 31.81
CA SER C 282 20.56 10.25 32.99
C SER C 282 19.66 9.67 34.07
N PRO C 283 19.94 9.96 35.35
CA PRO C 283 19.03 9.54 36.42
C PRO C 283 17.77 10.38 36.49
N PHE C 284 17.71 11.50 35.77
CA PHE C 284 16.62 12.44 35.88
C PHE C 284 15.95 12.49 34.52
N ALA C 285 14.81 11.81 34.42
CA ALA C 285 14.12 11.53 33.18
C ALA C 285 12.75 11.01 33.59
N PRO C 286 11.82 10.84 32.65
CA PRO C 286 10.49 10.35 33.04
C PRO C 286 10.58 9.03 33.78
N THR C 287 9.60 8.75 34.63
CA THR C 287 9.67 7.55 35.44
C THR C 287 8.27 7.11 35.82
N ILE C 288 8.13 5.81 36.07
CA ILE C 288 6.88 5.31 36.65
C ILE C 288 6.73 5.94 38.02
N GLU C 289 5.59 6.56 38.24
CA GLU C 289 5.37 7.25 39.51
C GLU C 289 5.00 6.24 40.60
N PRO C 290 5.67 6.28 41.76
CA PRO C 290 5.44 5.25 42.79
C PRO C 290 4.08 5.33 43.47
N TYR C 291 3.31 6.39 43.27
CA TYR C 291 1.96 6.48 43.82
C TYR C 291 1.14 7.44 42.97
N GLU C 292 -0.17 7.35 43.11
CA GLU C 292 -1.08 8.20 42.34
C GLU C 292 -1.28 9.54 43.08
N SER C 293 -0.97 10.64 42.39
CA SER C 293 -1.11 11.98 42.90
C SER C 293 -2.33 12.64 42.27
N GLU C 294 -2.49 13.94 42.53
CA GLU C 294 -3.53 14.70 41.85
C GLU C 294 -3.37 14.58 40.35
N VAL C 295 -2.18 14.84 39.84
CA VAL C 295 -1.83 14.61 38.45
C VAL C 295 -0.84 13.45 38.42
N CYS C 296 -1.27 12.31 37.88
CA CYS C 296 -0.43 11.13 37.74
C CYS C 296 -0.16 10.91 36.25
N PHE C 297 1.01 11.38 35.79
CA PHE C 297 1.30 11.35 34.36
C PHE C 297 1.63 9.95 33.88
N ILE C 298 2.54 9.27 34.56
CA ILE C 298 2.93 7.91 34.21
C ILE C 298 2.57 6.98 35.36
N PRO C 299 1.39 6.37 35.35
CA PRO C 299 1.00 5.45 36.44
C PRO C 299 1.52 4.03 36.27
N ARG C 300 2.01 3.65 35.10
CA ARG C 300 2.53 2.31 34.87
C ARG C 300 3.50 2.37 33.70
N SER C 301 3.95 1.20 33.25
CA SER C 301 4.91 1.11 32.16
C SER C 301 4.43 1.86 30.92
N PRO C 302 5.20 2.83 30.39
CA PRO C 302 4.82 3.49 29.14
C PRO C 302 4.58 2.52 28.01
N PHE C 303 5.28 1.39 28.02
CA PHE C 303 4.99 0.35 27.03
C PHE C 303 3.54 -0.09 27.11
N GLU C 304 3.02 -0.31 28.32
CA GLU C 304 1.63 -0.71 28.47
C GLU C 304 0.68 0.46 28.19
N MET C 305 1.06 1.68 28.60
CA MET C 305 0.18 2.80 28.30
C MET C 305 0.01 3.04 26.81
N SER C 306 1.03 2.72 26.01
CA SER C 306 0.90 2.92 24.56
CA SER C 306 0.91 2.92 24.56
C SER C 306 -0.17 2.02 23.97
N ARG C 307 -0.31 0.81 24.50
CA ARG C 307 -1.29 -0.13 23.97
C ARG C 307 -2.71 0.39 24.06
N THR C 308 -3.03 1.18 25.09
CA THR C 308 -4.36 1.76 25.27
C THR C 308 -4.35 3.28 25.16
N ALA C 309 -3.34 3.84 24.51
CA ALA C 309 -3.17 5.29 24.41
C ALA C 309 -4.41 5.95 23.86
N TRP C 310 -4.85 7.03 24.51
CA TRP C 310 -5.91 7.84 23.93
C TRP C 310 -5.50 8.36 22.56
N GLY C 311 -4.19 8.55 22.33
CA GLY C 311 -3.65 8.97 21.06
C GLY C 311 -3.81 7.96 19.93
N ASN C 312 -4.19 6.72 20.25
CA ASN C 312 -4.51 5.77 19.20
C ASN C 312 -5.69 6.23 18.35
N SER C 313 -6.45 7.24 18.80
CA SER C 313 -7.56 7.79 18.02
C SER C 313 -7.21 9.08 17.29
N ILE C 314 -5.96 9.52 17.33
CA ILE C 314 -5.59 10.75 16.62
C ILE C 314 -4.53 10.43 15.57
N ASP C 315 -4.47 11.29 14.56
CA ASP C 315 -3.52 11.09 13.47
C ASP C 315 -2.14 11.56 13.91
N ILE C 316 -1.13 10.86 13.41
CA ILE C 316 0.25 11.12 13.82
C ILE C 316 1.15 11.01 12.60
N MET C 317 2.08 11.94 12.51
CA MET C 317 3.20 11.86 11.58
C MET C 317 4.47 11.62 12.39
N ILE C 318 5.33 10.75 11.88
CA ILE C 318 6.55 10.34 12.58
C ILE C 318 7.67 10.19 11.56
N GLY C 319 8.89 10.52 11.97
CA GLY C 319 10.00 10.31 11.06
C GLY C 319 11.32 10.66 11.68
N GLY C 320 12.34 10.65 10.83
CA GLY C 320 13.70 10.89 11.27
C GLY C 320 14.60 11.11 10.07
N THR C 321 15.89 11.25 10.37
CA THR C 321 16.90 11.57 9.36
C THR C 321 17.66 10.33 8.92
N SER C 322 18.48 10.52 7.87
CA SER C 322 19.20 9.41 7.27
C SER C 322 20.48 9.04 8.04
N GLU C 323 21.05 9.95 8.82
CA GLU C 323 22.26 9.68 9.59
C GLU C 323 22.11 10.20 11.02
N GLU C 324 21.04 9.79 11.69
CA GLU C 324 20.83 10.15 13.10
C GLU C 324 22.05 9.87 13.95
N GLY C 325 22.77 8.79 13.64
CA GLY C 325 23.87 8.32 14.49
C GLY C 325 25.04 9.27 14.60
N LEU C 326 25.14 10.27 13.71
CA LEU C 326 26.24 11.22 13.82
C LEU C 326 26.28 11.89 15.18
N ILE C 327 25.13 11.95 15.87
CA ILE C 327 25.09 12.41 17.26
C ILE C 327 26.08 11.69 18.14
N LEU C 328 26.44 10.46 17.80
CA LEU C 328 27.26 9.67 18.72
C LEU C 328 28.72 10.11 18.66
N LEU C 329 29.21 10.43 17.46
CA LEU C 329 30.64 10.70 17.24
C LEU C 329 31.25 11.72 18.20
N PRO C 330 30.64 12.89 18.45
CA PRO C 330 31.26 13.80 19.43
C PRO C 330 31.32 13.22 20.85
N LYS C 331 30.29 12.46 21.27
CA LYS C 331 30.33 11.90 22.62
C LYS C 331 31.41 10.85 22.78
N VAL C 332 31.83 10.21 21.69
CA VAL C 332 32.77 9.10 21.75
C VAL C 332 34.18 9.50 21.33
N LYS C 333 34.34 10.51 20.45
CA LYS C 333 35.54 10.84 19.67
C LYS C 333 36.87 10.44 20.31
N PRO C 334 37.16 10.78 21.58
CA PRO C 334 38.42 10.30 22.17
C PRO C 334 38.47 8.78 22.31
N GLN C 335 37.37 8.15 22.73
CA GLN C 335 37.33 6.70 22.85
C GLN C 335 37.08 5.98 21.53
N LEU C 336 36.85 6.71 20.44
CA LEU C 336 36.57 6.07 19.14
C LEU C 336 37.55 4.96 18.77
N PRO C 337 38.87 5.16 18.81
CA PRO C 337 39.74 4.04 18.40
C PRO C 337 39.64 2.83 19.32
N SER C 338 39.46 3.04 20.63
CA SER C 338 39.46 1.92 21.57
C SER C 338 38.22 1.04 21.46
N MET C 339 37.06 1.61 21.09
CA MET C 339 35.88 0.78 20.92
C MET C 339 35.75 0.17 19.54
N LEU C 340 36.34 0.79 18.51
CA LEU C 340 36.37 0.11 17.22
C LEU C 340 37.26 -1.12 17.27
N GLN C 341 38.15 -1.20 18.26
CA GLN C 341 39.02 -2.36 18.43
C GLN C 341 38.49 -3.38 19.42
N ASP C 342 37.52 -3.00 20.25
CA ASP C 342 36.89 -3.93 21.16
C ASP C 342 36.17 -5.01 20.37
N PRO C 343 36.38 -6.30 20.67
CA PRO C 343 35.67 -7.35 19.93
C PRO C 343 34.20 -7.45 20.29
N ARG C 344 33.79 -6.90 21.44
CA ARG C 344 32.40 -6.87 21.85
C ARG C 344 31.69 -5.60 21.37
N LEU C 345 32.24 -4.88 20.38
CA LEU C 345 31.59 -3.68 19.88
C LEU C 345 30.18 -3.99 19.39
N PHE C 346 30.05 -5.02 18.54
CA PHE C 346 28.76 -5.30 17.94
C PHE C 346 27.83 -6.02 18.91
N VAL C 347 28.36 -6.98 19.68
CA VAL C 347 27.56 -7.67 20.69
C VAL C 347 26.97 -6.68 21.69
N GLY C 348 27.74 -5.65 22.04
CA GLY C 348 27.28 -4.64 22.98
C GLY C 348 26.12 -3.80 22.49
N ASN C 349 25.81 -3.81 21.20
CA ASN C 349 24.70 -3.05 20.67
C ASN C 349 23.36 -3.79 20.76
N VAL C 350 23.38 -5.09 21.02
CA VAL C 350 22.13 -5.82 21.25
C VAL C 350 21.54 -5.28 22.55
N PRO C 351 20.29 -4.77 22.53
CA PRO C 351 19.75 -4.10 23.73
C PRO C 351 19.89 -4.94 24.99
N PHE C 352 20.34 -4.29 26.07
CA PHE C 352 20.76 -5.00 27.27
C PHE C 352 19.60 -5.71 27.97
N HIS C 353 18.40 -5.14 27.93
CA HIS C 353 17.30 -5.68 28.74
C HIS C 353 16.68 -6.94 28.17
N LEU C 354 16.94 -7.25 26.89
CA LEU C 354 16.25 -8.35 26.22
C LEU C 354 16.59 -9.68 26.87
N LYS C 355 15.61 -10.59 26.89
CA LYS C 355 15.80 -11.92 27.48
C LYS C 355 16.53 -12.81 26.47
N LEU C 356 17.84 -12.61 26.40
CA LEU C 356 18.71 -13.28 25.43
C LEU C 356 19.96 -13.78 26.13
N SER C 357 20.32 -15.03 25.87
CA SER C 357 21.54 -15.63 26.41
C SER C 357 22.81 -15.00 25.80
N LEU C 358 23.94 -15.25 26.47
CA LEU C 358 25.23 -14.81 25.95
C LEU C 358 25.50 -15.33 24.55
N GLU C 359 25.15 -16.58 24.28
CA GLU C 359 25.32 -17.14 22.93
C GLU C 359 24.41 -16.47 21.92
N GLN C 360 23.14 -16.23 22.28
CA GLN C 360 22.23 -15.54 21.37
C GLN C 360 22.75 -14.14 21.03
N ARG C 361 23.29 -13.42 22.03
CA ARG C 361 23.83 -12.10 21.78
C ARG C 361 25.10 -12.16 20.96
N MET C 362 25.96 -13.14 21.23
CA MET C 362 27.14 -13.37 20.41
C MET C 362 26.77 -13.51 18.94
N ALA C 363 25.77 -14.34 18.64
CA ALA C 363 25.37 -14.56 17.25
C ALA C 363 24.80 -13.28 16.64
N PHE C 364 23.90 -12.61 17.37
CA PHE C 364 23.35 -11.33 16.90
C PHE C 364 24.45 -10.32 16.63
N GLY C 365 25.50 -10.33 17.46
CA GLY C 365 26.60 -9.41 17.23
C GLY C 365 27.30 -9.66 15.92
N GLU C 366 27.55 -10.94 15.59
CA GLU C 366 28.12 -11.26 14.29
C GLU C 366 27.17 -10.86 13.17
N GLN C 367 25.86 -11.07 13.36
CA GLN C 367 24.90 -10.64 12.34
C GLN C 367 24.90 -9.11 12.19
N LEU C 368 25.12 -8.37 13.28
CA LEU C 368 25.15 -6.92 13.16
C LEU C 368 26.38 -6.49 12.36
N LYS C 369 27.53 -7.10 12.61
CA LYS C 369 28.75 -6.78 11.87
C LYS C 369 28.51 -7.02 10.37
N GLN C 370 27.91 -8.17 10.03
CA GLN C 370 27.61 -8.47 8.63
C GLN C 370 26.68 -7.43 8.03
N LEU C 371 25.67 -6.99 8.80
CA LEU C 371 24.69 -6.04 8.28
C LEU C 371 25.35 -4.70 7.93
N TYR C 372 26.15 -4.17 8.84
CA TYR C 372 26.68 -2.81 8.69
C TYR C 372 28.05 -2.76 8.04
N TYR C 373 28.84 -3.82 8.15
CA TYR C 373 30.19 -3.87 7.58
C TYR C 373 30.36 -5.20 6.85
N PRO C 374 29.61 -5.41 5.75
CA PRO C 374 29.72 -6.71 5.07
C PRO C 374 31.03 -6.91 4.35
N ASP C 375 31.65 -5.85 3.83
CA ASP C 375 32.85 -5.97 2.99
C ASP C 375 33.90 -4.94 3.37
N SER C 376 34.09 -4.71 4.66
CA SER C 376 35.13 -3.81 5.16
C SER C 376 35.18 -3.95 6.68
N ASN C 377 36.21 -3.34 7.29
CA ASN C 377 36.29 -3.39 8.75
C ASN C 377 36.15 -1.99 9.35
N PRO C 378 35.59 -1.91 10.56
CA PRO C 378 35.39 -0.60 11.21
C PRO C 378 36.73 0.04 11.58
N SER C 379 36.90 1.30 11.17
CA SER C 379 38.09 2.06 11.49
C SER C 379 37.73 3.54 11.43
N ILE C 380 38.56 4.37 12.07
CA ILE C 380 38.30 5.82 12.14
C ILE C 380 38.10 6.43 10.76
N ASP C 381 38.48 5.72 9.70
CA ASP C 381 38.26 6.17 8.33
C ASP C 381 37.04 5.52 7.69
N ASN C 382 36.45 4.50 8.34
CA ASN C 382 35.26 3.83 7.83
C ASN C 382 34.17 3.86 8.92
N LEU C 383 33.51 5.00 9.07
CA LEU C 383 32.48 5.18 10.09
C LEU C 383 31.06 5.00 9.60
N ASP C 384 30.85 4.80 8.29
CA ASP C 384 29.48 4.78 7.77
C ASP C 384 28.63 3.69 8.43
N GLY C 385 29.16 2.45 8.46
CA GLY C 385 28.42 1.38 9.12
C GLY C 385 28.22 1.61 10.60
N PHE C 386 29.22 2.19 11.27
CA PHE C 386 29.10 2.52 12.68
C PHE C 386 28.01 3.56 12.92
N VAL C 387 27.88 4.52 12.01
CA VAL C 387 26.87 5.56 12.18
C VAL C 387 25.48 4.99 11.93
N ASN C 388 25.35 4.14 10.91
CA ASN C 388 24.08 3.46 10.66
C ASN C 388 23.64 2.64 11.87
N MET C 389 24.58 1.92 12.50
CA MET C 389 24.27 1.11 13.68
C MET C 389 23.73 2.00 14.81
N ALA C 390 24.42 3.11 15.07
CA ALA C 390 23.98 4.02 16.13
C ALA C 390 22.63 4.64 15.79
N SER C 391 22.43 4.99 14.52
CA SER C 391 21.12 5.49 14.08
C SER C 391 20.01 4.52 14.41
N ASP C 392 20.22 3.23 14.14
CA ASP C 392 19.18 2.24 14.39
C ASP C 392 19.02 1.95 15.87
N ARG C 393 20.13 1.81 16.60
CA ARG C 393 20.04 1.50 18.01
C ARG C 393 19.40 2.64 18.79
N ILE C 394 19.79 3.87 18.52
CA ILE C 394 19.35 4.98 19.36
C ILE C 394 17.98 5.52 18.96
N PHE C 395 17.67 5.52 17.66
CA PHE C 395 16.46 6.22 17.21
C PHE C 395 15.56 5.36 16.33
N TRP C 396 16.08 4.88 15.19
CA TRP C 396 15.17 4.40 14.15
C TRP C 396 14.48 3.10 14.52
N HIS C 397 15.14 2.20 15.26
CA HIS C 397 14.41 0.97 15.58
C HIS C 397 13.22 1.26 16.46
N ASP C 398 13.34 2.24 17.37
CA ASP C 398 12.25 2.55 18.27
C ASP C 398 11.19 3.46 17.63
N LEU C 399 11.56 4.26 16.62
CA LEU C 399 10.56 4.87 15.76
C LEU C 399 9.80 3.79 15.00
N HIS C 400 10.53 2.84 14.42
CA HIS C 400 9.91 1.71 13.73
C HIS C 400 8.96 0.94 14.65
N ARG C 401 9.34 0.72 15.91
CA ARG C 401 8.44 0.01 16.83
C ARG C 401 7.16 0.81 17.07
N THR C 402 7.27 2.13 17.16
CA THR C 402 6.08 2.97 17.30
C THR C 402 5.19 2.86 16.07
N ILE C 403 5.79 2.93 14.88
CA ILE C 403 5.02 2.79 13.65
C ILE C 403 4.27 1.46 13.63
N LEU C 404 4.91 0.37 14.06
CA LEU C 404 4.22 -0.91 14.07
C LEU C 404 3.14 -0.95 15.15
N ALA C 405 3.39 -0.30 16.29
CA ALA C 405 2.33 -0.13 17.28
C ALA C 405 1.15 0.60 16.67
N ARG C 406 1.42 1.67 15.92
CA ARG C 406 0.36 2.45 15.31
C ARG C 406 -0.46 1.58 14.36
N ALA C 407 0.22 0.79 13.54
CA ALA C 407 -0.50 -0.04 12.58
C ALA C 407 -1.37 -1.07 13.27
N ASN C 408 -0.99 -1.47 14.49
CA ASN C 408 -1.67 -2.56 15.16
C ASN C 408 -2.70 -2.06 16.18
N TYR C 409 -2.54 -0.85 16.73
CA TYR C 409 -3.44 -0.31 17.74
C TYR C 409 -4.23 0.92 17.31
N ALA C 410 -3.78 1.64 16.28
CA ALA C 410 -4.53 2.80 15.79
C ALA C 410 -5.27 2.44 14.49
N CYS C 411 -6.30 1.61 14.63
CA CYS C 411 -6.91 1.01 13.44
C CYS C 411 -7.70 2.03 12.62
N THR C 412 -8.21 3.10 13.24
CA THR C 412 -8.98 4.07 12.47
C THR C 412 -8.23 5.36 12.18
N ALA C 413 -7.18 5.67 12.91
CA ALA C 413 -6.45 6.90 12.70
C ALA C 413 -5.30 6.67 11.73
N LYS C 414 -4.87 7.75 11.09
CA LYS C 414 -3.83 7.66 10.08
C LYS C 414 -2.45 7.88 10.70
N THR C 415 -1.45 7.24 10.09
CA THR C 415 -0.05 7.40 10.47
C THR C 415 0.76 7.63 9.20
N PHE C 416 1.57 8.68 9.20
CA PHE C 416 2.42 9.01 8.05
C PHE C 416 3.88 9.04 8.49
N VAL C 417 4.77 8.47 7.66
CA VAL C 417 6.20 8.39 7.95
C VAL C 417 6.93 9.25 6.93
N TYR C 418 7.80 10.14 7.41
CA TYR C 418 8.71 10.88 6.57
C TYR C 418 10.14 10.48 6.87
N ARG C 419 11.03 10.76 5.92
CA ARG C 419 12.46 10.59 6.12
C ARG C 419 13.15 11.79 5.50
N PHE C 420 14.07 12.40 6.24
CA PHE C 420 14.77 13.61 5.83
C PHE C 420 16.25 13.28 5.61
N CYS C 421 16.70 13.32 4.34
CA CYS C 421 18.12 13.09 4.04
C CYS C 421 18.76 14.26 3.30
N VAL C 422 18.23 15.47 3.50
CA VAL C 422 18.83 16.66 2.89
C VAL C 422 20.22 16.91 3.48
N ASP C 423 21.18 17.19 2.59
CA ASP C 423 22.59 17.33 2.97
C ASP C 423 23.13 18.59 2.30
N SER C 424 23.40 19.61 3.11
CA SER C 424 23.98 20.86 2.66
C SER C 424 25.32 21.11 3.36
N PRO C 425 26.35 21.55 2.62
CA PRO C 425 27.64 21.83 3.27
C PRO C 425 27.62 22.98 4.26
N PHE C 426 26.62 23.88 4.23
CA PHE C 426 26.59 25.00 5.15
C PHE C 426 25.33 25.12 5.99
N PHE C 427 24.20 24.51 5.59
CA PHE C 427 22.95 24.76 6.29
C PHE C 427 22.57 23.71 7.34
N ASN C 428 23.27 22.57 7.38
CA ASN C 428 23.01 21.55 8.42
C ASN C 428 23.74 21.98 9.69
N HIS C 429 23.14 22.93 10.39
CA HIS C 429 23.85 23.66 11.43
C HIS C 429 24.19 22.80 12.64
N TYR C 430 23.37 21.80 12.95
CA TYR C 430 23.71 20.98 14.11
C TYR C 430 24.92 20.11 13.80
N ARG C 431 24.96 19.50 12.62
CA ARG C 431 26.08 18.66 12.24
C ARG C 431 27.39 19.45 12.27
N ILE C 432 27.37 20.66 11.74
CA ILE C 432 28.59 21.44 11.57
C ILE C 432 29.10 21.98 12.90
N HIS C 433 28.20 22.38 13.80
CA HIS C 433 28.62 23.00 15.04
C HIS C 433 28.71 22.06 16.24
N MET C 434 28.22 20.82 16.13
CA MET C 434 28.32 19.87 17.23
C MET C 434 28.82 18.48 16.86
N VAL C 435 28.91 18.14 15.57
CA VAL C 435 29.48 16.86 15.16
C VAL C 435 30.85 17.10 14.53
N ASP C 436 30.85 17.42 13.24
CA ASP C 436 32.08 17.75 12.55
C ASP C 436 31.79 18.90 11.60
N PRO C 437 32.56 20.01 11.68
CA PRO C 437 32.40 21.10 10.70
C PRO C 437 32.41 20.65 9.25
N ASN C 438 32.96 19.47 8.97
CA ASN C 438 33.08 18.99 7.59
C ASN C 438 32.56 17.57 7.41
N ALA C 439 31.67 17.11 8.29
CA ALA C 439 31.08 15.79 8.11
C ALA C 439 30.01 15.83 7.01
N ARG C 440 29.70 14.66 6.47
CA ARG C 440 28.66 14.52 5.47
C ARG C 440 27.45 13.81 6.09
N GLY C 441 26.30 13.93 5.42
CA GLY C 441 25.09 13.26 5.85
C GLY C 441 24.12 14.20 6.56
N THR C 442 23.01 13.61 7.02
CA THR C 442 21.95 14.35 7.72
C THR C 442 21.90 13.88 9.16
N SER C 443 22.47 14.67 10.06
CA SER C 443 22.62 14.29 11.46
C SER C 443 21.29 14.45 12.22
N HIS C 444 21.22 13.81 13.37
CA HIS C 444 20.18 14.13 14.36
C HIS C 444 20.15 15.62 14.59
N ALA C 445 18.96 16.22 14.46
CA ALA C 445 18.64 17.63 14.68
C ALA C 445 18.95 18.51 13.47
N ASP C 446 19.42 17.94 12.36
CA ASP C 446 19.66 18.73 11.17
C ASP C 446 18.36 19.26 10.58
N GLU C 447 17.28 18.48 10.66
CA GLU C 447 16.03 18.95 10.08
C GLU C 447 15.51 20.19 10.81
N ILE C 448 16.00 20.47 12.02
CA ILE C 448 15.55 21.65 12.76
C ILE C 448 15.95 22.92 12.04
N SER C 449 17.05 22.87 11.29
CA SER C 449 17.50 24.01 10.49
C SER C 449 16.54 24.32 9.35
N TYR C 450 15.75 23.34 8.91
CA TYR C 450 14.81 23.54 7.81
C TYR C 450 13.38 23.75 8.30
N LEU C 451 13.17 23.92 9.61
CA LEU C 451 11.88 24.28 10.17
C LEU C 451 11.93 25.52 11.05
N PHE C 452 13.07 25.78 11.68
CA PHE C 452 13.24 26.89 12.61
C PHE C 452 14.43 27.73 12.17
N SER C 453 14.25 29.04 12.15
CA SER C 453 15.38 29.95 12.02
C SER C 453 16.21 29.94 13.30
N ASN C 454 17.51 30.18 13.15
CA ASN C 454 18.42 30.18 14.29
C ASN C 454 19.49 31.24 14.07
N ILE C 455 20.31 31.44 15.11
CA ILE C 455 21.30 32.52 15.08
C ILE C 455 22.41 32.24 14.07
N PHE C 456 22.63 30.99 13.67
CA PHE C 456 23.62 30.64 12.66
C PHE C 456 23.07 30.77 11.24
N ALA C 457 21.77 30.92 11.08
CA ALA C 457 21.16 30.95 9.76
C ALA C 457 21.35 32.30 9.11
N LYS C 458 21.42 32.29 7.78
CA LYS C 458 21.50 33.49 6.97
C LYS C 458 20.35 33.49 5.96
N PRO C 459 20.02 34.64 5.38
CA PRO C 459 19.01 34.64 4.30
C PRO C 459 19.52 33.88 3.09
N LEU C 460 18.66 33.02 2.55
CA LEU C 460 19.02 32.12 1.46
C LEU C 460 18.45 32.60 0.13
N ASP C 461 19.21 32.37 -0.94
CA ASP C 461 18.67 32.60 -2.27
C ASP C 461 17.64 31.53 -2.58
N LYS C 462 16.46 31.95 -3.00
CA LYS C 462 15.34 30.99 -3.17
C LYS C 462 15.57 29.97 -4.28
N SER C 463 16.73 30.02 -4.95
CA SER C 463 17.02 29.02 -6.00
C SER C 463 17.82 27.84 -5.41
N THR C 464 18.28 28.00 -4.17
CA THR C 464 19.13 26.97 -3.52
C THR C 464 18.34 25.73 -3.11
N LEU C 465 18.99 24.55 -3.09
CA LEU C 465 18.31 23.36 -2.58
C LEU C 465 17.95 23.50 -1.12
N GLU C 466 18.74 24.29 -0.37
CA GLU C 466 18.42 24.57 1.02
C GLU C 466 17.09 25.29 1.14
N TYR C 467 16.83 26.24 0.24
CA TYR C 467 15.57 26.97 0.31
C TYR C 467 14.40 26.09 -0.11
N ARG C 468 14.55 25.26 -1.15
CA ARG C 468 13.45 24.38 -1.48
C ARG C 468 13.26 23.27 -0.45
N ALA C 469 14.27 22.98 0.37
CA ALA C 469 14.09 22.01 1.45
C ALA C 469 13.29 22.62 2.59
N ILE C 470 13.57 23.88 2.94
CA ILE C 470 12.72 24.59 3.91
C ILE C 470 11.27 24.57 3.45
N GLN C 471 11.01 25.00 2.22
CA GLN C 471 9.64 25.01 1.72
C GLN C 471 9.03 23.61 1.78
N HIS C 472 9.79 22.59 1.38
CA HIS C 472 9.28 21.23 1.41
C HIS C 472 8.88 20.82 2.83
N LEU C 473 9.79 20.96 3.79
CA LEU C 473 9.51 20.49 5.15
C LEU C 473 8.41 21.32 5.79
N VAL C 474 8.48 22.64 5.66
CA VAL C 474 7.48 23.52 6.26
C VAL C 474 6.10 23.25 5.67
N ASP C 475 6.04 22.94 4.37
CA ASP C 475 4.75 22.69 3.74
C ASP C 475 4.15 21.38 4.22
N ILE C 476 4.98 20.34 4.39
CA ILE C 476 4.47 19.06 4.83
C ILE C 476 3.99 19.15 6.28
N PHE C 477 4.73 19.88 7.12
CA PHE C 477 4.36 19.99 8.54
C PHE C 477 3.11 20.84 8.72
N THR C 478 3.06 22.01 8.06
CA THR C 478 1.90 22.88 8.24
C THR C 478 0.66 22.32 7.57
N SER C 479 0.82 21.54 6.51
CA SER C 479 -0.34 20.89 5.90
CA SER C 479 -0.33 20.88 5.89
C SER C 479 -0.89 19.81 6.82
N PHE C 480 -0.01 19.07 7.50
CA PHE C 480 -0.49 18.12 8.49
C PHE C 480 -1.22 18.86 9.61
N ALA C 481 -0.71 20.02 10.00
CA ALA C 481 -1.38 20.80 11.03
C ALA C 481 -2.73 21.33 10.54
N THR C 482 -2.87 21.57 9.23
CA THR C 482 -4.08 22.20 8.70
C THR C 482 -5.15 21.19 8.29
N ASN C 483 -4.76 20.07 7.68
CA ASN C 483 -5.71 19.13 7.11
C ASN C 483 -5.61 17.74 7.71
N SER C 484 -4.79 17.54 8.75
CA SER C 484 -4.51 16.22 9.30
C SER C 484 -3.99 15.25 8.25
N ASP C 485 -3.38 15.80 7.21
CA ASP C 485 -2.84 14.98 6.12
C ASP C 485 -1.66 15.75 5.55
N PRO C 486 -0.47 15.14 5.51
CA PRO C 486 0.72 15.89 5.09
C PRO C 486 0.87 16.04 3.58
N ASN C 487 -0.01 15.45 2.78
CA ASN C 487 0.07 15.66 1.34
C ASN C 487 -0.20 17.13 1.03
N CYS C 488 0.62 17.71 0.17
CA CYS C 488 0.52 19.13 -0.10
C CYS C 488 0.97 19.41 -1.54
N ASP C 489 1.13 20.70 -1.85
CA ASP C 489 1.58 21.10 -3.18
C ASP C 489 2.96 20.55 -3.48
N SER C 490 3.83 20.52 -2.48
CA SER C 490 5.19 20.02 -2.69
C SER C 490 5.21 18.53 -3.01
N THR C 491 4.19 17.78 -2.59
CA THR C 491 4.09 16.35 -2.89
C THR C 491 2.97 16.04 -3.88
N ALA C 492 2.56 17.03 -4.67
CA ALA C 492 1.32 16.90 -5.44
C ALA C 492 1.34 15.67 -6.35
N SER C 493 2.49 15.38 -6.97
CA SER C 493 2.56 14.30 -7.95
C SER C 493 2.41 12.93 -7.31
N LEU C 494 2.82 12.76 -6.06
CA LEU C 494 3.02 11.45 -5.47
C LEU C 494 1.80 10.97 -4.68
N SER C 495 1.84 9.70 -4.31
CA SER C 495 0.78 9.01 -3.57
C SER C 495 1.30 8.62 -2.18
N TRP C 496 1.38 9.61 -1.29
CA TRP C 496 1.85 9.37 0.08
C TRP C 496 0.67 8.86 0.89
N THR C 497 0.62 7.55 1.10
CA THR C 497 -0.50 6.94 1.81
C THR C 497 -0.11 6.58 3.25
N ALA C 498 -1.13 6.39 4.09
CA ALA C 498 -0.87 6.09 5.48
C ALA C 498 -0.26 4.69 5.62
N VAL C 499 0.32 4.45 6.80
CA VAL C 499 0.88 3.13 7.08
C VAL C 499 -0.21 2.07 7.05
N PRO C 500 -0.05 0.96 6.32
CA PRO C 500 -1.10 -0.04 6.24
C PRO C 500 -1.13 -0.97 7.44
N LYS C 501 -2.30 -1.58 7.66
CA LYS C 501 -2.43 -2.49 8.79
C LYS C 501 -1.53 -3.72 8.66
N THR C 502 -1.04 -4.04 7.46
CA THR C 502 -0.10 -5.12 7.26
C THR C 502 1.36 -4.65 7.34
N ALA C 503 1.63 -3.62 8.15
CA ALA C 503 2.77 -2.69 8.10
C ALA C 503 4.20 -3.15 8.34
N PRO C 504 4.49 -4.34 8.85
CA PRO C 504 5.90 -4.71 9.05
C PRO C 504 6.78 -4.29 7.88
N PRO C 505 6.25 -4.28 6.60
CA PRO C 505 6.83 -3.36 5.59
C PRO C 505 5.95 -2.13 5.32
N TYR C 506 6.55 -0.93 5.23
CA TYR C 506 5.80 0.31 5.01
C TYR C 506 6.69 1.31 4.28
N ASN C 507 6.04 2.29 3.66
CA ASN C 507 6.77 3.31 2.91
C ASN C 507 6.86 4.61 3.69
N CYS C 508 7.60 5.56 3.11
CA CYS C 508 7.83 6.85 3.71
C CYS C 508 7.91 7.89 2.59
N LEU C 509 7.70 9.15 2.95
CA LEU C 509 8.07 10.24 2.08
C LEU C 509 9.51 10.62 2.40
N ASN C 510 10.39 10.49 1.41
CA ASN C 510 11.80 10.75 1.55
C ASN C 510 12.10 12.13 0.98
N ILE C 511 12.63 13.03 1.79
CA ILE C 511 12.93 14.40 1.39
C ILE C 511 14.43 14.51 1.23
N SER C 512 14.89 14.60 -0.01
CA SER C 512 16.31 14.66 -0.34
C SER C 512 16.65 16.00 -0.97
N ASN C 513 17.95 16.20 -1.22
CA ASN C 513 18.39 17.42 -1.88
C ASN C 513 17.64 17.65 -3.19
N ASP C 514 17.28 16.58 -3.87
CA ASP C 514 16.68 16.65 -5.19
C ASP C 514 15.16 16.73 -5.16
N GLY C 515 14.53 16.66 -3.98
CA GLY C 515 13.09 16.75 -3.90
C GLY C 515 12.46 15.76 -2.96
N VAL C 516 11.23 15.34 -3.27
CA VAL C 516 10.50 14.39 -2.45
C VAL C 516 10.13 13.18 -3.31
N GLU C 517 9.95 12.05 -2.65
CA GLU C 517 9.64 10.80 -3.34
C GLU C 517 9.06 9.83 -2.32
N VAL C 518 8.12 9.00 -2.74
CA VAL C 518 7.56 7.97 -1.88
C VAL C 518 8.33 6.69 -2.16
N VAL C 519 8.92 6.12 -1.11
CA VAL C 519 9.74 4.91 -1.23
C VAL C 519 9.50 4.07 0.01
N GLU C 520 9.76 2.78 -0.13
CA GLU C 520 9.88 1.92 1.04
C GLU C 520 11.01 2.46 1.91
N LEU C 521 10.81 2.43 3.23
CA LEU C 521 11.80 2.95 4.15
C LEU C 521 13.16 2.34 3.83
N PRO C 522 14.17 3.14 3.55
CA PRO C 522 15.49 2.59 3.19
C PRO C 522 16.05 1.66 4.26
N GLU C 523 15.79 1.95 5.53
CA GLU C 523 16.28 1.17 6.66
C GLU C 523 15.50 -0.12 6.92
N SER C 524 14.60 -0.51 6.01
CA SER C 524 13.70 -1.64 6.25
C SER C 524 14.47 -2.94 6.53
N ARG C 525 15.48 -3.24 5.70
CA ARG C 525 16.25 -4.47 5.90
C ARG C 525 17.02 -4.43 7.21
N ARG C 526 17.62 -3.28 7.52
CA ARG C 526 18.33 -3.14 8.80
C ARG C 526 17.39 -3.39 9.97
N LEU C 527 16.17 -2.86 9.90
CA LEU C 527 15.27 -2.94 11.03
C LEU C 527 14.67 -4.33 11.14
N GLN C 528 14.67 -5.12 10.06
CA GLN C 528 14.32 -6.53 10.17
C GLN C 528 15.24 -7.24 11.14
N LEU C 529 16.55 -6.96 11.07
CA LEU C 529 17.47 -7.60 12.01
C LEU C 529 17.15 -7.20 13.45
N TRP C 530 16.91 -5.91 13.68
CA TRP C 530 16.63 -5.43 15.03
C TRP C 530 15.35 -6.04 15.57
N ASP C 531 14.34 -6.19 14.71
CA ASP C 531 13.11 -6.83 15.15
C ASP C 531 13.38 -8.25 15.62
N SER C 532 14.35 -8.94 15.00
CA SER C 532 14.60 -10.32 15.36
C SER C 532 15.25 -10.44 16.73
N PHE C 533 15.84 -9.35 17.24
CA PHE C 533 16.39 -9.39 18.59
C PHE C 533 15.30 -9.55 19.63
N TYR C 534 14.08 -9.14 19.31
CA TYR C 534 12.95 -9.19 20.24
C TYR C 534 12.23 -10.53 20.19
N VAL C 535 12.93 -11.60 19.86
CA VAL C 535 12.30 -12.91 19.68
C VAL C 535 11.63 -13.37 20.97
N ASN C 536 12.23 -13.04 22.12
CA ASN C 536 11.69 -13.44 23.42
C ASN C 536 11.10 -12.26 24.19
N ASP C 537 10.80 -11.16 23.51
CA ASP C 537 10.27 -9.98 24.16
C ASP C 537 9.14 -9.46 23.29
N ALA C 538 8.46 -8.40 23.75
CA ALA C 538 7.36 -7.80 23.00
C ALA C 538 7.87 -6.60 22.20
N LEU C 539 7.72 -6.66 20.88
CA LEU C 539 8.14 -5.53 20.04
C LEU C 539 7.28 -4.31 20.31
N PHE C 540 5.97 -4.50 20.48
CA PHE C 540 5.04 -3.43 20.79
C PHE C 540 3.87 -4.02 21.56
N ASN D 3 -21.90 -19.51 61.09
CA ASN D 3 -22.30 -18.21 60.55
C ASN D 3 -21.29 -17.12 60.93
N SER D 4 -20.55 -17.34 62.03
CA SER D 4 -19.53 -16.39 62.44
C SER D 4 -18.41 -16.27 61.41
N GLU D 5 -18.23 -17.30 60.58
CA GLU D 5 -17.31 -17.24 59.45
C GLU D 5 -17.91 -16.54 58.24
N LEU D 6 -19.13 -15.99 58.38
CA LEU D 6 -19.78 -15.22 57.33
C LEU D 6 -19.84 -13.73 57.68
N ILE D 7 -18.96 -13.28 58.56
CA ILE D 7 -18.74 -11.87 58.81
C ILE D 7 -17.52 -11.46 57.98
N VAL D 8 -17.70 -10.47 57.11
CA VAL D 8 -16.65 -10.03 56.20
C VAL D 8 -16.42 -8.53 56.41
N SER D 9 -15.16 -8.15 56.50
CA SER D 9 -14.78 -6.75 56.59
C SER D 9 -14.85 -6.09 55.22
N THR D 10 -15.47 -4.91 55.15
CA THR D 10 -15.38 -4.03 53.98
C THR D 10 -14.68 -2.74 54.39
N GLY D 11 -14.39 -1.92 53.38
CA GLY D 11 -13.71 -0.65 53.62
C GLY D 11 -14.51 0.33 54.45
N TYR D 12 -15.82 0.11 54.56
CA TYR D 12 -16.69 0.96 55.38
C TYR D 12 -17.20 0.27 56.64
N GLY D 13 -16.70 -0.92 56.95
CA GLY D 13 -17.17 -1.66 58.11
C GLY D 13 -17.61 -3.08 57.81
N PRO D 14 -17.69 -3.91 58.84
CA PRO D 14 -18.01 -5.33 58.63
C PRO D 14 -19.50 -5.58 58.40
N VAL D 15 -19.79 -6.70 57.74
CA VAL D 15 -21.15 -7.08 57.36
C VAL D 15 -21.34 -8.56 57.62
N GLN D 16 -22.59 -8.97 57.84
CA GLN D 16 -22.93 -10.33 58.21
C GLN D 16 -23.77 -10.95 57.10
N GLY D 17 -23.27 -12.05 56.53
CA GLY D 17 -24.00 -12.79 55.52
C GLY D 17 -24.71 -14.01 56.10
N THR D 18 -25.18 -14.87 55.21
CA THR D 18 -25.93 -16.05 55.63
C THR D 18 -25.81 -17.15 54.58
N ALA D 19 -25.81 -18.39 55.07
CA ALA D 19 -25.90 -19.54 54.17
C ALA D 19 -27.30 -19.61 53.56
N ARG D 20 -27.37 -20.15 52.35
CA ARG D 20 -28.60 -20.28 51.59
C ARG D 20 -28.55 -21.57 50.79
N THR D 21 -29.72 -22.07 50.42
CA THR D 21 -29.81 -23.23 49.54
C THR D 21 -30.54 -22.80 48.28
N SER D 22 -29.99 -23.17 47.14
CA SER D 22 -30.60 -22.77 45.87
C SER D 22 -31.84 -23.63 45.59
N LEU D 23 -32.56 -23.22 44.53
CA LEU D 23 -33.71 -23.97 44.04
C LEU D 23 -33.39 -25.43 43.79
N TYR D 24 -32.16 -25.72 43.38
CA TYR D 24 -31.75 -27.08 43.05
C TYR D 24 -30.95 -27.74 44.16
N GLY D 25 -30.88 -27.12 45.33
CA GLY D 25 -30.16 -27.68 46.46
C GLY D 25 -28.73 -27.20 46.65
N THR D 26 -28.21 -26.36 45.76
CA THR D 26 -26.82 -25.92 45.86
C THR D 26 -26.65 -24.93 47.01
N GLY D 27 -25.74 -25.22 47.92
CA GLY D 27 -25.46 -24.28 48.99
C GLY D 27 -24.70 -23.08 48.45
N TYR D 28 -25.01 -21.91 48.98
CA TYR D 28 -24.26 -20.71 48.63
C TYR D 28 -24.35 -19.75 49.79
N VAL D 29 -23.63 -18.63 49.66
CA VAL D 29 -23.57 -17.59 50.68
C VAL D 29 -24.15 -16.31 50.10
N SER D 30 -24.77 -15.51 50.97
CA SER D 30 -25.57 -14.37 50.53
C SER D 30 -25.30 -13.19 51.44
N PHE D 31 -25.00 -12.04 50.84
CA PHE D 31 -24.96 -10.75 51.53
C PHE D 31 -25.93 -9.84 50.79
N GLN D 32 -26.89 -9.25 51.50
CA GLN D 32 -27.86 -8.38 50.86
C GLN D 32 -27.98 -7.06 51.60
N GLY D 33 -28.00 -5.97 50.84
CA GLY D 33 -28.19 -4.67 51.43
C GLY D 33 -26.93 -3.99 51.91
N ILE D 34 -25.79 -4.26 51.29
CA ILE D 34 -24.56 -3.59 51.67
C ILE D 34 -24.60 -2.16 51.13
N PRO D 35 -24.44 -1.16 52.00
CA PRO D 35 -24.38 0.24 51.52
C PRO D 35 -23.11 0.50 50.71
N TYR D 36 -23.29 1.13 49.55
CA TYR D 36 -22.14 1.64 48.81
C TYR D 36 -22.19 3.15 48.65
N ALA D 37 -23.25 3.81 49.10
CA ALA D 37 -23.35 5.25 49.02
C ALA D 37 -24.11 5.80 50.24
N LYS D 38 -23.87 7.07 50.52
CA LYS D 38 -24.65 7.78 51.52
C LYS D 38 -26.11 7.87 51.07
N PRO D 39 -27.08 7.72 51.97
CA PRO D 39 -28.47 7.77 51.55
C PRO D 39 -28.79 9.09 50.88
N PRO D 40 -29.33 9.06 49.66
CA PRO D 40 -29.60 10.29 48.89
C PRO D 40 -30.91 10.97 49.33
N VAL D 41 -30.96 11.38 50.59
CA VAL D 41 -32.19 11.87 51.20
C VAL D 41 -32.01 13.32 51.63
N GLY D 42 -33.14 14.00 51.78
CA GLY D 42 -33.11 15.39 52.22
C GLY D 42 -32.48 16.28 51.18
N GLU D 43 -31.43 17.00 51.57
CA GLU D 43 -30.72 17.87 50.64
C GLU D 43 -30.00 17.08 49.56
N LEU D 44 -29.76 15.79 49.80
CA LEU D 44 -29.00 14.97 48.87
C LEU D 44 -29.89 14.34 47.81
N ARG D 45 -31.19 14.56 47.86
CA ARG D 45 -32.08 14.05 46.83
C ARG D 45 -31.72 14.64 45.47
N PHE D 46 -31.83 13.82 44.44
CA PHE D 46 -31.47 14.15 43.05
C PHE D 46 -29.96 14.35 42.86
N ASP D 48 -25.74 13.59 42.91
CA ASP D 48 -24.86 12.48 42.59
C ASP D 48 -24.41 11.78 43.88
N PRO D 49 -24.15 10.48 43.81
CA PRO D 49 -23.87 9.71 45.04
C PRO D 49 -22.49 10.01 45.61
N THR D 50 -22.39 9.87 46.94
CA THR D 50 -21.15 10.03 47.68
C THR D 50 -20.93 8.84 48.60
N PRO D 51 -19.68 8.49 48.89
CA PRO D 51 -19.42 7.30 49.71
C PRO D 51 -20.11 7.38 51.05
N PRO D 52 -20.52 6.24 51.62
CA PRO D 52 -21.26 6.24 52.88
C PRO D 52 -20.32 6.40 54.06
N GLU D 53 -20.91 6.68 55.22
CA GLU D 53 -20.14 6.76 56.45
C GLU D 53 -19.72 5.36 56.90
N ASN D 54 -18.55 5.29 57.54
CA ASN D 54 -18.10 4.02 58.09
C ASN D 54 -18.96 3.62 59.28
N TRP D 55 -19.06 2.31 59.50
CA TRP D 55 -19.75 1.75 60.65
C TRP D 55 -18.82 0.78 61.37
N THR D 56 -19.05 0.61 62.67
CA THR D 56 -18.23 -0.27 63.49
C THR D 56 -18.92 -1.56 63.90
N GLN D 57 -20.25 -1.53 64.03
CA GLN D 57 -21.01 -2.74 64.30
C GLN D 57 -21.08 -3.61 63.05
N VAL D 58 -21.22 -4.92 63.26
CA VAL D 58 -21.42 -5.84 62.14
C VAL D 58 -22.83 -5.64 61.60
N LEU D 59 -22.93 -5.15 60.36
CA LEU D 59 -24.22 -4.82 59.77
C LEU D 59 -24.92 -6.09 59.29
N ASP D 60 -26.19 -6.26 59.67
CA ASP D 60 -26.97 -7.44 59.29
C ASP D 60 -27.29 -7.36 57.79
N CYS D 61 -26.70 -8.26 57.02
CA CYS D 61 -26.95 -8.34 55.59
C CYS D 61 -27.54 -9.70 55.21
N THR D 62 -28.32 -10.28 56.12
CA THR D 62 -28.91 -11.60 55.92
C THR D 62 -30.27 -11.56 55.23
N GLU D 63 -30.82 -10.38 54.97
CA GLU D 63 -32.15 -10.27 54.36
C GLU D 63 -32.14 -9.26 53.21
N GLN D 64 -33.02 -9.48 52.25
CA GLN D 64 -33.16 -8.59 51.10
C GLN D 64 -33.54 -7.19 51.54
N CYS D 65 -33.01 -6.18 50.85
CA CYS D 65 -33.25 -4.79 51.20
C CYS D 65 -34.35 -4.20 50.34
N ASP D 66 -34.75 -2.98 50.68
CA ASP D 66 -35.75 -2.27 49.90
C ASP D 66 -35.17 -1.83 48.56
N PRO D 67 -35.95 -1.88 47.48
CA PRO D 67 -35.50 -1.34 46.18
C PRO D 67 -35.60 0.17 46.18
N CYS D 68 -35.13 0.77 45.09
CA CYS D 68 -35.37 2.19 44.87
C CYS D 68 -36.84 2.42 44.52
N PHE D 69 -37.34 3.61 44.89
CA PHE D 69 -38.73 3.98 44.63
C PHE D 69 -39.09 3.83 43.17
N HIS D 70 -40.19 3.13 42.89
CA HIS D 70 -40.70 2.91 41.54
C HIS D 70 -42.04 2.20 41.64
N PHE D 71 -42.73 2.12 40.51
CA PHE D 71 -44.00 1.41 40.43
C PHE D 71 -43.69 -0.01 39.99
N ASP D 72 -43.91 -0.97 40.90
CA ASP D 72 -43.60 -2.38 40.63
C ASP D 72 -44.80 -3.00 39.93
N ARG D 73 -44.62 -3.30 38.64
CA ARG D 73 -45.71 -3.86 37.83
C ARG D 73 -46.03 -5.30 38.19
N ARG D 74 -45.16 -5.99 38.95
CA ARG D 74 -45.49 -7.34 39.39
C ARG D 74 -46.58 -7.32 40.46
N VAL D 75 -46.55 -6.31 41.34
CA VAL D 75 -47.52 -6.17 42.42
C VAL D 75 -48.44 -4.98 42.23
N ASN D 76 -48.23 -4.15 41.21
CA ASN D 76 -49.12 -3.02 40.89
C ASN D 76 -49.21 -1.99 42.02
N LYS D 77 -48.10 -1.74 42.70
CA LYS D 77 -48.05 -0.68 43.71
C LYS D 77 -46.72 0.04 43.63
N ILE D 78 -46.72 1.26 44.15
CA ILE D 78 -45.46 1.97 44.37
C ILE D 78 -44.74 1.30 45.53
N VAL D 79 -43.52 0.83 45.27
CA VAL D 79 -42.68 0.20 46.28
C VAL D 79 -41.41 1.01 46.39
N GLY D 80 -40.61 0.73 47.41
CA GLY D 80 -39.26 1.20 47.49
C GLY D 80 -38.99 2.10 48.68
N SER D 81 -37.74 2.53 48.77
CA SER D 81 -37.26 3.43 49.80
C SER D 81 -36.17 4.32 49.19
N GLU D 82 -35.94 5.47 49.82
CA GLU D 82 -34.88 6.33 49.33
C GLU D 82 -33.52 5.93 49.87
N ASP D 83 -33.50 5.23 51.00
CA ASP D 83 -32.27 4.60 51.51
C ASP D 83 -32.16 3.24 50.82
N SER D 84 -31.62 3.27 49.59
CA SER D 84 -31.63 2.08 48.76
C SER D 84 -30.36 1.87 47.96
N LEU D 85 -29.35 2.72 48.10
CA LEU D 85 -28.10 2.60 47.34
C LEU D 85 -27.28 1.47 47.95
N ARG D 86 -27.70 0.24 47.67
CA ARG D 86 -27.13 -0.92 48.31
C ARG D 86 -26.88 -2.00 47.27
N LEU D 87 -25.97 -2.92 47.57
CA LEU D 87 -25.61 -3.95 46.62
C LEU D 87 -25.64 -5.30 47.33
N ASN D 88 -25.67 -6.37 46.54
CA ASN D 88 -25.79 -7.74 47.04
C ASN D 88 -24.68 -8.60 46.44
N ILE D 89 -24.23 -9.59 47.22
CA ILE D 89 -23.14 -10.49 46.81
C ILE D 89 -23.55 -11.93 47.07
N PHE D 90 -23.40 -12.77 46.05
CA PHE D 90 -23.76 -14.19 46.10
C PHE D 90 -22.64 -15.02 45.50
N SER D 91 -22.27 -16.11 46.17
CA SER D 91 -21.26 -17.04 45.70
C SER D 91 -21.37 -18.35 46.47
N LYS D 92 -20.94 -19.44 45.83
CA LYS D 92 -20.91 -20.74 46.51
C LYS D 92 -20.15 -20.65 47.83
N THR D 93 -18.99 -20.00 47.80
CA THR D 93 -18.23 -19.78 49.03
C THR D 93 -17.51 -18.45 48.92
N ILE D 94 -17.33 -17.80 50.08
CA ILE D 94 -16.50 -16.60 50.15
C ILE D 94 -15.05 -16.91 50.45
N LYS D 95 -14.71 -18.18 50.67
CA LYS D 95 -13.32 -18.62 50.86
C LYS D 95 -12.95 -19.65 49.80
N PRO D 96 -12.93 -19.28 48.52
CA PRO D 96 -12.56 -20.24 47.49
C PRO D 96 -11.05 -20.48 47.50
N THR D 97 -10.64 -21.50 46.77
CA THR D 97 -9.22 -21.83 46.73
C THR D 97 -8.41 -20.84 45.91
N LYS D 98 -9.05 -20.18 44.94
CA LYS D 98 -8.45 -19.14 44.13
C LYS D 98 -9.47 -18.03 43.94
N PRO D 99 -9.02 -16.79 43.76
CA PRO D 99 -9.97 -15.69 43.55
C PRO D 99 -10.78 -15.89 42.27
N LEU D 100 -12.10 -15.74 42.39
CA LEU D 100 -13.05 -16.07 41.35
C LEU D 100 -13.40 -14.85 40.51
N PRO D 101 -13.66 -15.05 39.22
CA PRO D 101 -14.18 -13.98 38.39
C PRO D 101 -15.51 -13.48 38.89
N VAL D 102 -15.74 -12.18 38.71
CA VAL D 102 -16.89 -11.48 39.27
C VAL D 102 -17.83 -11.08 38.14
N MET D 103 -19.12 -11.19 38.42
CA MET D 103 -20.19 -10.88 37.48
C MET D 103 -21.05 -9.83 38.17
N VAL D 104 -21.08 -8.59 37.64
CA VAL D 104 -21.87 -7.51 38.23
C VAL D 104 -23.05 -7.21 37.30
N TYR D 105 -24.28 -7.31 37.82
CA TYR D 105 -25.48 -7.14 37.00
C TYR D 105 -26.14 -5.77 37.21
N ILE D 106 -26.58 -5.16 36.11
CA ILE D 106 -27.34 -3.90 36.13
C ILE D 106 -28.72 -4.18 35.57
N TYR D 107 -29.75 -4.07 36.40
CA TYR D 107 -31.11 -4.41 35.96
C TYR D 107 -31.64 -3.39 34.96
N GLY D 108 -32.58 -3.85 34.15
CA GLY D 108 -33.32 -2.99 33.24
C GLY D 108 -34.61 -2.49 33.87
N GLY D 109 -35.50 -1.96 33.03
CA GLY D 109 -36.71 -1.30 33.50
C GLY D 109 -36.85 0.12 32.99
N GLY D 110 -36.31 0.39 31.81
CA GLY D 110 -36.49 1.66 31.13
C GLY D 110 -36.06 2.89 31.92
N PHE D 111 -35.11 2.73 32.84
CA PHE D 111 -34.61 3.81 33.70
C PHE D 111 -35.68 4.37 34.62
N VAL D 112 -36.86 3.78 34.61
CA VAL D 112 -37.96 4.24 35.47
C VAL D 112 -38.39 3.18 36.47
N GLU D 113 -38.09 1.91 36.24
CA GLU D 113 -38.43 0.81 37.15
C GLU D 113 -37.20 -0.07 37.35
N GLY D 114 -37.21 -0.82 38.44
CA GLY D 114 -36.26 -1.90 38.60
C GLY D 114 -35.99 -2.24 40.05
N THR D 115 -35.42 -3.43 40.25
CA THR D 115 -35.12 -3.88 41.59
C THR D 115 -34.01 -4.92 41.48
N SER D 116 -33.23 -5.04 42.55
CA SER D 116 -32.27 -6.14 42.66
C SER D 116 -32.82 -7.30 43.50
N GLY D 117 -34.12 -7.31 43.77
CA GLY D 117 -34.69 -8.37 44.58
C GLY D 117 -34.61 -9.73 43.92
N THR D 118 -34.43 -10.76 44.75
CA THR D 118 -34.32 -12.13 44.21
C THR D 118 -35.63 -12.67 43.68
N GLU D 119 -36.76 -11.98 43.94
CA GLU D 119 -38.00 -12.38 43.28
C GLU D 119 -37.91 -12.21 41.77
N LEU D 120 -36.95 -11.43 41.28
CA LEU D 120 -36.70 -11.26 39.84
C LEU D 120 -35.30 -11.71 39.42
N TYR D 121 -34.27 -11.40 40.21
CA TYR D 121 -32.88 -11.67 39.86
C TYR D 121 -32.25 -12.52 40.98
N GLY D 122 -32.72 -13.76 41.09
CA GLY D 122 -32.18 -14.70 42.05
C GLY D 122 -30.88 -15.31 41.57
N PRO D 123 -29.95 -15.53 42.50
CA PRO D 123 -28.61 -16.02 42.13
C PRO D 123 -28.54 -17.51 41.84
N ASP D 124 -29.67 -18.24 41.91
CA ASP D 124 -29.62 -19.69 42.02
C ASP D 124 -28.89 -20.35 40.87
N TYR D 125 -29.08 -19.86 39.64
CA TYR D 125 -28.49 -20.59 38.51
C TYR D 125 -27.02 -20.24 38.33
N LEU D 126 -26.66 -18.99 38.60
CA LEU D 126 -25.30 -18.55 38.31
C LEU D 126 -24.30 -19.09 39.33
N ILE D 127 -24.71 -19.28 40.58
CA ILE D 127 -23.76 -19.69 41.61
C ILE D 127 -23.47 -21.18 41.49
N GLU D 128 -24.06 -21.84 40.49
CA GLU D 128 -23.62 -23.19 40.14
C GLU D 128 -22.23 -23.18 39.53
N LYS D 129 -21.75 -22.02 39.09
CA LYS D 129 -20.43 -21.89 38.50
C LYS D 129 -19.51 -21.15 39.46
N ASP D 130 -18.20 -21.27 39.21
CA ASP D 130 -17.22 -20.64 40.10
C ASP D 130 -17.09 -19.16 39.74
N ILE D 131 -18.15 -18.41 40.07
CA ILE D 131 -18.16 -16.97 39.91
C ILE D 131 -18.69 -16.34 41.20
N VAL D 132 -18.44 -15.05 41.35
CA VAL D 132 -19.06 -14.24 42.39
C VAL D 132 -20.05 -13.31 41.72
N LEU D 133 -21.31 -13.35 42.16
CA LEU D 133 -22.38 -12.56 41.54
C LEU D 133 -22.68 -11.35 42.40
N VAL D 134 -22.72 -10.18 41.77
CA VAL D 134 -23.07 -8.93 42.43
C VAL D 134 -24.28 -8.35 41.72
N THR D 135 -25.34 -8.09 42.47
CA THR D 135 -26.46 -7.29 41.99
C THR D 135 -26.52 -6.03 42.84
N LEU D 136 -27.19 -5.00 42.33
CA LEU D 136 -27.14 -3.70 42.99
C LEU D 136 -28.36 -2.85 42.65
N ASN D 137 -28.71 -1.94 43.54
CA ASN D 137 -29.76 -0.97 43.28
C ASN D 137 -29.15 0.32 42.76
N TYR D 138 -29.83 0.95 41.80
CA TYR D 138 -29.51 2.32 41.39
C TYR D 138 -30.82 3.09 41.19
N ARG D 139 -30.80 4.38 41.51
CA ARG D 139 -32.02 5.17 41.49
C ARG D 139 -32.61 5.24 40.09
N VAL D 140 -33.94 5.12 40.00
CA VAL D 140 -34.62 5.16 38.73
C VAL D 140 -35.64 6.30 38.75
N GLY D 141 -36.25 6.54 37.60
CA GLY D 141 -37.23 7.61 37.47
C GLY D 141 -36.59 8.98 37.68
N ALA D 142 -37.43 9.95 38.05
CA ALA D 142 -36.92 11.31 38.29
C ALA D 142 -35.93 11.35 39.45
N LEU D 143 -36.10 10.49 40.45
CA LEU D 143 -35.16 10.48 41.57
C LEU D 143 -33.76 10.11 41.09
N GLY D 144 -33.67 9.35 40.00
CA GLY D 144 -32.36 8.99 39.47
C GLY D 144 -31.90 9.77 38.25
N PHE D 145 -32.81 10.45 37.54
CA PHE D 145 -32.40 11.09 36.29
C PHE D 145 -32.92 12.51 36.14
N LEU D 146 -33.21 13.19 37.24
CA LEU D 146 -33.49 14.62 37.15
C LEU D 146 -32.23 15.35 36.71
N CYS D 147 -32.42 16.46 36.00
CA CYS D 147 -31.33 17.26 35.47
C CYS D 147 -31.73 18.73 35.55
N CYS D 148 -30.97 19.53 36.29
CA CYS D 148 -31.18 20.96 36.41
C CYS D 148 -30.03 21.69 35.73
N GLN D 149 -30.35 22.79 35.03
CA GLN D 149 -29.35 23.47 34.21
C GLN D 149 -28.34 24.27 35.05
N SER D 150 -28.72 24.72 36.25
CA SER D 150 -27.83 25.60 37.02
C SER D 150 -26.55 24.90 37.43
N PRO D 151 -25.36 25.44 37.11
CA PRO D 151 -24.11 24.78 37.50
C PRO D 151 -23.86 24.72 39.00
N THR D 152 -24.70 25.35 39.82
CA THR D 152 -24.53 25.34 41.27
C THR D 152 -25.65 24.62 41.99
N ALA D 153 -26.59 24.01 41.27
CA ALA D 153 -27.75 23.37 41.89
C ALA D 153 -27.53 21.90 42.23
N GLY D 154 -26.38 21.32 41.85
CA GLY D 154 -26.03 19.97 42.24
C GLY D 154 -26.71 18.84 41.49
N VAL D 155 -27.52 19.14 40.48
CA VAL D 155 -28.26 18.10 39.75
C VAL D 155 -27.84 18.10 38.29
N PRO D 156 -26.61 17.67 37.96
CA PRO D 156 -26.18 17.67 36.55
C PRO D 156 -26.85 16.61 35.70
N GLY D 157 -27.45 15.59 36.30
CA GLY D 157 -28.06 14.50 35.56
C GLY D 157 -27.38 13.17 35.84
N ASN D 158 -28.04 12.12 35.35
CA ASN D 158 -27.46 10.77 35.32
C ASN D 158 -27.09 10.26 36.71
N ALA D 159 -27.81 10.70 37.76
CA ALA D 159 -27.52 10.20 39.10
C ALA D 159 -27.55 8.68 39.14
N GLY D 160 -28.50 8.07 38.44
CA GLY D 160 -28.63 6.62 38.46
C GLY D 160 -27.44 5.91 37.83
N LEU D 161 -26.88 6.50 36.77
CA LEU D 161 -25.68 5.93 36.17
C LEU D 161 -24.48 6.11 37.08
N LYS D 162 -24.41 7.24 37.77
CA LYS D 162 -23.33 7.45 38.72
C LYS D 162 -23.49 6.58 39.96
N ASP D 163 -24.73 6.24 40.34
CA ASP D 163 -24.92 5.21 41.36
C ASP D 163 -24.24 3.92 40.95
N GLN D 164 -24.52 3.47 39.74
CA GLN D 164 -23.87 2.27 39.21
C GLN D 164 -22.36 2.41 39.26
N ARG D 165 -21.85 3.57 38.84
CA ARG D 165 -20.41 3.78 38.84
C ARG D 165 -19.84 3.59 40.24
N LEU D 166 -20.48 4.22 41.23
CA LEU D 166 -19.98 4.12 42.60
C LEU D 166 -20.06 2.68 43.11
N ALA D 167 -21.10 1.95 42.71
CA ALA D 167 -21.17 0.52 43.01
C ALA D 167 -19.97 -0.22 42.43
N LEU D 168 -19.67 0.04 41.15
CA LEU D 168 -18.53 -0.64 40.53
C LEU D 168 -17.22 -0.30 41.24
N ARG D 169 -17.06 0.95 41.69
CA ARG D 169 -15.85 1.29 42.45
C ARG D 169 -15.81 0.53 43.76
N TRP D 170 -16.97 0.35 44.40
CA TRP D 170 -17.02 -0.46 45.62
C TRP D 170 -16.53 -1.86 45.33
N VAL D 171 -16.99 -2.45 44.22
CA VAL D 171 -16.63 -3.83 43.89
C VAL D 171 -15.14 -3.95 43.66
N ARG D 172 -14.57 -3.02 42.88
CA ARG D 172 -13.12 -3.02 42.66
C ARG D 172 -12.36 -3.02 43.98
N ASP D 173 -12.77 -2.16 44.93
CA ASP D 173 -12.09 -2.02 46.22
C ASP D 173 -12.37 -3.14 47.21
N ASN D 174 -13.51 -3.85 47.13
CA ASN D 174 -13.93 -4.70 48.23
C ASN D 174 -14.19 -6.16 47.87
N ILE D 175 -14.38 -6.49 46.59
CA ILE D 175 -14.82 -7.84 46.23
C ILE D 175 -13.79 -8.91 46.59
N ALA D 176 -12.50 -8.55 46.69
CA ALA D 176 -11.49 -9.51 47.13
C ALA D 176 -11.82 -10.09 48.51
N SER D 177 -12.40 -9.30 49.41
CA SER D 177 -12.77 -9.80 50.72
C SER D 177 -13.84 -10.88 50.66
N PHE D 178 -14.55 -10.99 49.53
CA PHE D 178 -15.59 -11.99 49.34
C PHE D 178 -15.15 -13.09 48.39
N GLY D 179 -13.84 -13.19 48.11
CA GLY D 179 -13.32 -14.21 47.23
C GLY D 179 -13.41 -13.89 45.76
N GLY D 180 -13.67 -12.64 45.41
CA GLY D 180 -13.67 -12.24 44.02
C GLY D 180 -12.31 -11.70 43.58
N ASP D 181 -12.05 -11.83 42.30
CA ASP D 181 -10.84 -11.31 41.68
C ASP D 181 -11.15 -9.95 41.08
N PRO D 182 -10.66 -8.83 41.66
CA PRO D 182 -11.04 -7.51 41.14
C PRO D 182 -10.41 -7.17 39.79
N SER D 183 -9.50 -8.01 39.28
CA SER D 183 -8.98 -7.87 37.93
C SER D 183 -9.71 -8.77 36.94
N ALA D 184 -10.80 -9.40 37.36
CA ALA D 184 -11.58 -10.24 36.45
C ALA D 184 -13.07 -10.00 36.66
N ILE D 185 -13.49 -8.73 36.52
CA ILE D 185 -14.90 -8.34 36.68
C ILE D 185 -15.54 -8.24 35.31
N THR D 186 -16.69 -8.90 35.15
CA THR D 186 -17.54 -8.73 33.98
C THR D 186 -18.77 -7.92 34.37
N LEU D 187 -19.04 -6.84 33.63
CA LEU D 187 -20.26 -6.09 33.82
C LEU D 187 -21.30 -6.58 32.83
N PHE D 188 -22.50 -6.92 33.31
CA PHE D 188 -23.56 -7.32 32.39
C PHE D 188 -24.90 -6.71 32.82
N GLY D 189 -25.82 -6.63 31.88
CA GLY D 189 -27.12 -6.07 32.18
C GLY D 189 -28.00 -6.10 30.95
N HIS D 190 -29.30 -5.97 31.21
CA HIS D 190 -30.34 -6.17 30.21
C HIS D 190 -31.17 -4.90 30.02
N SER D 191 -31.56 -4.66 28.78
CA SER D 191 -32.49 -3.59 28.38
C SER D 191 -31.89 -2.24 28.73
N ALA D 192 -32.57 -1.44 29.54
CA ALA D 192 -31.92 -0.23 30.03
C ALA D 192 -30.64 -0.57 30.81
N GLY D 193 -30.59 -1.74 31.44
CA GLY D 193 -29.33 -2.17 32.05
C GLY D 193 -28.26 -2.48 31.02
N GLY D 194 -28.65 -2.94 29.83
CA GLY D 194 -27.67 -3.16 28.78
C GLY D 194 -27.13 -1.86 28.22
N ALA D 195 -28.03 -0.90 27.95
CA ALA D 195 -27.58 0.45 27.63
C ALA D 195 -26.68 1.00 28.73
N SER D 196 -27.00 0.70 30.00
CA SER D 196 -26.17 1.14 31.10
C SER D 196 -24.78 0.53 31.02
N VAL D 197 -24.70 -0.77 30.71
CA VAL D 197 -23.39 -1.41 30.58
C VAL D 197 -22.57 -0.73 29.49
N GLN D 198 -23.18 -0.44 28.33
CA GLN D 198 -22.44 0.20 27.27
C GLN D 198 -22.00 1.61 27.66
N TYR D 199 -22.85 2.35 28.40
CA TYR D 199 -22.46 3.68 28.88
C TYR D 199 -21.17 3.60 29.69
N HIS D 200 -21.08 2.61 30.59
CA HIS D 200 -19.86 2.49 31.38
C HIS D 200 -18.65 2.17 30.50
N THR D 201 -18.85 1.43 29.41
CA THR D 201 -17.72 1.12 28.54
C THR D 201 -17.29 2.30 27.70
N ILE D 202 -18.15 3.31 27.49
CA ILE D 202 -17.77 4.45 26.65
C ILE D 202 -17.45 5.69 27.46
N ALA D 203 -17.76 5.70 28.76
CA ALA D 203 -17.52 6.85 29.62
C ALA D 203 -16.20 6.71 30.35
N ASP D 204 -15.34 7.73 30.22
CA ASP D 204 -14.09 7.74 30.97
C ASP D 204 -14.31 7.72 32.49
N ALA D 205 -15.47 8.19 32.97
CA ALA D 205 -15.73 8.16 34.41
C ALA D 205 -15.68 6.73 34.97
N SER D 206 -15.85 5.71 34.13
CA SER D 206 -15.83 4.35 34.64
C SER D 206 -14.67 3.55 34.06
N ASN D 208 -11.73 1.31 33.15
CA ASN D 208 -11.02 0.19 33.77
C ASN D 208 -11.60 -0.27 35.14
N LEU D 209 -12.84 0.09 35.42
CA LEU D 209 -13.50 -0.46 36.60
C LEU D 209 -13.78 -1.95 36.46
N PHE D 210 -13.85 -2.44 35.22
CA PHE D 210 -14.08 -3.84 34.93
C PHE D 210 -13.29 -4.18 33.66
N GLN D 211 -13.22 -5.47 33.35
CA GLN D 211 -12.32 -5.97 32.33
C GLN D 211 -13.02 -6.51 31.09
N ARG D 212 -14.32 -6.77 31.16
CA ARG D 212 -15.09 -7.24 30.02
C ARG D 212 -16.56 -6.95 30.30
N ALA D 213 -17.40 -7.06 29.26
CA ALA D 213 -18.81 -6.70 29.44
C ALA D 213 -19.70 -7.57 28.57
N ILE D 214 -20.94 -7.76 29.03
CA ILE D 214 -21.99 -8.40 28.25
C ILE D 214 -23.16 -7.42 28.14
N ILE D 215 -23.49 -7.04 26.92
CA ILE D 215 -24.57 -6.09 26.64
C ILE D 215 -25.78 -6.90 26.15
N MET D 216 -26.87 -6.89 26.91
CA MET D 216 -28.06 -7.70 26.61
C MET D 216 -29.20 -6.79 26.17
N SER D 217 -29.58 -6.87 24.89
CA SER D 217 -30.83 -6.29 24.38
C SER D 217 -31.02 -4.82 24.78
N GLY D 218 -30.00 -4.02 24.53
CA GLY D 218 -30.06 -2.61 24.88
C GLY D 218 -28.74 -1.97 24.52
N SER D 219 -28.75 -0.70 24.14
CA SER D 219 -27.53 -0.11 23.63
C SER D 219 -27.61 1.39 23.76
N THR D 220 -26.44 2.02 23.92
CA THR D 220 -26.37 3.47 23.84
C THR D 220 -26.71 3.97 22.45
N MET D 221 -26.66 3.11 21.44
CA MET D 221 -27.14 3.46 20.10
C MET D 221 -28.65 3.53 19.99
N CYS D 222 -29.40 2.96 20.94
CA CYS D 222 -30.87 3.10 20.91
C CYS D 222 -31.25 4.55 21.21
N SER D 223 -32.19 5.09 20.43
CA SER D 223 -32.63 6.45 20.68
C SER D 223 -33.28 6.62 22.06
N TRP D 224 -33.84 5.53 22.64
CA TRP D 224 -34.44 5.62 23.97
C TRP D 224 -33.42 5.60 25.09
N ALA D 225 -32.13 5.40 24.79
CA ALA D 225 -31.10 5.43 25.83
C ALA D 225 -30.68 6.85 26.20
N LEU D 226 -31.26 7.86 25.55
CA LEU D 226 -30.87 9.24 25.81
C LEU D 226 -32.11 10.11 25.72
N THR D 227 -32.18 11.13 26.57
CA THR D 227 -33.32 12.03 26.51
C THR D 227 -32.84 13.47 26.42
N PRO D 228 -33.60 14.33 25.75
CA PRO D 228 -33.32 15.77 25.80
C PRO D 228 -33.93 16.40 27.05
N GLN D 229 -33.50 17.64 27.31
CA GLN D 229 -33.96 18.39 28.49
C GLN D 229 -34.92 19.50 28.05
N ARG D 230 -36.18 19.40 28.48
CA ARG D 230 -37.21 20.36 28.08
C ARG D 230 -38.06 20.78 29.27
N ASN D 231 -37.43 21.44 30.26
CA ASN D 231 -38.13 21.98 31.42
C ASN D 231 -38.80 20.90 32.25
N TRP D 232 -38.19 19.71 32.31
CA TRP D 232 -38.79 18.62 33.08
C TRP D 232 -38.93 18.92 34.57
N PRO D 233 -37.94 19.51 35.27
CA PRO D 233 -38.16 19.81 36.68
C PRO D 233 -39.41 20.65 36.93
N GLU D 234 -39.68 21.66 36.09
CA GLU D 234 -40.86 22.49 36.31
C GLU D 234 -42.14 21.76 35.92
N LYS D 235 -42.11 20.98 34.84
CA LYS D 235 -43.29 20.20 34.47
C LYS D 235 -43.62 19.17 35.54
N LEU D 236 -42.59 18.54 36.13
CA LEU D 236 -42.83 17.56 37.19
C LEU D 236 -43.43 18.24 38.42
N ALA D 237 -42.85 19.36 38.85
CA ALA D 237 -43.37 20.07 40.02
C ALA D 237 -44.82 20.50 39.80
N LYS D 238 -45.12 21.10 38.65
CA LYS D 238 -46.48 21.55 38.38
C LYS D 238 -47.47 20.39 38.36
N ALA D 239 -47.02 19.20 37.96
CA ALA D 239 -47.90 18.04 37.95
C ALA D 239 -48.24 17.59 39.36
N ILE D 240 -47.28 17.63 40.29
CA ILE D 240 -47.54 17.25 41.66
C ILE D 240 -48.36 18.31 42.39
N GLY D 241 -48.35 19.56 41.92
CA GLY D 241 -49.26 20.55 42.46
C GLY D 241 -48.61 21.89 42.71
N TRP D 242 -47.39 22.06 42.24
CA TRP D 242 -46.67 23.31 42.40
C TRP D 242 -47.43 24.42 41.68
N GLN D 243 -47.60 25.55 42.36
CA GLN D 243 -48.36 26.69 41.82
C GLN D 243 -47.54 27.96 41.90
N GLY D 244 -46.25 27.88 41.58
CA GLY D 244 -45.41 29.06 41.59
C GLY D 244 -44.42 29.12 40.45
N GLU D 245 -44.88 28.77 39.23
CA GLU D 245 -44.05 28.70 38.03
C GLU D 245 -43.03 29.83 37.91
N GLY D 246 -41.78 29.55 38.24
CA GLY D 246 -40.73 30.56 38.17
C GLY D 246 -39.35 30.01 37.92
N ASP D 247 -38.49 30.06 38.94
CA ASP D 247 -37.11 29.61 38.79
C ASP D 247 -37.02 28.10 38.97
N GLU D 248 -36.13 27.48 38.18
CA GLU D 248 -35.94 26.05 38.27
C GLU D 248 -35.51 25.63 39.68
N GLU D 249 -34.73 26.48 40.37
CA GLU D 249 -34.31 26.13 41.72
C GLU D 249 -35.49 26.09 42.70
N ALA D 250 -36.59 26.80 42.40
CA ALA D 250 -37.79 26.73 43.23
C ALA D 250 -38.58 25.47 42.96
N ALA D 251 -38.71 25.08 41.68
CA ALA D 251 -39.24 23.75 41.38
C ALA D 251 -38.40 22.67 42.05
N LEU D 252 -37.07 22.81 42.02
CA LEU D 252 -36.20 21.82 42.65
C LEU D 252 -36.39 21.83 44.16
N GLN D 253 -36.57 23.02 44.75
CA GLN D 253 -36.93 23.11 46.16
C GLN D 253 -38.25 22.40 46.43
N TYR D 254 -39.25 22.64 45.59
CA TYR D 254 -40.54 21.97 45.77
C TYR D 254 -40.39 20.45 45.61
N LEU D 255 -39.53 20.01 44.68
CA LEU D 255 -39.38 18.57 44.48
C LEU D 255 -38.67 17.91 45.66
N ARG D 256 -37.85 18.65 46.39
CA ARG D 256 -37.17 18.10 47.55
C ARG D 256 -38.07 18.00 48.78
N GLN D 257 -39.19 18.72 48.81
CA GLN D 257 -40.15 18.57 49.90
C GLN D 257 -41.35 17.71 49.52
N ALA D 258 -41.48 17.35 48.24
CA ALA D 258 -42.58 16.49 47.84
C ALA D 258 -42.34 15.05 48.32
N SER D 259 -43.41 14.26 48.29
CA SER D 259 -43.25 12.88 48.72
C SER D 259 -42.67 12.04 47.59
N PRO D 260 -41.77 11.10 47.88
CA PRO D 260 -41.27 10.23 46.81
C PRO D 260 -42.37 9.50 46.07
N GLU D 261 -43.44 9.12 46.78
CA GLU D 261 -44.57 8.47 46.13
C GLU D 261 -45.21 9.38 45.08
N SER D 262 -45.35 10.67 45.39
CA SER D 262 -45.93 11.60 44.42
C SER D 262 -45.04 11.76 43.19
N ILE D 263 -43.70 11.73 43.39
CA ILE D 263 -42.78 11.82 42.27
C ILE D 263 -42.95 10.62 41.35
N VAL D 264 -43.04 9.43 41.91
CA VAL D 264 -43.22 8.22 41.10
C VAL D 264 -44.58 8.22 40.42
N ASP D 265 -45.60 8.75 41.09
CA ASP D 265 -46.94 8.74 40.52
C ASP D 265 -47.03 9.63 39.28
N HIS D 266 -46.29 10.73 39.25
CA HIS D 266 -46.43 11.75 38.20
C HIS D 266 -45.30 11.75 37.17
N GLN D 267 -44.15 11.13 37.46
CA GLN D 267 -42.97 11.32 36.61
C GLN D 267 -43.17 10.80 35.18
N GLU D 268 -44.19 9.98 34.94
CA GLU D 268 -44.43 9.43 33.62
C GLU D 268 -45.63 10.07 32.92
N LYS D 269 -46.18 11.16 33.47
CA LYS D 269 -47.29 11.87 32.87
C LYS D 269 -46.91 13.27 32.36
N LEU D 270 -45.64 13.47 31.98
CA LEU D 270 -45.17 14.81 31.61
C LEU D 270 -45.10 15.04 30.11
N PHE D 271 -45.45 14.04 29.29
CA PHE D 271 -45.22 14.10 27.86
C PHE D 271 -46.35 14.80 27.13
N GLY D 272 -45.98 15.68 26.20
CA GLY D 272 -46.93 16.31 25.32
C GLY D 272 -46.93 15.67 23.95
N PRO D 273 -47.69 16.24 23.01
CA PRO D 273 -47.82 15.62 21.69
C PRO D 273 -46.53 15.60 20.89
N GLN D 274 -45.63 16.57 21.10
CA GLN D 274 -44.33 16.54 20.45
C GLN D 274 -43.50 15.35 20.93
N GLU D 275 -43.50 15.09 22.24
CA GLU D 275 -42.67 14.04 22.80
C GLU D 275 -43.09 12.66 22.29
N ILE D 276 -44.40 12.41 22.24
CA ILE D 276 -44.86 11.12 21.73
C ILE D 276 -44.68 11.06 20.21
N GLN D 277 -44.87 12.19 19.52
CA GLN D 277 -44.64 12.22 18.08
C GLN D 277 -43.20 11.85 17.75
N GLU D 278 -42.25 12.30 18.58
CA GLU D 278 -40.84 11.96 18.39
C GLU D 278 -40.48 10.56 18.87
N GLY D 279 -41.43 9.84 19.47
CA GLY D 279 -41.15 8.50 19.96
C GLY D 279 -40.34 8.43 21.22
N LEU D 280 -40.31 9.50 22.02
CA LEU D 280 -39.61 9.49 23.29
C LEU D 280 -40.34 8.61 24.30
N LEU D 281 -39.56 7.94 25.16
CA LEU D 281 -40.14 6.97 26.08
C LEU D 281 -40.25 7.49 27.52
N SER D 282 -39.36 8.39 27.94
CA SER D 282 -39.46 8.92 29.29
C SER D 282 -38.62 10.19 29.40
N PRO D 283 -39.06 11.19 30.15
CA PRO D 283 -38.22 12.38 30.36
C PRO D 283 -37.04 12.13 31.27
N PHE D 284 -37.07 11.06 32.06
CA PHE D 284 -36.06 10.78 33.07
C PHE D 284 -35.29 9.55 32.61
N ALA D 285 -34.17 9.80 31.93
CA ALA D 285 -33.34 8.82 31.27
C ALA D 285 -31.95 9.45 31.23
N PRO D 286 -30.91 8.75 30.82
CA PRO D 286 -29.60 9.39 30.68
C PRO D 286 -29.68 10.62 29.79
N THR D 287 -28.80 11.60 30.07
CA THR D 287 -28.85 12.85 29.34
C THR D 287 -27.45 13.43 29.22
N ILE D 288 -27.24 14.24 28.19
CA ILE D 288 -26.01 15.01 28.09
C ILE D 288 -26.01 16.04 29.22
N GLU D 289 -24.95 16.05 30.01
CA GLU D 289 -24.93 16.92 31.18
C GLU D 289 -24.59 18.36 30.77
N PRO D 290 -25.31 19.36 31.27
CA PRO D 290 -25.14 20.71 30.75
C PRO D 290 -23.85 21.40 31.19
N TYR D 291 -23.22 20.94 32.26
CA TYR D 291 -21.97 21.51 32.73
C TYR D 291 -21.12 20.37 33.27
N GLU D 292 -19.83 20.61 33.43
CA GLU D 292 -18.89 19.62 33.93
C GLU D 292 -18.86 19.65 35.46
N SER D 293 -19.18 18.52 36.09
CA SER D 293 -19.11 18.39 37.54
C SER D 293 -17.87 17.58 37.92
N GLU D 294 -17.75 17.27 39.21
CA GLU D 294 -16.67 16.40 39.70
C GLU D 294 -16.66 15.08 38.96
N VAL D 295 -17.82 14.44 38.87
CA VAL D 295 -18.00 13.27 38.02
C VAL D 295 -18.95 13.67 36.91
N CYS D 296 -18.44 13.73 35.69
CA CYS D 296 -19.24 14.03 34.51
C CYS D 296 -19.35 12.72 33.76
N PHE D 297 -20.52 12.07 33.86
CA PHE D 297 -20.65 10.77 33.22
C PHE D 297 -20.81 10.91 31.70
N ILE D 298 -21.75 11.74 31.27
CA ILE D 298 -21.97 11.97 29.84
C ILE D 298 -21.64 13.41 29.50
N PRO D 299 -20.39 13.71 29.12
CA PRO D 299 -20.04 15.11 28.79
C PRO D 299 -20.47 15.56 27.40
N ARG D 300 -20.80 14.64 26.49
CA ARG D 300 -21.20 15.00 25.14
C ARG D 300 -21.93 13.80 24.54
N SER D 301 -22.28 13.91 23.26
CA SER D 301 -23.02 12.92 22.51
C SER D 301 -22.46 11.51 22.74
N PRO D 302 -23.25 10.59 23.29
CA PRO D 302 -22.77 9.20 23.44
C PRO D 302 -22.28 8.59 22.14
N PHE D 303 -22.86 8.98 21.00
CA PHE D 303 -22.39 8.47 19.71
C PHE D 303 -20.92 8.79 19.51
N GLU D 304 -20.52 10.02 19.77
CA GLU D 304 -19.10 10.37 19.66
C GLU D 304 -18.29 9.72 20.78
N MET D 305 -18.87 9.58 21.97
CA MET D 305 -18.14 8.93 23.05
C MET D 305 -17.80 7.50 22.70
N SER D 306 -18.72 6.82 22.00
CA SER D 306 -18.48 5.43 21.61
C SER D 306 -17.28 5.30 20.66
N ARG D 307 -17.04 6.30 19.82
CA ARG D 307 -15.95 6.20 18.83
C ARG D 307 -14.59 6.08 19.50
N THR D 308 -14.38 6.77 20.62
CA THR D 308 -13.12 6.74 21.34
C THR D 308 -13.22 6.01 22.66
N ALA D 309 -14.22 5.13 22.81
CA ALA D 309 -14.49 4.52 24.10
C ALA D 309 -13.28 3.75 24.64
N TRP D 310 -12.95 3.99 25.93
CA TRP D 310 -11.93 3.17 26.55
C TRP D 310 -12.26 1.69 26.45
N GLY D 311 -13.56 1.36 26.39
CA GLY D 311 -14.00 -0.02 26.26
C GLY D 311 -13.69 -0.66 24.92
N ASN D 312 -13.34 0.15 23.90
CA ASN D 312 -12.83 -0.42 22.65
C ASN D 312 -11.64 -1.35 22.89
N SER D 313 -11.02 -1.32 24.06
CA SER D 313 -9.91 -2.19 24.38
C SER D 313 -10.27 -3.36 25.28
N ILE D 314 -11.57 -3.62 25.53
CA ILE D 314 -11.96 -4.76 26.35
C ILE D 314 -12.88 -5.68 25.53
N ASP D 315 -12.92 -6.95 25.93
CA ASP D 315 -13.76 -7.91 25.23
C ASP D 315 -15.22 -7.71 25.62
N ILE D 316 -16.11 -7.85 24.64
CA ILE D 316 -17.54 -7.68 24.84
C ILE D 316 -18.31 -8.82 24.19
N MET D 317 -19.31 -9.32 24.91
CA MET D 317 -20.39 -10.16 24.36
C MET D 317 -21.66 -9.33 24.23
N ILE D 318 -22.41 -9.57 23.17
CA ILE D 318 -23.63 -8.80 22.92
C ILE D 318 -24.65 -9.73 22.26
N GLY D 319 -25.93 -9.55 22.60
CA GLY D 319 -26.94 -10.40 22.01
C GLY D 319 -28.35 -9.92 22.31
N GLY D 320 -29.31 -10.63 21.75
CA GLY D 320 -30.71 -10.38 22.01
C GLY D 320 -31.56 -11.61 21.77
N THR D 321 -32.88 -11.42 21.80
CA THR D 321 -33.82 -12.51 21.61
C THR D 321 -34.41 -12.49 20.20
N SER D 322 -35.22 -13.50 19.88
CA SER D 322 -35.77 -13.62 18.52
C SER D 322 -37.03 -12.80 18.31
N GLU D 323 -37.79 -12.53 19.36
CA GLU D 323 -39.04 -11.78 19.25
C GLU D 323 -39.04 -10.61 20.22
N GLU D 324 -37.98 -9.79 20.18
CA GLU D 324 -37.85 -8.67 21.10
C GLU D 324 -39.09 -7.78 21.08
N GLY D 325 -39.64 -7.55 19.89
CA GLY D 325 -40.74 -6.62 19.68
C GLY D 325 -42.05 -7.01 20.34
N LEU D 326 -42.15 -8.20 20.94
CA LEU D 326 -43.35 -8.54 21.70
C LEU D 326 -43.62 -7.53 22.82
N ILE D 327 -42.57 -6.87 23.31
CA ILE D 327 -42.73 -5.84 24.33
C ILE D 327 -43.71 -4.75 23.89
N LEU D 328 -43.86 -4.56 22.58
CA LEU D 328 -44.67 -3.46 22.09
C LEU D 328 -46.16 -3.78 22.11
N LEU D 329 -46.54 -5.05 21.93
CA LEU D 329 -47.94 -5.46 21.84
C LEU D 329 -48.81 -4.93 22.98
N PRO D 330 -48.46 -5.08 24.26
CA PRO D 330 -49.31 -4.51 25.31
C PRO D 330 -49.48 -3.01 25.21
N LYS D 331 -48.44 -2.28 24.76
CA LYS D 331 -48.53 -0.84 24.70
C LYS D 331 -49.45 -0.34 23.59
N VAL D 332 -49.72 -1.17 22.58
CA VAL D 332 -50.52 -0.75 21.45
C VAL D 332 -51.77 -1.61 21.25
N LYS D 333 -52.15 -2.40 22.26
CA LYS D 333 -53.28 -3.31 22.07
C LYS D 333 -54.57 -2.59 21.66
N PRO D 334 -55.02 -1.51 22.32
CA PRO D 334 -56.25 -0.85 21.87
C PRO D 334 -56.18 -0.37 20.43
N GLN D 335 -55.15 0.41 20.09
CA GLN D 335 -55.00 1.00 18.77
C GLN D 335 -54.52 -0.01 17.72
N LEU D 336 -54.27 -1.27 18.12
CA LEU D 336 -53.60 -2.23 17.23
C LEU D 336 -54.33 -2.45 15.90
N PRO D 337 -55.62 -2.83 15.87
CA PRO D 337 -56.23 -3.15 14.58
C PRO D 337 -56.22 -2.00 13.61
N SER D 338 -56.28 -0.76 14.10
CA SER D 338 -56.14 0.40 13.22
C SER D 338 -54.72 0.54 12.69
N MET D 339 -53.70 0.19 13.48
CA MET D 339 -52.32 0.31 13.02
C MET D 339 -52.06 -0.61 11.83
N LEU D 340 -52.55 -1.85 11.89
CA LEU D 340 -52.21 -2.84 10.88
C LEU D 340 -52.81 -2.50 9.52
N GLN D 341 -53.99 -1.89 9.50
CA GLN D 341 -54.62 -1.48 8.24
C GLN D 341 -54.21 -0.08 7.81
N ASP D 342 -53.45 0.63 8.62
CA ASP D 342 -52.94 1.95 8.28
C ASP D 342 -52.02 1.83 7.06
N PRO D 343 -52.29 2.53 5.96
CA PRO D 343 -51.46 2.39 4.76
C PRO D 343 -50.06 2.97 4.90
N ARG D 344 -49.79 3.74 5.96
CA ARG D 344 -48.44 4.18 6.26
C ARG D 344 -47.88 3.51 7.51
N LEU D 345 -48.27 2.26 7.75
CA LEU D 345 -47.72 1.51 8.86
C LEU D 345 -46.20 1.38 8.74
N PHE D 346 -45.70 1.26 7.50
CA PHE D 346 -44.28 1.04 7.29
C PHE D 346 -43.51 2.34 7.10
N VAL D 347 -44.13 3.33 6.43
CA VAL D 347 -43.53 4.65 6.33
C VAL D 347 -43.28 5.22 7.72
N GLY D 348 -44.21 4.98 8.66
CA GLY D 348 -44.08 5.48 10.01
C GLY D 348 -43.01 4.80 10.86
N ASN D 349 -42.47 3.67 10.39
CA ASN D 349 -41.39 3.00 11.11
C ASN D 349 -40.00 3.43 10.66
N VAL D 350 -39.90 4.25 9.60
CA VAL D 350 -38.62 4.87 9.28
C VAL D 350 -38.33 5.88 10.40
N PRO D 351 -37.21 5.74 11.11
CA PRO D 351 -37.00 6.53 12.33
C PRO D 351 -37.20 8.03 12.12
N PHE D 352 -37.92 8.64 13.07
CA PHE D 352 -38.24 10.06 13.00
C PHE D 352 -36.99 10.93 13.04
N HIS D 353 -36.00 10.54 13.85
CA HIS D 353 -34.82 11.36 14.05
C HIS D 353 -33.89 11.38 12.84
N LEU D 354 -34.06 10.47 11.89
CA LEU D 354 -33.18 10.43 10.73
C LEU D 354 -33.44 11.63 9.82
N LYS D 355 -32.40 12.07 9.12
CA LYS D 355 -32.54 13.17 8.17
C LYS D 355 -32.82 12.53 6.81
N LEU D 356 -34.08 12.59 6.39
CA LEU D 356 -34.53 11.92 5.17
C LEU D 356 -35.67 12.71 4.57
N SER D 357 -35.64 12.91 3.26
CA SER D 357 -36.72 13.60 2.58
C SER D 357 -37.97 12.74 2.57
N LEU D 358 -39.13 13.40 2.40
CA LEU D 358 -40.39 12.69 2.41
C LEU D 358 -40.47 11.65 1.30
N GLU D 359 -39.82 11.91 0.16
CA GLU D 359 -39.78 10.92 -0.91
C GLU D 359 -38.87 9.75 -0.53
N GLN D 360 -37.76 10.03 0.14
CA GLN D 360 -36.89 8.97 0.64
C GLN D 360 -37.64 8.06 1.61
N ARG D 361 -38.41 8.66 2.54
CA ARG D 361 -39.10 7.87 3.55
C ARG D 361 -40.21 7.01 2.95
N MET D 362 -40.80 7.44 1.82
CA MET D 362 -41.84 6.61 1.22
C MET D 362 -41.26 5.40 0.52
N ALA D 363 -40.11 5.58 -0.15
CA ALA D 363 -39.43 4.46 -0.77
C ALA D 363 -39.02 3.43 0.26
N PHE D 364 -38.45 3.88 1.38
CA PHE D 364 -38.04 2.97 2.45
C PHE D 364 -39.24 2.25 3.06
N GLY D 365 -40.38 2.94 3.16
CA GLY D 365 -41.59 2.29 3.65
C GLY D 365 -42.02 1.14 2.76
N GLU D 366 -41.85 1.29 1.44
CA GLU D 366 -42.13 0.19 0.52
C GLU D 366 -41.21 -0.99 0.77
N GLN D 367 -39.90 -0.71 0.95
CA GLN D 367 -38.94 -1.78 1.18
C GLN D 367 -39.23 -2.48 2.51
N LEU D 368 -39.67 -1.73 3.51
CA LEU D 368 -40.06 -2.34 4.78
C LEU D 368 -41.26 -3.25 4.60
N LYS D 369 -42.23 -2.84 3.77
CA LYS D 369 -43.39 -3.69 3.49
C LYS D 369 -42.96 -4.99 2.83
N GLN D 370 -42.12 -4.90 1.80
CA GLN D 370 -41.64 -6.11 1.14
C GLN D 370 -40.83 -6.99 2.08
N LEU D 371 -40.12 -6.38 3.03
CA LEU D 371 -39.27 -7.16 3.92
C LEU D 371 -40.09 -7.95 4.93
N TYR D 372 -41.04 -7.27 5.59
CA TYR D 372 -41.74 -7.88 6.71
C TYR D 372 -43.03 -8.58 6.29
N TYR D 373 -43.72 -8.06 5.28
CA TYR D 373 -44.97 -8.66 4.83
C TYR D 373 -44.93 -8.86 3.32
N PRO D 374 -44.23 -9.89 2.86
CA PRO D 374 -44.38 -10.34 1.47
C PRO D 374 -45.54 -11.32 1.35
N ASP D 375 -46.24 -11.21 0.23
CA ASP D 375 -47.43 -12.02 -0.09
C ASP D 375 -48.34 -12.17 1.13
N SER D 376 -48.56 -11.06 1.83
CA SER D 376 -49.40 -11.10 3.03
C SER D 376 -49.75 -9.67 3.43
N ASN D 377 -50.84 -9.54 4.19
CA ASN D 377 -51.23 -8.27 4.78
C ASN D 377 -51.28 -8.38 6.29
N PRO D 378 -50.88 -7.33 7.01
CA PRO D 378 -50.93 -7.37 8.48
C PRO D 378 -52.33 -7.64 9.00
N SER D 379 -52.42 -8.51 10.00
CA SER D 379 -53.68 -8.80 10.67
C SER D 379 -53.41 -9.08 12.13
N ILE D 380 -54.48 -9.01 12.93
CA ILE D 380 -54.36 -9.33 14.35
C ILE D 380 -53.93 -10.77 14.55
N ASP D 381 -54.19 -11.63 13.55
CA ASP D 381 -53.79 -13.03 13.59
C ASP D 381 -52.57 -13.32 12.73
N ASN D 382 -51.90 -12.28 12.23
CA ASN D 382 -50.70 -12.46 11.41
C ASN D 382 -49.73 -11.33 11.82
N LEU D 383 -49.21 -11.43 13.05
CA LEU D 383 -48.39 -10.38 13.65
C LEU D 383 -46.89 -10.64 13.56
N ASP D 384 -46.48 -11.70 12.86
CA ASP D 384 -45.06 -12.07 12.84
C ASP D 384 -44.20 -10.95 12.26
N GLY D 385 -44.62 -10.40 11.11
CA GLY D 385 -43.86 -9.32 10.50
C GLY D 385 -43.89 -8.05 11.32
N PHE D 386 -45.03 -7.73 11.93
CA PHE D 386 -45.12 -6.54 12.77
C PHE D 386 -44.23 -6.65 13.99
N VAL D 387 -44.14 -7.84 14.59
CA VAL D 387 -43.26 -8.05 15.73
C VAL D 387 -41.80 -7.91 15.31
N ASN D 388 -41.44 -8.53 14.18
CA ASN D 388 -40.06 -8.49 13.71
C ASN D 388 -39.63 -7.05 13.41
N MET D 389 -40.55 -6.23 12.87
CA MET D 389 -40.23 -4.83 12.58
C MET D 389 -39.99 -4.04 13.86
N ALA D 390 -40.82 -4.26 14.89
CA ALA D 390 -40.58 -3.62 16.18
C ALA D 390 -39.31 -4.16 16.84
N SER D 391 -39.04 -5.45 16.70
CA SER D 391 -37.79 -6.02 17.20
C SER D 391 -36.59 -5.30 16.57
N ASP D 392 -36.62 -5.10 15.26
CA ASP D 392 -35.47 -4.47 14.59
C ASP D 392 -35.37 -2.99 14.90
N ARG D 393 -36.52 -2.28 14.94
CA ARG D 393 -36.51 -0.84 15.10
C ARG D 393 -36.07 -0.44 16.51
N ILE D 394 -36.59 -1.12 17.52
CA ILE D 394 -36.36 -0.75 18.92
C ILE D 394 -35.08 -1.35 19.49
N PHE D 395 -34.66 -2.52 19.02
CA PHE D 395 -33.52 -3.21 19.65
C PHE D 395 -32.43 -3.62 18.65
N TRP D 396 -32.77 -4.49 17.69
CA TRP D 396 -31.73 -5.29 17.02
C TRP D 396 -30.87 -4.47 16.07
N HIS D 397 -31.43 -3.47 15.38
CA HIS D 397 -30.59 -2.67 14.51
C HIS D 397 -29.55 -1.90 15.31
N ASP D 398 -29.92 -1.38 16.47
CA ASP D 398 -28.97 -0.63 17.28
C ASP D 398 -27.97 -1.54 17.98
N LEU D 399 -28.37 -2.76 18.35
CA LEU D 399 -27.40 -3.76 18.77
C LEU D 399 -26.43 -4.07 17.65
N HIS D 400 -26.95 -4.15 16.42
CA HIS D 400 -26.16 -4.37 15.24
C HIS D 400 -25.22 -3.20 14.96
N ARG D 401 -25.72 -1.96 15.10
CA ARG D 401 -24.84 -0.81 14.95
C ARG D 401 -23.71 -0.84 15.96
N THR D 402 -23.97 -1.37 17.16
CA THR D 402 -22.88 -1.53 18.13
C THR D 402 -21.92 -2.62 17.70
N ILE D 403 -22.45 -3.74 17.18
CA ILE D 403 -21.57 -4.81 16.70
C ILE D 403 -20.66 -4.28 15.60
N LEU D 404 -21.21 -3.48 14.69
CA LEU D 404 -20.39 -2.91 13.60
C LEU D 404 -19.37 -1.92 14.15
N ALA D 405 -19.79 -1.07 15.10
CA ALA D 405 -18.86 -0.17 15.76
C ALA D 405 -17.68 -0.95 16.34
N ARG D 406 -17.97 -2.07 17.01
CA ARG D 406 -16.91 -2.91 17.57
C ARG D 406 -16.00 -3.45 16.48
N ALA D 407 -16.56 -3.94 15.36
CA ALA D 407 -15.73 -4.48 14.29
C ALA D 407 -14.77 -3.42 13.76
N ASN D 408 -15.19 -2.15 13.78
CA ASN D 408 -14.42 -1.05 13.23
C ASN D 408 -13.46 -0.41 14.23
N TYR D 409 -13.87 -0.24 15.49
CA TYR D 409 -13.11 0.54 16.46
C TYR D 409 -12.33 -0.29 17.48
N ALA D 410 -12.69 -1.54 17.69
CA ALA D 410 -11.93 -2.42 18.59
C ALA D 410 -10.86 -3.11 17.76
N CYS D 411 -9.64 -2.57 17.78
CA CYS D 411 -8.60 -3.13 16.93
C CYS D 411 -8.15 -4.50 17.41
N THR D 412 -7.99 -4.66 18.72
CA THR D 412 -7.44 -5.89 19.30
C THR D 412 -8.45 -6.67 20.11
N ALA D 413 -9.57 -6.07 20.50
CA ALA D 413 -10.48 -6.71 21.42
C ALA D 413 -11.42 -7.65 20.66
N LYS D 414 -11.92 -8.65 21.37
CA LYS D 414 -12.82 -9.62 20.78
C LYS D 414 -14.27 -9.23 21.05
N THR D 415 -15.15 -9.58 20.12
CA THR D 415 -16.58 -9.32 20.25
C THR D 415 -17.32 -10.61 19.88
N PHE D 416 -18.21 -11.08 20.75
CA PHE D 416 -18.99 -12.29 20.50
C PHE D 416 -20.48 -11.97 20.52
N VAL D 417 -21.24 -12.63 19.63
CA VAL D 417 -22.66 -12.34 19.46
C VAL D 417 -23.46 -13.60 19.74
N TYR D 418 -24.52 -13.47 20.55
CA TYR D 418 -25.44 -14.55 20.84
C TYR D 418 -26.85 -14.15 20.44
N ARG D 419 -27.67 -15.17 20.21
CA ARG D 419 -29.10 -14.98 19.96
C ARG D 419 -29.85 -16.04 20.75
N PHE D 420 -30.89 -15.63 21.46
CA PHE D 420 -31.64 -16.51 22.35
C PHE D 420 -33.07 -16.62 21.83
N CYS D 421 -33.43 -17.80 21.32
CA CYS D 421 -34.76 -17.99 20.76
C CYS D 421 -35.48 -19.18 21.39
N VAL D 422 -35.20 -19.44 22.66
CA VAL D 422 -35.86 -20.52 23.37
C VAL D 422 -37.31 -20.13 23.65
N ASP D 423 -38.24 -21.04 23.33
CA ASP D 423 -39.66 -20.79 23.53
C ASP D 423 -40.23 -21.97 24.33
N SER D 424 -40.68 -21.68 25.54
CA SER D 424 -41.29 -22.64 26.43
C SER D 424 -42.69 -22.17 26.81
N PRO D 425 -43.67 -23.08 26.85
CA PRO D 425 -45.05 -22.66 27.15
C PRO D 425 -45.23 -22.15 28.56
N PHE D 426 -44.32 -22.45 29.49
CA PHE D 426 -44.51 -22.06 30.88
C PHE D 426 -43.35 -21.29 31.49
N PHE D 427 -42.15 -21.31 30.91
CA PHE D 427 -40.96 -20.75 31.55
C PHE D 427 -40.53 -19.40 31.01
N ASN D 428 -41.05 -18.96 29.86
CA ASN D 428 -40.78 -17.59 29.38
C ASN D 428 -41.64 -16.64 30.21
N HIS D 429 -41.15 -16.31 31.41
CA HIS D 429 -42.04 -15.70 32.40
C HIS D 429 -42.45 -14.28 31.98
N TYR D 430 -41.54 -13.50 31.39
CA TYR D 430 -41.91 -12.13 31.04
C TYR D 430 -42.98 -12.11 29.94
N ARG D 431 -42.84 -12.98 28.95
CA ARG D 431 -43.85 -13.04 27.89
C ARG D 431 -45.21 -13.44 28.43
N ILE D 432 -45.24 -14.35 29.41
CA ILE D 432 -46.50 -14.86 29.95
C ILE D 432 -47.18 -13.83 30.84
N HIS D 433 -46.43 -13.25 31.78
CA HIS D 433 -47.01 -12.40 32.80
C HIS D 433 -47.00 -10.91 32.45
N MET D 434 -46.33 -10.52 31.37
CA MET D 434 -46.22 -9.10 31.03
C MET D 434 -46.52 -8.77 29.57
N VAL D 435 -46.63 -9.79 28.72
CA VAL D 435 -47.03 -9.54 27.30
C VAL D 435 -48.43 -10.11 27.10
N ASP D 436 -48.53 -11.39 26.74
CA ASP D 436 -49.85 -12.05 26.62
C ASP D 436 -49.73 -13.49 27.10
N PRO D 437 -50.53 -13.93 28.10
CA PRO D 437 -50.49 -15.29 28.61
C PRO D 437 -50.70 -16.32 27.49
N ASN D 438 -51.38 -15.91 26.43
CA ASN D 438 -51.68 -16.85 25.32
C ASN D 438 -50.75 -16.61 24.13
N ALA D 439 -49.73 -15.78 24.30
CA ALA D 439 -48.76 -15.49 23.21
C ALA D 439 -47.58 -16.45 23.26
N ARG D 440 -46.83 -16.55 22.15
CA ARG D 440 -45.67 -17.42 22.11
C ARG D 440 -44.50 -16.65 21.51
N GLY D 441 -43.33 -17.28 21.51
CA GLY D 441 -42.10 -16.66 21.04
C GLY D 441 -41.18 -16.30 22.18
N THR D 442 -40.04 -15.70 21.82
CA THR D 442 -39.01 -15.24 22.78
C THR D 442 -39.06 -13.71 22.88
N SER D 443 -39.80 -13.20 23.87
CA SER D 443 -39.99 -11.77 24.01
C SER D 443 -38.79 -11.12 24.70
N HIS D 444 -38.77 -9.79 24.67
CA HIS D 444 -37.82 -9.03 25.47
C HIS D 444 -37.91 -9.51 26.91
N ALA D 445 -36.76 -9.78 27.52
CA ALA D 445 -36.58 -10.19 28.91
C ALA D 445 -36.88 -11.67 29.16
N ASP D 446 -37.23 -12.45 28.14
CA ASP D 446 -37.49 -13.87 28.34
C ASP D 446 -36.22 -14.61 28.75
N GLU D 447 -35.07 -14.20 28.19
CA GLU D 447 -33.81 -14.86 28.54
C GLU D 447 -33.44 -14.67 30.02
N ILE D 448 -33.99 -13.63 30.68
CA ILE D 448 -33.70 -13.45 32.10
C ILE D 448 -34.23 -14.63 32.91
N SER D 449 -35.29 -15.29 32.42
CA SER D 449 -35.81 -16.47 33.13
C SER D 449 -34.85 -17.64 33.10
N TYR D 450 -33.93 -17.68 32.14
CA TYR D 450 -32.95 -18.74 32.00
C TYR D 450 -31.58 -18.34 32.51
N LEU D 451 -31.48 -17.18 33.17
CA LEU D 451 -30.26 -16.71 33.80
C LEU D 451 -30.41 -16.48 35.29
N PHE D 452 -31.57 -16.05 35.74
CA PHE D 452 -31.83 -15.72 37.12
C PHE D 452 -33.04 -16.50 37.59
N SER D 453 -33.01 -16.93 38.83
CA SER D 453 -34.20 -17.50 39.45
C SER D 453 -35.18 -16.39 39.87
N ASN D 454 -36.48 -16.68 39.79
CA ASN D 454 -37.49 -15.68 40.12
C ASN D 454 -38.65 -16.34 40.84
N ILE D 455 -39.60 -15.53 41.31
CA ILE D 455 -40.73 -16.03 42.11
C ILE D 455 -41.63 -16.98 41.34
N PHE D 456 -41.56 -17.00 40.01
CA PHE D 456 -42.38 -17.90 39.22
C PHE D 456 -41.71 -19.24 38.95
N ALA D 457 -40.41 -19.35 39.20
CA ALA D 457 -39.64 -20.51 38.78
C ALA D 457 -39.72 -21.61 39.82
N LYS D 458 -39.77 -22.85 39.33
CA LYS D 458 -39.70 -24.03 40.16
C LYS D 458 -38.51 -24.88 39.70
N PRO D 459 -37.99 -25.75 40.57
CA PRO D 459 -36.95 -26.68 40.12
C PRO D 459 -37.47 -27.51 38.95
N LEU D 460 -36.75 -27.46 37.84
CA LEU D 460 -37.13 -28.19 36.64
C LEU D 460 -36.48 -29.56 36.62
N ASP D 461 -37.16 -30.52 36.00
CA ASP D 461 -36.54 -31.81 35.80
C ASP D 461 -35.42 -31.69 34.77
N LYS D 462 -34.29 -32.37 35.04
CA LYS D 462 -33.06 -32.18 34.28
C LYS D 462 -33.19 -32.57 32.81
N SER D 463 -34.29 -33.19 32.41
CA SER D 463 -34.47 -33.58 31.02
C SER D 463 -35.15 -32.52 30.18
N THR D 464 -35.96 -31.66 30.81
CA THR D 464 -36.74 -30.67 30.08
C THR D 464 -35.83 -29.78 29.25
N LEU D 465 -36.36 -29.30 28.12
CA LEU D 465 -35.61 -28.35 27.30
C LEU D 465 -35.38 -27.04 28.04
N GLU D 466 -36.26 -26.70 28.98
CA GLU D 466 -36.06 -25.50 29.77
C GLU D 466 -34.80 -25.62 30.63
N TYR D 467 -34.64 -26.73 31.34
CA TYR D 467 -33.47 -26.89 32.19
C TYR D 467 -32.19 -26.88 31.36
N ARG D 468 -32.20 -27.51 30.18
CA ARG D 468 -31.03 -27.47 29.31
C ARG D 468 -30.77 -26.06 28.79
N ALA D 469 -31.83 -25.26 28.59
CA ALA D 469 -31.63 -23.88 28.16
C ALA D 469 -30.93 -23.06 29.24
N ILE D 470 -31.27 -23.30 30.51
CA ILE D 470 -30.55 -22.64 31.60
C ILE D 470 -29.08 -23.00 31.56
N GLN D 471 -28.79 -24.30 31.42
CA GLN D 471 -27.40 -24.76 31.37
C GLN D 471 -26.62 -24.08 30.26
N HIS D 472 -27.21 -24.01 29.06
CA HIS D 472 -26.55 -23.34 27.93
C HIS D 472 -26.27 -21.88 28.25
N LEU D 473 -27.28 -21.16 28.74
CA LEU D 473 -27.12 -19.73 28.95
C LEU D 473 -26.13 -19.44 30.08
N VAL D 474 -26.31 -20.09 31.23
CA VAL D 474 -25.39 -19.89 32.35
C VAL D 474 -23.97 -20.28 31.96
N ASP D 475 -23.81 -21.42 31.26
CA ASP D 475 -22.47 -21.86 30.86
C ASP D 475 -21.80 -20.83 29.95
N ILE D 476 -22.57 -20.22 29.05
CA ILE D 476 -21.99 -19.28 28.08
C ILE D 476 -21.60 -17.98 28.76
N PHE D 477 -22.47 -17.46 29.65
CA PHE D 477 -22.17 -16.20 30.33
C PHE D 477 -20.99 -16.36 31.30
N THR D 478 -20.99 -17.43 32.10
CA THR D 478 -19.93 -17.61 33.08
C THR D 478 -18.61 -18.03 32.45
N SER D 479 -18.63 -18.64 31.26
CA SER D 479 -17.38 -18.94 30.58
C SER D 479 -16.76 -17.67 30.01
N PHE D 480 -17.59 -16.77 29.48
CA PHE D 480 -17.09 -15.45 29.12
C PHE D 480 -16.47 -14.74 30.32
N ALA D 481 -17.12 -14.81 31.48
CA ALA D 481 -16.58 -14.15 32.67
C ALA D 481 -15.28 -14.78 33.15
N THR D 482 -15.08 -16.08 32.89
CA THR D 482 -13.89 -16.79 33.36
C THR D 482 -12.72 -16.67 32.39
N ASN D 483 -12.96 -16.88 31.10
CA ASN D 483 -11.86 -16.94 30.14
C ASN D 483 -11.89 -15.83 29.10
N SER D 484 -12.82 -14.88 29.21
CA SER D 484 -13.00 -13.84 28.19
C SER D 484 -13.34 -14.43 26.82
N ASP D 485 -13.89 -15.66 26.83
CA ASP D 485 -14.27 -16.41 25.63
C ASP D 485 -15.47 -17.28 26.00
N PRO D 486 -16.61 -17.10 25.33
CA PRO D 486 -17.84 -17.79 25.74
C PRO D 486 -17.92 -19.24 25.28
N ASN D 487 -16.89 -19.76 24.61
CA ASN D 487 -16.88 -21.17 24.26
C ASN D 487 -16.77 -22.02 25.52
N CYS D 488 -17.58 -23.07 25.59
CA CYS D 488 -17.66 -23.88 26.79
C CYS D 488 -17.96 -25.32 26.36
N ASP D 489 -18.30 -26.15 27.35
CA ASP D 489 -18.68 -27.53 27.04
C ASP D 489 -19.96 -27.58 26.22
N SER D 490 -20.88 -26.65 26.44
CA SER D 490 -22.15 -26.64 25.73
C SER D 490 -21.99 -26.35 24.24
N THR D 491 -20.88 -25.73 23.84
CA THR D 491 -20.63 -25.37 22.44
C THR D 491 -19.47 -26.16 21.85
N ALA D 492 -19.13 -27.30 22.44
CA ALA D 492 -17.88 -27.99 22.12
C ALA D 492 -17.86 -28.48 20.67
N SER D 493 -18.95 -29.08 20.20
CA SER D 493 -19.00 -29.54 18.81
C SER D 493 -18.90 -28.37 17.83
N LEU D 494 -19.40 -27.20 18.22
CA LEU D 494 -19.49 -26.05 17.34
C LEU D 494 -18.23 -25.20 17.40
N SER D 495 -18.16 -24.21 16.52
CA SER D 495 -17.03 -23.28 16.46
C SER D 495 -17.62 -21.86 16.50
N TRP D 496 -17.80 -21.34 17.70
CA TRP D 496 -18.32 -19.99 17.90
C TRP D 496 -17.18 -19.00 17.77
N THR D 497 -17.20 -18.20 16.71
CA THR D 497 -16.10 -17.30 16.41
C THR D 497 -16.47 -15.87 16.74
N ALA D 498 -15.46 -15.10 17.15
CA ALA D 498 -15.60 -13.67 17.39
C ALA D 498 -16.00 -12.96 16.10
N VAL D 499 -16.62 -11.80 16.26
CA VAL D 499 -17.02 -10.97 15.13
C VAL D 499 -15.80 -10.64 14.29
N PRO D 500 -15.74 -11.07 13.02
CA PRO D 500 -14.62 -10.76 12.13
C PRO D 500 -14.57 -9.29 11.78
N THR D 502 -14.65 -8.11 9.01
CA THR D 502 -15.26 -7.99 7.70
C THR D 502 -16.72 -7.49 7.75
N ALA D 503 -17.07 -6.72 8.81
CA ALA D 503 -18.16 -5.76 8.71
C ALA D 503 -19.52 -6.49 8.60
N PRO D 504 -20.61 -5.90 8.05
CA PRO D 504 -21.99 -6.47 8.22
C PRO D 504 -22.11 -7.98 8.42
N PRO D 505 -21.60 -8.85 7.51
CA PRO D 505 -21.88 -10.28 7.73
C PRO D 505 -21.12 -10.84 8.94
N TYR D 506 -21.83 -11.26 9.99
CA TYR D 506 -21.18 -11.88 11.15
C TYR D 506 -22.04 -13.03 11.67
N ASN D 507 -21.39 -13.91 12.42
CA ASN D 507 -22.07 -15.08 12.97
C ASN D 507 -22.48 -14.81 14.42
N CYS D 508 -23.44 -15.61 14.89
CA CYS D 508 -23.85 -15.63 16.29
C CYS D 508 -23.91 -17.07 16.76
N LEU D 509 -24.08 -17.25 18.06
CA LEU D 509 -24.47 -18.53 18.59
C LEU D 509 -25.94 -18.45 18.96
N ASN D 510 -26.76 -19.29 18.33
CA ASN D 510 -28.21 -19.25 18.48
C ASN D 510 -28.65 -20.32 19.48
N ILE D 511 -29.30 -19.89 20.55
CA ILE D 511 -29.76 -20.78 21.60
C ILE D 511 -31.26 -21.00 21.42
N SER D 512 -31.63 -22.17 20.92
CA SER D 512 -33.01 -22.52 20.62
C SER D 512 -33.45 -23.68 21.52
N ASN D 513 -34.68 -24.14 21.29
CA ASN D 513 -35.20 -25.28 22.05
C ASN D 513 -34.37 -26.53 21.81
N ASP D 514 -33.91 -26.74 20.56
CA ASP D 514 -33.13 -27.93 20.22
C ASP D 514 -31.75 -27.90 20.87
N GLY D 515 -31.13 -26.72 20.93
CA GLY D 515 -29.80 -26.60 21.48
C GLY D 515 -29.08 -25.38 20.96
N VAL D 516 -27.78 -25.53 20.71
CA VAL D 516 -26.93 -24.43 20.29
C VAL D 516 -26.44 -24.69 18.88
N GLU D 517 -26.13 -23.62 18.17
CA GLU D 517 -25.69 -23.69 16.77
C GLU D 517 -25.12 -22.34 16.39
N VAL D 518 -24.10 -22.36 15.53
CA VAL D 518 -23.38 -21.16 15.12
C VAL D 518 -23.77 -20.85 13.68
N VAL D 519 -24.66 -19.87 13.50
CA VAL D 519 -25.12 -19.47 12.18
C VAL D 519 -24.94 -17.96 11.99
N GLU D 520 -24.90 -17.56 10.72
CA GLU D 520 -25.03 -16.15 10.39
C GLU D 520 -26.29 -15.61 11.04
N LEU D 521 -26.21 -14.39 11.58
CA LEU D 521 -27.32 -13.83 12.32
C LEU D 521 -28.61 -13.94 11.51
N PRO D 522 -29.65 -14.59 12.04
CA PRO D 522 -30.90 -14.72 11.27
C PRO D 522 -31.51 -13.40 10.83
N GLU D 523 -31.30 -12.31 11.59
CA GLU D 523 -31.83 -11.00 11.23
C GLU D 523 -30.97 -10.28 10.20
N SER D 524 -30.01 -10.97 9.57
CA SER D 524 -29.00 -10.32 8.76
C SER D 524 -29.63 -9.58 7.57
N ARG D 525 -30.56 -10.25 6.88
CA ARG D 525 -31.17 -9.63 5.72
C ARG D 525 -32.02 -8.44 6.11
N ARG D 526 -32.77 -8.54 7.21
CA ARG D 526 -33.57 -7.42 7.68
C ARG D 526 -32.70 -6.21 8.00
N LEU D 527 -31.57 -6.43 8.68
CA LEU D 527 -30.70 -5.34 9.12
C LEU D 527 -29.96 -4.69 7.96
N GLN D 528 -29.74 -5.42 6.86
CA GLN D 528 -29.18 -4.81 5.66
C GLN D 528 -30.00 -3.60 5.23
N LEU D 529 -31.32 -3.73 5.27
CA LEU D 529 -32.17 -2.64 4.80
C LEU D 529 -32.18 -1.50 5.81
N TRP D 530 -32.14 -1.83 7.10
CA TRP D 530 -32.08 -0.80 8.13
C TRP D 530 -30.78 -0.01 8.04
N ASP D 531 -29.67 -0.67 7.73
CA ASP D 531 -28.42 0.03 7.47
C ASP D 531 -28.58 1.04 6.33
N SER D 532 -29.36 0.69 5.31
CA SER D 532 -29.54 1.59 4.18
C SER D 532 -30.24 2.89 4.56
N PHE D 533 -31.01 2.90 5.67
CA PHE D 533 -31.72 4.11 6.07
C PHE D 533 -30.77 5.23 6.47
N TYR D 534 -29.52 4.90 6.77
CA TYR D 534 -28.56 5.88 7.26
C TYR D 534 -27.77 6.49 6.08
N VAL D 535 -28.52 7.09 5.14
CA VAL D 535 -27.90 7.67 3.95
C VAL D 535 -27.23 9.00 4.28
N ASN D 536 -27.75 9.76 5.24
CA ASN D 536 -27.22 11.07 5.57
C ASN D 536 -26.92 11.20 7.06
N ASP D 537 -26.93 10.09 7.80
CA ASP D 537 -26.52 10.04 9.19
C ASP D 537 -25.49 8.94 9.35
N ALA D 538 -24.60 9.11 10.34
CA ALA D 538 -23.54 8.14 10.53
C ALA D 538 -24.08 6.87 11.18
N LEU D 539 -23.80 5.72 10.54
CA LEU D 539 -24.21 4.44 11.11
C LEU D 539 -23.51 4.17 12.43
N PHE D 540 -22.20 4.41 12.49
CA PHE D 540 -21.40 4.24 13.70
C PHE D 540 -20.19 5.17 13.67
#